data_8ZRP
#
_entry.id   8ZRP
#
_cell.length_a   1.00
_cell.length_b   1.00
_cell.length_c   1.00
_cell.angle_alpha   90.00
_cell.angle_beta   90.00
_cell.angle_gamma   90.00
#
_symmetry.space_group_name_H-M   'P 1'
#
loop_
_entity.id
_entity.type
_entity.pdbx_description
1 polymer 'Neuronal acetylcholine receptor subunit alpha-6'
2 polymer 'Neuronal acetylcholine receptor subunit beta-4,Soluble cytochrome b562'
3 branched beta-D-mannopyranose-(1-4)-2-acetamido-2-deoxy-beta-D-glucopyranose-(1-4)-2-acetamido-2-deoxy-beta-D-glucopyranose
4 non-polymer (S)-3-(1-METHYLPYRROLIDIN-2-YL)PYRIDINE
5 water water
#
loop_
_entity_poly.entity_id
_entity_poly.type
_entity_poly.pdbx_seq_one_letter_code
_entity_poly.pdbx_strand_id
1 'polypeptide(L)'
;MLTSKGQGFLHGGLCLWLCVFTPFFKGCVGCATEERLFHKLFSHYNQFIRPVENVSDPVTVHFEVAITQLANVDEVNQIM
ETNLWLRHIWNDYKLRWDPMEYDGIETLRVPADKIWKPDIVLYNNAVGDFQVEGKTKALLKYNGMITWTPPAIFKSSCPM
DITFFPFDHQNCSLKFGSWTYDKAEIDLLIIGSKVDMNDFWENSEWEIIDASGYKHDIKYNCCEEIYTDITYSFYIRRLP
MFYTINLIIPCLFISFLTVLVFYLPSDCGEKVTLCISVLLSLTVFLLVITETIPSTSLVVPLVGEYLLFTMIFVTLSIVV
TVFVLNIHYRTPTTHTMPRWVKTVFLKLLPQVLLMRWPLDKTRGTGSDAVPRGLGSGSLEVLFQGPGGSGSGSLEVLFQG
PGGSLQWVVENSEHSPELADILNEVQYIANRFRSQNETKEVEDDWKYVAMVVDRVFLWVFIIVCVFGTAGLFLQPLLGNT
GKSSASASASASAHHHHHHHH
;
A,C
2 'polypeptide(L)'
;MRRAPSLVLFFLVALCGRGNCRVANAEEKLMDDLLNKTRYNNLIRPATSSSQLISIKLQLSLAQLISVNEREQIMTTNVW
LKQEWTDYRLTWNSSRYEGVNILRIPAKRIWLPDIVLYNNADGTYEVSVYTNLIVRSNGSVLWLPPAIYKSACKIEVKYF
PFDQQNCTLKFRSWTYDHTEIDMVLMTPTASMDDFTPSGEWDIVALPGRRTVNPQDPSYVDVTYDFIIKRKPLFYTINLI
IPCVLTTLLAILVFYLPSDCGEKMTLCISVLLALTFFLLLISKIVPPTSLDVPLIGKYLMFTMVLVTFSIVTSVCVLNVH
HRSPSTHTMAPWVKRCFLHKLPTFLFMKRPGPDSSPARAFGSGSLEVLFQGPGGSADLEDNWETLNDNLKVIEKADNAAQ
VKDALTKMRAAALDAQKATPPKLEDKSPDSPEMKDFRHGFDILVGQIDDALKLANEGKVKEAQAAAEQLKTTRNAYIQKY
LGSGSLEVLFQGPGGSPAGSTPVAIPRDFWLRSSGRFRPDLAEILEEVSYIANRFRNQDEDQSVVEDWKYVAMVVDRLFL
WVFMFVCVLGTVGLFLPPLFQTHAASEGPYAAQRDSASASASASAWSHPQFEKGGGSGGGSGGSAWSHPQFEK
;
B,D,E
#
# COMPACT_ATOMS: atom_id res chain seq x y z
N ALA A 32 38.32 15.53 46.51
CA ALA A 32 38.44 16.97 46.45
C ALA A 32 37.28 17.65 47.17
N THR A 33 37.25 18.98 47.12
CA THR A 33 36.17 19.72 47.78
C THR A 33 34.83 19.47 47.10
N GLU A 34 34.83 19.26 45.78
CA GLU A 34 33.57 19.00 45.08
C GLU A 34 32.92 17.72 45.57
N GLU A 35 33.71 16.66 45.78
CA GLU A 35 33.15 15.41 46.27
C GLU A 35 32.56 15.56 47.67
N ARG A 36 33.27 16.26 48.55
CA ARG A 36 32.76 16.49 49.90
C ARG A 36 31.48 17.31 49.86
N LEU A 37 31.44 18.36 49.02
CA LEU A 37 30.24 19.16 48.89
C LEU A 37 29.07 18.33 48.39
N PHE A 38 29.30 17.49 47.38
CA PHE A 38 28.25 16.64 46.85
C PHE A 38 27.73 15.67 47.91
N HIS A 39 28.65 15.05 48.65
CA HIS A 39 28.26 14.09 49.67
C HIS A 39 27.45 14.75 50.78
N LYS A 40 27.90 15.91 51.25
CA LYS A 40 27.16 16.61 52.30
C LYS A 40 25.80 17.09 51.80
N LEU A 41 25.74 17.58 50.55
CA LEU A 41 24.48 18.08 50.02
C LEU A 41 23.45 16.98 49.86
N PHE A 42 23.86 15.81 49.34
CA PHE A 42 22.91 14.76 49.01
C PHE A 42 22.97 13.58 49.99
N SER A 43 23.56 13.77 51.17
CA SER A 43 23.52 12.73 52.18
C SER A 43 22.14 12.62 52.80
N HIS A 44 21.50 13.75 53.09
CA HIS A 44 20.15 13.79 53.67
C HIS A 44 19.26 14.60 52.73
N TYR A 45 18.50 13.91 51.89
CA TYR A 45 17.56 14.58 50.99
C TYR A 45 16.36 13.69 50.78
N ASN A 46 15.17 14.22 51.10
CA ASN A 46 13.91 13.53 50.85
C ASN A 46 13.38 14.00 49.50
N GLN A 47 13.39 13.10 48.51
CA GLN A 47 12.97 13.46 47.16
C GLN A 47 11.46 13.43 46.98
N PHE A 48 10.70 13.12 48.03
CA PHE A 48 9.24 13.11 47.96
C PHE A 48 8.59 14.30 48.64
N ILE A 49 9.36 15.13 49.32
CA ILE A 49 8.82 16.29 50.03
C ILE A 49 8.86 17.51 49.12
N ARG A 50 7.81 18.33 49.19
CA ARG A 50 7.80 19.57 48.42
C ARG A 50 8.91 20.50 48.92
N PRO A 51 9.66 21.14 48.00
CA PRO A 51 10.83 21.93 48.42
C PRO A 51 10.48 23.27 49.05
N VAL A 52 9.25 23.42 49.54
CA VAL A 52 8.88 24.61 50.29
C VAL A 52 9.22 24.40 51.76
N GLU A 53 9.51 25.51 52.46
CA GLU A 53 9.80 25.45 53.88
C GLU A 53 8.58 25.63 54.77
N ASN A 54 7.53 26.27 54.27
CA ASN A 54 6.27 26.43 54.98
C ASN A 54 5.19 25.67 54.22
N VAL A 55 4.48 24.78 54.91
CA VAL A 55 3.54 23.89 54.24
C VAL A 55 2.44 24.67 53.53
N SER A 56 2.10 25.85 54.04
CA SER A 56 1.11 26.71 53.39
C SER A 56 1.81 27.80 52.59
N ASP A 57 2.39 27.38 51.46
CA ASP A 57 3.10 28.28 50.58
C ASP A 57 3.30 27.63 49.21
N PRO A 58 3.00 28.33 48.13
CA PRO A 58 3.20 27.75 46.79
C PRO A 58 4.65 27.78 46.37
N VAL A 59 5.01 26.79 45.55
CA VAL A 59 6.36 26.68 44.99
C VAL A 59 6.29 27.23 43.57
N THR A 60 6.81 28.44 43.36
CA THR A 60 6.78 29.06 42.04
C THR A 60 7.59 28.22 41.06
N VAL A 61 7.00 27.95 39.90
CA VAL A 61 7.64 27.17 38.85
C VAL A 61 7.47 27.92 37.54
N HIS A 62 8.58 28.25 36.90
CA HIS A 62 8.56 28.91 35.61
C HIS A 62 8.59 27.87 34.49
N PHE A 63 7.93 28.18 33.39
CA PHE A 63 7.81 27.26 32.26
C PHE A 63 8.13 28.01 30.97
N GLU A 64 8.74 27.29 30.03
CA GLU A 64 9.12 27.86 28.75
C GLU A 64 9.29 26.74 27.75
N VAL A 65 8.91 27.00 26.50
CA VAL A 65 8.89 26.00 25.45
C VAL A 65 9.71 26.51 24.26
N ALA A 66 10.60 25.66 23.76
CA ALA A 66 11.38 25.95 22.56
C ALA A 66 11.24 24.79 21.59
N ILE A 67 10.96 25.10 20.33
CA ILE A 67 10.72 24.08 19.30
C ILE A 67 11.96 23.96 18.43
N THR A 68 12.20 22.74 17.94
CA THR A 68 13.33 22.47 17.05
C THR A 68 12.91 22.17 15.63
N GLN A 69 11.91 21.32 15.43
CA GLN A 69 11.43 21.01 14.08
C GLN A 69 9.96 20.62 14.16
N LEU A 70 9.31 20.66 13.00
CA LEU A 70 7.90 20.33 12.85
C LEU A 70 7.82 19.08 11.99
N ALA A 71 7.91 17.91 12.64
CA ALA A 71 7.98 16.63 11.94
C ALA A 71 6.57 16.11 11.72
N ASN A 72 6.08 16.22 10.48
CA ASN A 72 4.82 15.63 10.05
C ASN A 72 3.60 16.37 10.60
N VAL A 73 2.60 16.58 9.76
CA VAL A 73 1.30 17.10 10.17
C VAL A 73 0.27 16.20 9.49
N ASP A 74 -0.19 15.19 10.23
CA ASP A 74 -1.11 14.21 9.67
C ASP A 74 -2.51 14.80 9.53
N GLU A 75 -3.12 14.62 8.36
CA GLU A 75 -4.45 15.16 8.09
C GLU A 75 -5.55 14.12 8.22
N VAL A 76 -5.35 12.93 7.65
CA VAL A 76 -6.37 11.89 7.72
C VAL A 76 -6.57 11.42 9.15
N ASN A 77 -5.48 11.27 9.91
CA ASN A 77 -5.56 10.84 11.30
C ASN A 77 -5.68 11.99 12.28
N GLN A 78 -5.44 13.23 11.83
CA GLN A 78 -5.53 14.42 12.67
C GLN A 78 -4.58 14.32 13.88
N ILE A 79 -3.29 14.23 13.57
CA ILE A 79 -2.25 14.11 14.59
C ILE A 79 -1.09 15.02 14.22
N MET A 80 -0.58 15.76 15.20
CA MET A 80 0.55 16.66 15.03
C MET A 80 1.73 16.14 15.85
N GLU A 81 2.90 16.10 15.24
CA GLU A 81 4.11 15.62 15.90
C GLU A 81 5.18 16.70 15.88
N THR A 82 5.76 16.99 17.03
CA THR A 82 6.76 18.04 17.17
C THR A 82 7.85 17.60 18.14
N ASN A 83 9.02 18.23 18.01
CA ASN A 83 10.13 18.05 18.93
C ASN A 83 10.36 19.36 19.67
N LEU A 84 10.43 19.30 20.99
CA LEU A 84 10.43 20.50 21.83
C LEU A 84 11.56 20.41 22.85
N TRP A 85 11.79 21.54 23.52
CA TRP A 85 12.76 21.65 24.62
C TRP A 85 12.07 22.34 25.79
N LEU A 86 11.41 21.55 26.63
CA LEU A 86 10.77 22.08 27.81
C LEU A 86 11.82 22.63 28.78
N ARG A 87 11.45 23.70 29.49
CA ARG A 87 12.37 24.41 30.38
C ARG A 87 11.69 24.68 31.71
N HIS A 88 11.97 23.83 32.70
CA HIS A 88 11.49 24.03 34.06
C HIS A 88 12.60 24.67 34.89
N ILE A 89 12.30 25.81 35.50
CA ILE A 89 13.23 26.49 36.40
C ILE A 89 12.44 26.95 37.63
N TRP A 90 12.89 26.53 38.81
CA TRP A 90 12.24 26.90 40.06
C TRP A 90 13.34 27.13 41.10
N ASN A 91 12.93 27.21 42.37
CA ASN A 91 13.84 27.48 43.46
C ASN A 91 13.63 26.48 44.58
N ASP A 92 14.73 25.95 45.12
CA ASP A 92 14.70 25.06 46.28
C ASP A 92 14.98 25.88 47.54
N TYR A 93 15.06 25.18 48.68
CA TYR A 93 15.39 25.83 49.94
C TYR A 93 16.47 25.12 50.74
N LYS A 94 16.72 23.84 50.52
CA LYS A 94 17.70 23.10 51.31
C LYS A 94 18.95 22.72 50.53
N LEU A 95 18.92 22.80 49.21
CA LEU A 95 20.11 22.53 48.39
C LEU A 95 20.79 23.85 48.05
N ARG A 96 21.31 24.49 49.09
CA ARG A 96 21.98 25.78 48.95
C ARG A 96 23.26 25.78 49.78
N TRP A 97 24.23 26.58 49.33
CA TRP A 97 25.51 26.69 50.01
C TRP A 97 26.13 28.03 49.62
N ASP A 98 27.22 28.38 50.31
CA ASP A 98 27.90 29.65 50.09
C ASP A 98 29.26 29.43 49.48
N PRO A 99 29.61 30.14 48.39
CA PRO A 99 30.90 29.94 47.71
C PRO A 99 32.04 30.78 48.29
N MET A 100 32.19 30.73 49.61
CA MET A 100 33.37 31.29 50.27
C MET A 100 34.15 30.27 51.07
N GLU A 101 33.68 29.03 51.16
CA GLU A 101 34.37 27.96 51.86
C GLU A 101 34.94 26.92 50.90
N TYR A 102 34.14 26.48 49.92
CA TYR A 102 34.56 25.44 48.99
C TYR A 102 35.19 26.01 47.73
N ASP A 103 36.22 26.84 47.91
CA ASP A 103 37.01 27.39 46.81
C ASP A 103 36.15 28.15 45.80
N GLY A 104 35.03 28.69 46.24
CA GLY A 104 34.17 29.46 45.37
C GLY A 104 33.51 28.67 44.26
N ILE A 105 33.00 27.48 44.54
CA ILE A 105 32.24 26.71 43.57
C ILE A 105 30.82 27.26 43.53
N GLU A 106 30.38 27.68 42.35
CA GLU A 106 29.09 28.34 42.19
C GLU A 106 28.08 27.51 41.43
N THR A 107 28.45 26.35 40.90
CA THR A 107 27.54 25.55 40.09
C THR A 107 27.83 24.07 40.31
N LEU A 108 26.82 23.25 40.08
CA LEU A 108 26.93 21.81 40.24
C LEU A 108 25.96 21.13 39.30
N ARG A 109 26.23 19.85 39.01
CA ARG A 109 25.36 19.05 38.11
C ARG A 109 25.06 17.72 38.79
N VAL A 110 23.78 17.36 38.96
CA VAL A 110 23.34 16.15 39.63
C VAL A 110 22.26 15.49 38.77
N PRO A 111 22.23 14.17 38.66
CA PRO A 111 21.16 13.52 37.88
C PRO A 111 19.78 13.84 38.45
N ALA A 112 18.81 13.94 37.55
CA ALA A 112 17.46 14.32 37.93
C ALA A 112 16.72 13.26 38.73
N ASP A 113 17.28 12.06 38.83
CA ASP A 113 16.60 10.97 39.55
C ASP A 113 16.71 11.10 41.07
N LYS A 114 17.49 12.06 41.57
CA LYS A 114 17.70 12.20 43.00
C LYS A 114 17.22 13.55 43.54
N ILE A 115 16.36 14.24 42.81
CA ILE A 115 15.83 15.53 43.24
C ILE A 115 14.33 15.57 42.98
N TRP A 116 13.67 16.54 43.61
CA TRP A 116 12.24 16.73 43.44
C TRP A 116 11.98 17.55 42.17
N LYS A 117 11.15 17.02 41.29
CA LYS A 117 10.81 17.69 40.04
C LYS A 117 9.29 17.75 39.89
N PRO A 118 8.72 18.90 39.54
CA PRO A 118 7.28 18.97 39.35
C PRO A 118 6.83 18.16 38.14
N ASP A 119 5.57 17.72 38.18
CA ASP A 119 5.00 16.88 37.15
C ASP A 119 4.19 17.77 36.18
N ILE A 120 4.72 17.95 34.98
CA ILE A 120 4.05 18.68 33.92
C ILE A 120 3.80 17.72 32.77
N VAL A 121 2.53 17.54 32.40
CA VAL A 121 2.13 16.56 31.41
C VAL A 121 1.32 17.24 30.32
N LEU A 122 1.23 16.57 29.17
CA LEU A 122 0.45 17.05 28.04
C LEU A 122 -0.96 16.48 28.14
N TYR A 123 -1.95 17.37 28.29
CA TYR A 123 -3.32 16.93 28.53
C TYR A 123 -3.92 16.23 27.32
N ASN A 124 -3.60 16.67 26.11
CA ASN A 124 -4.24 16.19 24.89
C ASN A 124 -3.35 15.24 24.11
N ASN A 125 -2.62 14.38 24.82
CA ASN A 125 -1.80 13.37 24.15
C ASN A 125 -2.67 12.46 23.31
N ALA A 126 -2.22 12.18 22.09
CA ALA A 126 -3.00 11.36 21.15
C ALA A 126 -2.66 9.89 21.29
N VAL A 127 -1.36 9.55 21.23
CA VAL A 127 -0.90 8.17 21.36
C VAL A 127 0.28 8.13 22.31
N GLY A 128 0.46 6.98 22.94
CA GLY A 128 1.59 6.76 23.81
C GLY A 128 1.31 7.09 25.26
N ASP A 129 2.39 7.28 26.00
CA ASP A 129 2.36 7.58 27.43
C ASP A 129 2.62 9.07 27.66
N PHE A 130 2.67 9.44 28.94
CA PHE A 130 2.82 10.84 29.32
C PHE A 130 4.18 11.18 29.92
N GLN A 131 4.96 10.18 30.33
CA GLN A 131 6.30 10.45 30.83
C GLN A 131 7.18 11.00 29.71
N VAL A 132 8.02 11.97 30.05
CA VAL A 132 8.78 12.74 29.07
C VAL A 132 10.28 12.43 29.12
N GLU A 133 10.90 12.60 30.29
CA GLU A 133 12.36 12.54 30.37
C GLU A 133 12.83 12.39 31.82
N GLY A 134 14.11 12.64 32.06
CA GLY A 134 14.69 12.48 33.39
C GLY A 134 16.15 12.07 33.35
N LYS A 135 16.65 11.75 32.16
CA LYS A 135 18.06 11.44 32.01
C LYS A 135 18.93 12.69 32.17
N THR A 136 18.52 13.79 31.55
CA THR A 136 19.32 15.02 31.58
C THR A 136 19.46 15.53 33.01
N LYS A 137 20.69 15.90 33.37
CA LYS A 137 20.98 16.35 34.72
C LYS A 137 20.61 17.81 34.90
N ALA A 138 20.14 18.14 36.11
CA ALA A 138 19.77 19.50 36.44
C ALA A 138 21.01 20.32 36.81
N LEU A 139 20.85 21.64 36.77
CA LEU A 139 21.92 22.58 37.06
C LEU A 139 21.53 23.42 38.26
N LEU A 140 22.30 23.31 39.35
CA LEU A 140 22.04 24.03 40.58
C LEU A 140 22.82 25.34 40.61
N LYS A 141 22.78 26.00 41.76
CA LYS A 141 23.52 27.23 42.01
C LYS A 141 23.68 27.38 43.51
N TYR A 142 24.50 28.35 43.92
CA TYR A 142 24.66 28.62 45.34
C TYR A 142 23.39 29.19 45.97
N ASN A 143 22.42 29.63 45.16
CA ASN A 143 21.14 30.08 45.67
C ASN A 143 20.12 28.96 45.80
N GLY A 144 20.31 27.86 45.07
CA GLY A 144 19.36 26.77 45.05
C GLY A 144 18.45 26.71 43.86
N MET A 145 18.72 27.49 42.82
CA MET A 145 17.87 27.55 41.63
C MET A 145 18.24 26.40 40.69
N ILE A 146 17.24 25.62 40.28
CA ILE A 146 17.42 24.51 39.35
C ILE A 146 16.97 24.95 37.98
N THR A 147 17.68 24.51 36.94
CA THR A 147 17.45 24.92 35.56
C THR A 147 17.30 23.71 34.66
N TRP A 148 16.42 22.79 35.07
CA TRP A 148 16.18 21.58 34.28
C TRP A 148 15.67 21.93 32.89
N THR A 149 16.10 21.16 31.89
CA THR A 149 15.73 21.39 30.50
C THR A 149 15.78 20.07 29.74
N PRO A 150 14.71 19.29 29.79
CA PRO A 150 14.71 17.97 29.17
C PRO A 150 14.18 18.03 27.75
N PRO A 151 14.71 17.21 26.84
CA PRO A 151 14.13 17.10 25.51
C PRO A 151 12.83 16.29 25.55
N ALA A 152 11.99 16.51 24.55
CA ALA A 152 10.72 15.80 24.50
C ALA A 152 10.24 15.71 23.05
N ILE A 153 9.45 14.68 22.77
CA ILE A 153 8.78 14.50 21.49
C ILE A 153 7.34 14.13 21.78
N PHE A 154 6.39 14.88 21.20
CA PHE A 154 4.99 14.75 21.51
C PHE A 154 4.17 14.51 20.25
N LYS A 155 3.12 13.71 20.41
CA LYS A 155 2.15 13.43 19.35
C LYS A 155 0.78 13.85 19.86
N SER A 156 0.39 15.08 19.58
CA SER A 156 -0.86 15.64 20.06
C SER A 156 -1.94 15.53 19.00
N SER A 157 -3.18 15.76 19.43
CA SER A 157 -4.35 15.70 18.56
C SER A 157 -4.77 17.10 18.15
N CYS A 158 -5.29 17.21 16.93
CA CYS A 158 -5.67 18.50 16.39
C CYS A 158 -6.81 18.37 15.38
N PRO A 159 -8.03 18.76 15.74
CA PRO A 159 -9.11 18.78 14.74
C PRO A 159 -8.81 19.78 13.63
N MET A 160 -9.26 19.45 12.43
CA MET A 160 -8.92 20.21 11.24
C MET A 160 -10.17 20.56 10.45
N ASP A 161 -10.12 21.70 9.77
CA ASP A 161 -11.17 22.15 8.88
C ASP A 161 -10.65 22.10 7.45
N ILE A 162 -11.44 21.54 6.54
CA ILE A 162 -10.97 21.24 5.20
C ILE A 162 -11.88 22.02 4.24
N THR A 163 -12.34 23.18 4.68
CA THR A 163 -13.19 24.02 3.84
C THR A 163 -12.50 24.38 2.53
N PHE A 164 -11.40 25.12 2.61
CA PHE A 164 -10.58 25.45 1.46
C PHE A 164 -9.33 24.57 1.54
N PHE A 165 -9.44 23.35 1.02
CA PHE A 165 -8.37 22.37 1.23
C PHE A 165 -7.02 22.78 0.63
N PRO A 166 -6.92 23.17 -0.64
CA PRO A 166 -5.58 23.55 -1.16
C PRO A 166 -4.98 24.75 -0.47
N PHE A 167 -5.80 25.71 -0.03
CA PHE A 167 -5.34 26.95 0.59
C PHE A 167 -6.03 27.06 1.95
N ASP A 168 -5.41 26.51 2.99
CA ASP A 168 -6.03 26.43 4.30
C ASP A 168 -5.06 26.89 5.38
N HIS A 169 -5.63 27.33 6.50
CA HIS A 169 -4.89 27.66 7.71
C HIS A 169 -5.35 26.73 8.82
N GLN A 170 -4.40 26.15 9.55
CA GLN A 170 -4.71 25.23 10.63
C GLN A 170 -4.28 25.81 11.96
N ASN A 171 -5.06 25.52 12.99
CA ASN A 171 -4.81 25.99 14.35
C ASN A 171 -4.63 24.78 15.26
N CYS A 172 -3.40 24.56 15.71
CA CYS A 172 -3.07 23.42 16.56
C CYS A 172 -2.43 23.93 17.84
N SER A 173 -2.82 23.33 18.97
CA SER A 173 -2.41 23.81 20.28
C SER A 173 -1.98 22.64 21.16
N LEU A 174 -1.12 22.94 22.13
CA LEU A 174 -0.65 22.00 23.14
C LEU A 174 -1.07 22.50 24.51
N LYS A 175 -1.52 21.59 25.37
CA LYS A 175 -2.01 21.92 26.70
C LYS A 175 -1.09 21.29 27.74
N PHE A 176 -0.56 22.13 28.63
CA PHE A 176 0.34 21.69 29.69
C PHE A 176 -0.25 22.05 31.05
N GLY A 177 0.05 21.23 32.05
CA GLY A 177 -0.42 21.52 33.39
C GLY A 177 0.01 20.43 34.35
N SER A 178 -0.15 20.72 35.64
CA SER A 178 0.17 19.77 36.69
C SER A 178 -1.01 18.82 36.90
N TRP A 179 -0.69 17.54 37.10
CA TRP A 179 -1.71 16.50 37.20
C TRP A 179 -2.15 16.22 38.63
N THR A 180 -1.37 16.63 39.63
CA THR A 180 -1.69 16.28 41.01
C THR A 180 -1.78 17.50 41.90
N TYR A 181 -0.89 18.46 41.69
CA TYR A 181 -0.84 19.62 42.61
C TYR A 181 -1.77 20.71 42.09
N ASP A 182 -2.49 21.38 42.99
CA ASP A 182 -3.44 22.43 42.57
C ASP A 182 -2.77 23.80 42.69
N LYS A 183 -3.57 24.86 42.70
CA LYS A 183 -3.00 26.20 42.74
C LYS A 183 -2.45 26.58 44.12
N ALA A 184 -2.71 25.78 45.15
CA ALA A 184 -2.20 26.09 46.48
C ALA A 184 -0.85 25.44 46.77
N GLU A 185 -0.32 24.65 45.84
CA GLU A 185 1.03 24.05 46.02
C GLU A 185 1.95 24.47 44.88
N ILE A 186 1.51 24.31 43.63
CA ILE A 186 2.33 24.64 42.46
C ILE A 186 1.54 25.60 41.60
N ASP A 187 2.07 26.81 41.41
CA ASP A 187 1.47 27.82 40.55
C ASP A 187 2.39 28.05 39.36
N LEU A 188 1.94 27.66 38.18
CA LEU A 188 2.75 27.82 36.98
C LEU A 188 2.88 29.29 36.61
N LEU A 189 4.04 29.66 36.07
CA LEU A 189 4.29 30.99 35.53
C LEU A 189 4.90 30.85 34.15
N ILE A 190 4.45 31.68 33.22
CA ILE A 190 4.90 31.62 31.84
C ILE A 190 6.00 32.64 31.63
N ILE A 191 7.04 32.25 30.89
CA ILE A 191 8.17 33.12 30.57
C ILE A 191 7.95 33.69 29.18
N GLY A 192 7.84 35.01 29.09
CA GLY A 192 7.55 35.61 27.81
C GLY A 192 6.14 35.28 27.36
N SER A 193 5.92 35.32 26.05
CA SER A 193 4.64 34.95 25.49
C SER A 193 4.72 34.14 24.20
N LYS A 194 5.92 33.78 23.74
CA LYS A 194 6.07 33.10 22.46
C LYS A 194 7.05 31.94 22.59
N VAL A 195 6.86 30.94 21.73
CA VAL A 195 7.78 29.81 21.65
C VAL A 195 9.09 30.27 21.04
N ASP A 196 10.21 29.90 21.65
CA ASP A 196 11.52 30.28 21.13
C ASP A 196 11.79 29.55 19.82
N MET A 197 12.21 30.30 18.80
CA MET A 197 12.46 29.76 17.47
C MET A 197 13.91 29.99 17.04
N ASN A 198 14.82 30.11 18.00
CA ASN A 198 16.22 30.34 17.68
C ASN A 198 16.81 29.16 16.90
N ASP A 199 16.49 27.94 17.31
CA ASP A 199 16.96 26.73 16.63
C ASP A 199 15.74 26.02 16.05
N PHE A 200 15.38 26.41 14.82
CA PHE A 200 14.24 25.83 14.13
C PHE A 200 14.65 25.43 12.72
N TRP A 201 14.31 24.20 12.34
CA TRP A 201 14.53 23.70 10.99
C TRP A 201 13.26 23.88 10.19
N GLU A 202 13.32 24.73 9.15
CA GLU A 202 12.12 25.09 8.41
C GLU A 202 11.52 23.89 7.70
N ASN A 203 10.20 23.79 7.75
CA ASN A 203 9.47 22.72 7.07
C ASN A 203 9.20 23.14 5.63
N SER A 204 9.33 22.17 4.72
CA SER A 204 9.18 22.47 3.29
C SER A 204 7.74 22.75 2.91
N GLU A 205 6.78 22.13 3.60
CA GLU A 205 5.37 22.25 3.25
C GLU A 205 4.61 23.29 4.07
N TRP A 206 4.90 23.41 5.36
CA TRP A 206 4.14 24.27 6.25
C TRP A 206 5.00 25.43 6.73
N GLU A 207 4.34 26.57 6.95
CA GLU A 207 5.01 27.78 7.44
C GLU A 207 4.29 28.27 8.69
N ILE A 208 5.06 28.57 9.73
CA ILE A 208 4.53 28.99 11.02
C ILE A 208 4.33 30.50 11.01
N ILE A 209 3.20 30.94 11.54
CA ILE A 209 2.84 32.37 11.58
C ILE A 209 2.91 32.91 13.00
N ASP A 210 2.19 32.31 13.94
CA ASP A 210 2.17 32.76 15.32
C ASP A 210 2.25 31.56 16.25
N ALA A 211 2.94 31.76 17.37
CA ALA A 211 3.15 30.69 18.36
C ALA A 211 2.97 31.23 19.78
N SER A 212 1.92 32.03 19.98
CA SER A 212 1.70 32.65 21.28
C SER A 212 1.21 31.63 22.30
N GLY A 213 1.29 32.01 23.57
CA GLY A 213 0.83 31.14 24.65
C GLY A 213 0.20 31.94 25.76
N TYR A 214 -0.73 31.30 26.47
CA TYR A 214 -1.50 31.98 27.50
C TYR A 214 -1.76 31.04 28.66
N LYS A 215 -2.08 31.64 29.81
CA LYS A 215 -2.32 30.91 31.05
C LYS A 215 -3.79 30.99 31.43
N HIS A 216 -4.35 29.87 31.89
CA HIS A 216 -5.75 29.80 32.28
C HIS A 216 -5.86 29.17 33.67
N ASP A 217 -6.92 29.53 34.37
CA ASP A 217 -7.27 28.95 35.67
C ASP A 217 -8.60 28.23 35.51
N ILE A 218 -8.57 26.90 35.41
CA ILE A 218 -9.74 26.10 35.12
C ILE A 218 -10.10 25.26 36.34
N LYS A 219 -11.40 25.00 36.50
CA LYS A 219 -11.88 24.17 37.62
C LYS A 219 -12.68 23.02 37.02
N TYR A 220 -12.40 21.78 37.42
CA TYR A 220 -12.99 20.59 36.84
C TYR A 220 -14.21 20.15 37.64
N ASN A 221 -14.97 19.20 37.06
CA ASN A 221 -16.20 18.70 37.72
C ASN A 221 -15.92 17.39 38.45
N CYS A 222 -14.88 16.65 38.04
CA CYS A 222 -14.55 15.42 38.74
C CYS A 222 -14.05 15.71 40.16
N CYS A 223 -13.18 16.69 40.30
CA CYS A 223 -12.58 17.04 41.58
C CYS A 223 -12.70 18.53 41.83
N GLU A 224 -12.65 18.90 43.11
CA GLU A 224 -12.80 20.29 43.52
C GLU A 224 -11.47 21.02 43.29
N GLU A 225 -11.37 22.25 43.83
CA GLU A 225 -10.17 23.07 43.77
C GLU A 225 -9.86 23.54 42.36
N ILE A 226 -9.10 24.62 42.24
CA ILE A 226 -8.74 25.21 40.95
C ILE A 226 -7.38 24.68 40.52
N TYR A 227 -7.23 24.49 39.22
CA TYR A 227 -5.97 24.00 38.64
C TYR A 227 -5.53 24.93 37.52
N THR A 228 -4.23 25.19 37.46
CA THR A 228 -3.65 26.10 36.48
C THR A 228 -3.09 25.31 35.30
N ASP A 229 -3.08 25.95 34.13
CA ASP A 229 -2.55 25.32 32.93
C ASP A 229 -1.98 26.40 32.02
N ILE A 230 -1.08 25.98 31.14
CA ILE A 230 -0.46 26.84 30.14
C ILE A 230 -0.59 26.17 28.78
N THR A 231 -1.14 26.89 27.80
CA THR A 231 -1.37 26.35 26.48
C THR A 231 -0.64 27.18 25.43
N TYR A 232 0.02 26.50 24.50
CA TYR A 232 0.72 27.13 23.38
C TYR A 232 0.04 26.74 22.09
N SER A 233 -0.32 27.74 21.29
CA SER A 233 -1.08 27.53 20.07
C SER A 233 -0.20 27.85 18.86
N PHE A 234 -0.11 26.89 17.94
CA PHE A 234 0.68 27.04 16.73
C PHE A 234 -0.25 27.33 15.56
N TYR A 235 0.04 28.41 14.84
CA TYR A 235 -0.73 28.83 13.68
C TYR A 235 0.12 28.60 12.44
N ILE A 236 -0.39 27.78 11.51
CA ILE A 236 0.38 27.38 10.34
C ILE A 236 -0.46 27.59 9.09
N ARG A 237 0.24 27.73 7.96
CA ARG A 237 -0.39 27.90 6.66
C ARG A 237 0.30 27.00 5.65
N ARG A 238 -0.49 26.26 4.87
CA ARG A 238 0.07 25.33 3.89
C ARG A 238 0.66 26.08 2.72
N LEU A 239 1.61 25.43 2.03
CA LEU A 239 2.21 25.97 0.83
C LEU A 239 1.62 25.26 -0.38
N PRO A 240 0.82 25.95 -1.20
CA PRO A 240 0.09 25.29 -2.31
C PRO A 240 0.93 25.09 -3.58
N MET A 241 1.71 24.03 -3.58
CA MET A 241 2.43 23.64 -4.80
C MET A 241 2.23 22.19 -5.17
N PHE A 242 2.15 21.29 -4.18
CA PHE A 242 1.97 19.87 -4.48
C PHE A 242 0.55 19.57 -4.94
N TYR A 243 -0.45 20.14 -4.27
CA TYR A 243 -1.84 19.84 -4.57
C TYR A 243 -2.46 20.77 -5.60
N THR A 244 -1.77 21.85 -5.97
CA THR A 244 -2.22 22.69 -7.08
C THR A 244 -1.62 22.25 -8.40
N ILE A 245 -0.79 21.22 -8.39
CA ILE A 245 -0.12 20.72 -9.58
C ILE A 245 -0.61 19.33 -9.95
N ASN A 246 -0.58 18.40 -8.98
CA ASN A 246 -0.96 17.01 -9.26
C ASN A 246 -2.46 16.78 -9.23
N LEU A 247 -3.23 17.71 -8.66
CA LEU A 247 -4.67 17.52 -8.52
C LEU A 247 -5.48 18.55 -9.28
N ILE A 248 -5.21 19.85 -9.10
CA ILE A 248 -6.06 20.89 -9.66
C ILE A 248 -5.92 20.95 -11.18
N ILE A 249 -4.68 20.89 -11.67
CA ILE A 249 -4.45 21.04 -13.11
C ILE A 249 -5.09 19.92 -13.93
N PRO A 250 -4.88 18.64 -13.63
CA PRO A 250 -5.59 17.60 -14.40
C PRO A 250 -7.10 17.67 -14.23
N CYS A 251 -7.58 18.08 -13.06
CA CYS A 251 -9.02 18.25 -12.87
C CYS A 251 -9.58 19.32 -13.81
N LEU A 252 -8.86 20.44 -13.94
CA LEU A 252 -9.29 21.48 -14.86
C LEU A 252 -9.24 20.99 -16.30
N PHE A 253 -8.20 20.23 -16.66
CA PHE A 253 -8.12 19.68 -18.01
C PHE A 253 -9.31 18.78 -18.32
N ILE A 254 -9.66 17.90 -17.39
CA ILE A 254 -10.78 16.99 -17.60
C ILE A 254 -12.09 17.77 -17.66
N SER A 255 -12.26 18.75 -16.77
CA SER A 255 -13.48 19.56 -16.78
C SER A 255 -13.60 20.39 -18.05
N PHE A 256 -12.46 20.68 -18.69
CA PHE A 256 -12.51 21.33 -20.00
C PHE A 256 -12.89 20.32 -21.09
N LEU A 257 -12.40 19.08 -20.98
CA LEU A 257 -12.56 18.11 -22.06
C LEU A 257 -14.02 17.70 -22.29
N THR A 258 -14.91 17.91 -21.32
CA THR A 258 -16.26 17.34 -21.44
C THR A 258 -17.14 18.08 -22.44
N VAL A 259 -16.89 19.37 -22.66
CA VAL A 259 -17.74 20.15 -23.55
C VAL A 259 -17.52 19.82 -25.02
N LEU A 260 -16.42 19.14 -25.34
CA LEU A 260 -16.08 18.86 -26.74
C LEU A 260 -17.01 17.85 -27.39
N VAL A 261 -17.64 16.96 -26.61
CA VAL A 261 -18.47 15.91 -27.19
C VAL A 261 -19.68 16.45 -27.94
N PHE A 262 -20.02 17.72 -27.77
CA PHE A 262 -21.12 18.34 -28.50
C PHE A 262 -20.68 18.99 -29.80
N TYR A 263 -19.39 18.89 -30.15
CA TYR A 263 -18.90 19.35 -31.43
C TYR A 263 -18.51 18.23 -32.37
N LEU A 264 -18.37 17.01 -31.86
CA LEU A 264 -18.07 15.87 -32.73
C LEU A 264 -19.27 15.55 -33.62
N PRO A 265 -19.04 15.16 -34.87
CA PRO A 265 -20.15 14.71 -35.70
C PRO A 265 -20.66 13.35 -35.25
N SER A 266 -21.92 13.07 -35.56
CA SER A 266 -22.50 11.78 -35.19
C SER A 266 -22.03 10.65 -36.10
N ASP A 267 -21.45 10.98 -37.25
CA ASP A 267 -20.93 9.95 -38.16
C ASP A 267 -19.55 9.46 -37.77
N CYS A 268 -18.85 10.18 -36.88
CA CYS A 268 -17.51 9.76 -36.47
C CYS A 268 -17.56 8.45 -35.71
N GLY A 269 -18.53 8.27 -34.83
CA GLY A 269 -18.62 7.07 -34.02
C GLY A 269 -17.59 7.00 -32.92
N GLU A 270 -17.26 8.13 -32.28
CA GLU A 270 -16.30 8.12 -31.19
C GLU A 270 -16.70 9.06 -30.05
N LYS A 271 -17.98 9.40 -29.93
CA LYS A 271 -18.43 10.25 -28.82
C LYS A 271 -18.47 9.48 -27.51
N VAL A 272 -18.92 8.22 -27.56
CA VAL A 272 -19.06 7.41 -26.36
C VAL A 272 -17.69 7.23 -25.69
N THR A 273 -16.66 6.96 -26.49
CA THR A 273 -15.31 6.81 -25.96
C THR A 273 -14.90 8.04 -25.16
N LEU A 274 -15.08 9.22 -25.74
CA LEU A 274 -14.65 10.47 -25.10
C LEU A 274 -15.40 10.69 -23.79
N CYS A 275 -16.74 10.63 -23.83
CA CYS A 275 -17.51 10.94 -22.63
C CYS A 275 -17.24 9.92 -21.53
N ILE A 276 -17.14 8.64 -21.88
CA ILE A 276 -16.93 7.62 -20.86
C ILE A 276 -15.52 7.72 -20.28
N SER A 277 -14.55 8.13 -21.10
CA SER A 277 -13.20 8.35 -20.59
C SER A 277 -13.19 9.49 -19.57
N VAL A 278 -13.91 10.57 -19.87
CA VAL A 278 -14.00 11.69 -18.95
C VAL A 278 -14.62 11.22 -17.63
N LEU A 279 -15.69 10.43 -17.73
CA LEU A 279 -16.37 9.93 -16.54
C LEU A 279 -15.45 9.07 -15.68
N LEU A 280 -14.70 8.17 -16.31
CA LEU A 280 -13.79 7.31 -15.56
C LEU A 280 -12.68 8.12 -14.88
N SER A 281 -12.16 9.13 -15.58
CA SER A 281 -11.14 9.98 -14.98
C SER A 281 -11.69 10.69 -13.74
N LEU A 282 -12.92 11.22 -13.84
CA LEU A 282 -13.53 11.86 -12.68
C LEU A 282 -13.75 10.89 -11.53
N THR A 283 -14.13 9.64 -11.84
CA THR A 283 -14.30 8.64 -10.79
C THR A 283 -12.98 8.37 -10.06
N VAL A 284 -11.88 8.24 -10.83
CA VAL A 284 -10.58 7.99 -10.22
C VAL A 284 -10.18 9.17 -9.34
N PHE A 285 -10.42 10.39 -9.81
CA PHE A 285 -10.13 11.57 -9.01
C PHE A 285 -10.95 11.59 -7.73
N LEU A 286 -12.22 11.17 -7.82
CA LEU A 286 -13.07 11.09 -6.64
C LEU A 286 -12.47 10.15 -5.61
N LEU A 287 -12.03 8.97 -6.06
CA LEU A 287 -11.45 8.00 -5.14
C LEU A 287 -10.20 8.56 -4.47
N VAL A 288 -9.33 9.20 -5.26
CA VAL A 288 -8.07 9.73 -4.72
C VAL A 288 -8.37 10.82 -3.68
N ILE A 289 -9.28 11.73 -4.00
CA ILE A 289 -9.61 12.81 -3.08
C ILE A 289 -10.23 12.25 -1.81
N THR A 290 -11.06 11.21 -1.94
CA THR A 290 -11.66 10.58 -0.77
C THR A 290 -10.58 9.99 0.14
N GLU A 291 -9.59 9.32 -0.45
CA GLU A 291 -8.52 8.71 0.34
C GLU A 291 -7.38 9.68 0.66
N THR A 292 -7.53 10.96 0.33
CA THR A 292 -6.53 11.95 0.69
C THR A 292 -6.90 12.82 1.89
N ILE A 293 -8.15 13.32 1.95
CA ILE A 293 -8.55 14.25 3.00
C ILE A 293 -9.26 13.51 4.13
N PRO A 294 -9.27 14.05 5.34
CA PRO A 294 -9.95 13.35 6.45
C PRO A 294 -11.46 13.32 6.27
N SER A 295 -12.08 12.35 6.94
CA SER A 295 -13.53 12.16 6.86
C SER A 295 -14.21 12.84 8.04
N THR A 296 -14.36 14.16 7.91
CA THR A 296 -15.07 14.97 8.89
C THR A 296 -16.42 15.40 8.32
N SER A 297 -17.45 15.34 9.14
CA SER A 297 -18.83 15.58 8.72
C SER A 297 -19.40 16.86 9.33
N LEU A 298 -18.59 17.93 9.38
CA LEU A 298 -19.05 19.22 9.86
C LEU A 298 -19.37 20.19 8.72
N VAL A 299 -18.43 20.39 7.81
CA VAL A 299 -18.62 21.27 6.67
C VAL A 299 -18.24 20.52 5.41
N VAL A 300 -18.76 20.99 4.28
CA VAL A 300 -18.54 20.35 2.98
C VAL A 300 -17.36 21.02 2.30
N PRO A 301 -16.29 20.28 1.98
CA PRO A 301 -15.14 20.90 1.32
C PRO A 301 -15.50 21.41 -0.07
N LEU A 302 -14.81 22.49 -0.47
CA LEU A 302 -15.07 23.08 -1.78
C LEU A 302 -14.73 22.11 -2.91
N VAL A 303 -13.63 21.37 -2.77
CA VAL A 303 -13.20 20.44 -3.82
C VAL A 303 -14.25 19.36 -4.02
N GLY A 304 -14.79 18.83 -2.92
CA GLY A 304 -15.84 17.82 -3.03
C GLY A 304 -17.08 18.34 -3.72
N GLU A 305 -17.49 19.57 -3.40
CA GLU A 305 -18.65 20.16 -4.05
C GLU A 305 -18.41 20.34 -5.54
N TYR A 306 -17.25 20.88 -5.92
CA TYR A 306 -16.96 21.08 -7.33
C TYR A 306 -16.92 19.75 -8.08
N LEU A 307 -16.29 18.74 -7.48
CA LEU A 307 -16.19 17.44 -8.14
C LEU A 307 -17.55 16.77 -8.27
N LEU A 308 -18.40 16.87 -7.26
CA LEU A 308 -19.75 16.31 -7.36
C LEU A 308 -20.55 17.01 -8.45
N PHE A 309 -20.46 18.34 -8.51
CA PHE A 309 -21.17 19.07 -9.55
C PHE A 309 -20.68 18.69 -10.94
N THR A 310 -19.36 18.59 -11.11
CA THR A 310 -18.81 18.21 -12.41
C THR A 310 -19.21 16.79 -12.80
N MET A 311 -19.21 15.87 -11.83
CA MET A 311 -19.61 14.50 -12.12
C MET A 311 -21.08 14.42 -12.51
N ILE A 312 -21.94 15.19 -11.84
CA ILE A 312 -23.35 15.21 -12.22
C ILE A 312 -23.53 15.75 -13.63
N PHE A 313 -22.82 16.83 -13.95
CA PHE A 313 -22.94 17.41 -15.28
C PHE A 313 -22.41 16.47 -16.36
N VAL A 314 -21.33 15.75 -16.07
CA VAL A 314 -20.81 14.76 -17.01
C VAL A 314 -21.80 13.63 -17.20
N THR A 315 -22.43 13.18 -16.11
CA THR A 315 -23.44 12.13 -16.21
C THR A 315 -24.62 12.59 -17.07
N LEU A 316 -25.02 13.85 -16.93
CA LEU A 316 -26.11 14.38 -17.76
C LEU A 316 -25.74 14.39 -19.23
N SER A 317 -24.48 14.70 -19.54
CA SER A 317 -24.05 14.80 -20.94
C SER A 317 -24.12 13.45 -21.65
N ILE A 318 -23.78 12.37 -20.94
CA ILE A 318 -23.82 11.03 -21.54
C ILE A 318 -25.24 10.66 -21.91
N VAL A 319 -26.21 11.03 -21.06
CA VAL A 319 -27.62 10.74 -21.35
C VAL A 319 -28.06 11.46 -22.61
N VAL A 320 -27.67 12.73 -22.77
CA VAL A 320 -28.07 13.50 -23.94
C VAL A 320 -27.43 12.93 -25.20
N THR A 321 -26.20 12.43 -25.10
CA THR A 321 -25.48 11.94 -26.28
C THR A 321 -26.21 10.76 -26.91
N VAL A 322 -26.76 9.87 -26.10
CA VAL A 322 -27.46 8.70 -26.63
C VAL A 322 -28.68 9.14 -27.45
N PHE A 323 -29.38 10.18 -26.99
CA PHE A 323 -30.60 10.60 -27.67
C PHE A 323 -30.32 11.20 -29.04
N VAL A 324 -29.23 11.97 -29.18
CA VAL A 324 -28.91 12.54 -30.48
C VAL A 324 -28.49 11.44 -31.45
N LEU A 325 -27.81 10.40 -30.97
CA LEU A 325 -27.47 9.28 -31.83
C LEU A 325 -28.71 8.50 -32.24
N ASN A 326 -29.67 8.35 -31.32
CA ASN A 326 -30.91 7.67 -31.67
C ASN A 326 -31.71 8.46 -32.70
N ILE A 327 -31.71 9.79 -32.57
CA ILE A 327 -32.41 10.63 -33.53
C ILE A 327 -31.71 10.58 -34.89
N HIS A 328 -30.37 10.52 -34.88
CA HIS A 328 -29.63 10.54 -36.13
C HIS A 328 -29.95 9.34 -37.01
N TYR A 329 -30.04 8.15 -36.43
CA TYR A 329 -30.27 6.93 -37.19
C TYR A 329 -31.77 6.59 -37.19
N ARG A 330 -32.54 7.43 -37.87
CA ARG A 330 -33.96 7.23 -38.03
C ARG A 330 -34.34 7.37 -39.49
N THR A 331 -35.18 6.48 -39.98
CA THR A 331 -35.53 6.39 -41.40
C THR A 331 -37.05 6.36 -41.54
N PRO A 332 -37.57 6.73 -42.70
CA PRO A 332 -39.03 6.67 -42.90
C PRO A 332 -39.62 5.28 -42.80
N THR A 333 -38.81 4.23 -42.98
CA THR A 333 -39.30 2.87 -42.82
C THR A 333 -39.72 2.59 -41.39
N THR A 334 -38.92 3.06 -40.42
CA THR A 334 -39.16 2.76 -39.02
C THR A 334 -39.99 3.84 -38.32
N HIS A 335 -39.50 5.08 -38.32
CA HIS A 335 -40.12 6.17 -37.59
C HIS A 335 -40.74 7.18 -38.54
N THR A 336 -41.86 7.75 -38.11
CA THR A 336 -42.57 8.77 -38.87
C THR A 336 -42.46 10.11 -38.15
N MET A 337 -42.09 11.14 -38.89
CA MET A 337 -41.87 12.46 -38.29
C MET A 337 -43.20 13.12 -37.96
N PRO A 338 -43.39 13.63 -36.76
CA PRO A 338 -44.61 14.37 -36.42
C PRO A 338 -44.56 15.77 -37.04
N ARG A 339 -45.58 16.57 -36.72
CA ARG A 339 -45.65 17.94 -37.22
C ARG A 339 -44.96 18.92 -36.28
N TRP A 340 -45.23 18.81 -34.97
CA TRP A 340 -44.62 19.74 -34.03
C TRP A 340 -43.10 19.68 -34.07
N VAL A 341 -42.53 18.52 -34.40
CA VAL A 341 -41.09 18.42 -34.62
C VAL A 341 -40.68 19.31 -35.79
N LYS A 342 -41.40 19.22 -36.90
CA LYS A 342 -41.11 20.08 -38.04
C LYS A 342 -41.44 21.53 -37.76
N THR A 343 -42.42 21.78 -36.88
CA THR A 343 -42.77 23.15 -36.54
C THR A 343 -41.69 23.82 -35.72
N VAL A 344 -41.12 23.10 -34.76
CA VAL A 344 -40.09 23.69 -33.90
C VAL A 344 -38.73 23.62 -34.59
N PHE A 345 -38.22 22.41 -34.80
CA PHE A 345 -36.93 22.27 -35.44
C PHE A 345 -37.05 22.50 -36.94
N LEU A 346 -35.94 22.90 -37.55
CA LEU A 346 -35.83 23.22 -38.96
C LEU A 346 -36.63 24.47 -39.33
N LYS A 347 -37.33 25.05 -38.35
CA LYS A 347 -38.18 26.23 -38.66
C LYS A 347 -37.87 27.39 -37.73
N LEU A 348 -37.87 27.18 -36.41
CA LEU A 348 -37.69 28.28 -35.47
C LEU A 348 -36.41 28.19 -34.66
N LEU A 349 -36.07 27.00 -34.15
CA LEU A 349 -34.87 26.86 -33.35
C LEU A 349 -33.59 27.19 -34.12
N PRO A 350 -33.39 26.74 -35.36
CA PRO A 350 -32.13 27.09 -36.05
C PRO A 350 -31.95 28.59 -36.26
N GLN A 351 -33.05 29.34 -36.24
CA GLN A 351 -32.96 30.81 -36.47
C GLN A 351 -32.46 31.50 -35.21
N VAL A 352 -32.78 30.94 -34.04
CA VAL A 352 -32.36 31.55 -32.77
C VAL A 352 -30.86 31.38 -32.57
N LEU A 353 -30.36 30.16 -32.81
CA LEU A 353 -28.92 29.86 -32.58
C LEU A 353 -28.12 30.25 -33.82
N LEU A 354 -28.72 31.07 -34.71
CA LEU A 354 -28.01 31.54 -35.93
C LEU A 354 -27.27 30.37 -36.57
N MET A 355 -28.00 29.30 -36.89
CA MET A 355 -27.39 28.09 -37.52
C MET A 355 -27.69 28.13 -39.01
N ARG A 356 -28.87 28.61 -39.40
CA ARG A 356 -29.27 28.69 -40.83
C ARG A 356 -28.54 27.59 -41.62
N PRO A 416 -45.81 -1.84 -80.99
CA PRO A 416 -44.57 -2.62 -81.10
C PRO A 416 -43.80 -2.67 -79.79
N GLU A 417 -42.46 -2.69 -79.86
CA GLU A 417 -41.63 -2.75 -78.67
C GLU A 417 -41.46 -1.39 -77.99
N LEU A 418 -41.93 -0.30 -78.64
CA LEU A 418 -41.79 1.01 -78.04
C LEU A 418 -42.59 1.11 -76.75
N ALA A 419 -43.77 0.51 -76.69
CA ALA A 419 -44.57 0.54 -75.47
C ALA A 419 -43.85 -0.13 -74.32
N ASP A 420 -43.27 -1.31 -74.56
CA ASP A 420 -42.55 -2.02 -73.50
C ASP A 420 -41.31 -1.24 -73.08
N ILE A 421 -40.59 -0.65 -74.04
CA ILE A 421 -39.43 0.17 -73.70
C ILE A 421 -39.84 1.33 -72.80
N LEU A 422 -40.94 1.97 -73.17
CA LEU A 422 -41.45 3.07 -72.30
C LEU A 422 -41.78 2.47 -70.94
N ASN A 423 -42.46 1.32 -70.91
CA ASN A 423 -42.88 0.71 -69.63
C ASN A 423 -41.64 0.33 -68.81
N GLU A 424 -40.53 0.00 -69.49
CA GLU A 424 -39.30 -0.40 -68.78
C GLU A 424 -38.58 0.86 -68.29
N VAL A 425 -38.30 1.81 -69.19
CA VAL A 425 -37.60 3.07 -68.81
C VAL A 425 -38.39 3.78 -67.72
N GLN A 426 -39.71 3.89 -67.86
CA GLN A 426 -40.54 4.62 -66.86
C GLN A 426 -40.32 4.02 -65.47
N TYR A 427 -40.68 2.75 -65.27
CA TYR A 427 -40.48 2.09 -64.00
C TYR A 427 -39.16 2.49 -63.36
N ILE A 428 -38.10 2.55 -64.16
CA ILE A 428 -36.80 2.94 -63.62
C ILE A 428 -36.86 4.36 -63.06
N ALA A 429 -37.48 5.28 -63.80
CA ALA A 429 -37.59 6.66 -63.34
C ALA A 429 -38.42 6.76 -62.06
N ASN A 430 -39.50 5.99 -61.97
CA ASN A 430 -40.31 6.01 -60.76
C ASN A 430 -39.54 5.48 -59.56
N ARG A 431 -38.74 4.43 -59.77
CA ARG A 431 -37.88 3.94 -58.70
C ARG A 431 -36.91 5.01 -58.24
N PHE A 432 -36.32 5.74 -59.19
CA PHE A 432 -35.38 6.81 -58.82
C PHE A 432 -36.09 7.91 -58.04
N ARG A 433 -37.31 8.27 -58.46
CA ARG A 433 -38.06 9.30 -57.74
C ARG A 433 -38.38 8.88 -56.32
N SER A 434 -38.80 7.63 -56.12
CA SER A 434 -39.07 7.14 -54.78
C SER A 434 -37.81 7.14 -53.92
N GLN A 435 -36.69 6.74 -54.51
CA GLN A 435 -35.42 6.77 -53.77
C GLN A 435 -35.06 8.19 -53.36
N ASN A 436 -35.26 9.15 -54.26
CA ASN A 436 -34.97 10.55 -53.93
C ASN A 436 -35.84 11.04 -52.79
N GLU A 437 -37.14 10.71 -52.81
CA GLU A 437 -38.02 11.13 -51.73
C GLU A 437 -37.58 10.52 -50.40
N THR A 438 -37.24 9.23 -50.40
CA THR A 438 -36.79 8.58 -49.18
C THR A 438 -35.51 9.22 -48.66
N LYS A 439 -34.57 9.53 -49.55
CA LYS A 439 -33.32 10.16 -49.14
C LYS A 439 -33.56 11.55 -48.56
N GLU A 440 -34.49 12.31 -49.15
CA GLU A 440 -34.82 13.62 -48.61
C GLU A 440 -35.38 13.50 -47.20
N VAL A 441 -36.31 12.55 -47.00
CA VAL A 441 -36.90 12.37 -45.68
C VAL A 441 -35.84 11.96 -44.67
N GLU A 442 -34.91 11.11 -45.09
CA GLU A 442 -33.81 10.72 -44.20
C GLU A 442 -32.94 11.93 -43.86
N ASP A 443 -32.62 12.75 -44.86
CA ASP A 443 -31.79 13.93 -44.62
C ASP A 443 -32.47 14.92 -43.68
N ASP A 444 -33.81 14.90 -43.62
CA ASP A 444 -34.50 15.75 -42.66
C ASP A 444 -34.19 15.35 -41.22
N TRP A 445 -34.10 14.04 -40.96
CA TRP A 445 -33.82 13.57 -39.60
C TRP A 445 -32.40 13.93 -39.15
N LYS A 446 -31.45 14.01 -40.09
CA LYS A 446 -30.07 14.30 -39.71
C LYS A 446 -29.90 15.72 -39.21
N TYR A 447 -30.70 16.66 -39.71
CA TYR A 447 -30.57 18.05 -39.29
C TYR A 447 -31.11 18.27 -37.88
N VAL A 448 -32.09 17.46 -37.46
CA VAL A 448 -32.63 17.61 -36.11
C VAL A 448 -31.58 17.26 -35.07
N ALA A 449 -30.77 16.23 -35.33
CA ALA A 449 -29.72 15.87 -34.39
C ALA A 449 -28.64 16.94 -34.30
N MET A 450 -28.47 17.74 -35.35
CA MET A 450 -27.50 18.83 -35.32
C MET A 450 -28.01 20.01 -34.49
N VAL A 451 -29.31 20.30 -34.57
CA VAL A 451 -29.86 21.42 -33.81
C VAL A 451 -29.89 21.10 -32.32
N VAL A 452 -30.25 19.86 -31.96
CA VAL A 452 -30.32 19.48 -30.55
C VAL A 452 -28.94 19.56 -29.92
N ASP A 453 -27.91 19.11 -30.62
CA ASP A 453 -26.55 19.15 -30.08
C ASP A 453 -26.07 20.59 -29.92
N ARG A 454 -26.54 21.51 -30.76
CA ARG A 454 -26.11 22.90 -30.63
C ARG A 454 -26.81 23.59 -29.46
N VAL A 455 -28.05 23.20 -29.15
CA VAL A 455 -28.74 23.77 -27.99
C VAL A 455 -28.01 23.39 -26.71
N PHE A 456 -27.61 22.13 -26.59
CA PHE A 456 -26.93 21.66 -25.39
C PHE A 456 -25.45 22.06 -25.33
N LEU A 457 -24.90 22.59 -26.43
CA LEU A 457 -23.55 23.14 -26.36
C LEU A 457 -23.53 24.47 -25.64
N TRP A 458 -24.51 25.34 -25.92
CA TRP A 458 -24.57 26.63 -25.26
C TRP A 458 -24.92 26.49 -23.78
N VAL A 459 -25.79 25.55 -23.44
CA VAL A 459 -26.19 25.36 -22.05
C VAL A 459 -24.99 24.97 -21.20
N PHE A 460 -24.20 24.01 -21.68
CA PHE A 460 -23.07 23.52 -20.89
C PHE A 460 -22.01 24.61 -20.70
N ILE A 461 -21.68 25.33 -21.78
CA ILE A 461 -20.69 26.39 -21.66
C ILE A 461 -21.20 27.51 -20.78
N ILE A 462 -22.50 27.81 -20.85
CA ILE A 462 -23.06 28.90 -20.05
C ILE A 462 -23.04 28.56 -18.57
N VAL A 463 -23.42 27.32 -18.23
CA VAL A 463 -23.56 26.97 -16.82
C VAL A 463 -22.22 26.55 -16.21
N CYS A 464 -21.42 25.77 -16.95
CA CYS A 464 -20.17 25.27 -16.39
C CYS A 464 -19.19 26.41 -16.10
N VAL A 465 -19.11 27.39 -17.01
CA VAL A 465 -18.16 28.48 -16.80
C VAL A 465 -18.56 29.32 -15.59
N PHE A 466 -19.87 29.50 -15.37
CA PHE A 466 -20.33 30.28 -14.22
C PHE A 466 -20.23 29.48 -12.93
N GLY A 467 -20.51 28.18 -12.99
CA GLY A 467 -20.42 27.36 -11.79
C GLY A 467 -19.01 27.23 -11.25
N THR A 468 -18.04 27.02 -12.15
CA THR A 468 -16.64 26.93 -11.74
C THR A 468 -16.15 28.27 -11.19
N ALA A 469 -16.53 29.38 -11.85
CA ALA A 469 -16.09 30.69 -11.40
C ALA A 469 -16.69 31.04 -10.05
N GLY A 470 -17.95 30.68 -9.83
CA GLY A 470 -18.64 31.06 -8.61
C GLY A 470 -18.36 30.16 -7.43
N LEU A 471 -18.52 28.85 -7.61
CA LEU A 471 -18.36 27.91 -6.49
C LEU A 471 -16.92 27.89 -5.99
N PHE A 472 -15.95 27.90 -6.90
CA PHE A 472 -14.54 27.82 -6.52
C PHE A 472 -13.95 29.18 -6.15
N LEU A 473 -14.76 30.23 -6.13
CA LEU A 473 -14.34 31.57 -5.74
C LEU A 473 -13.19 32.07 -6.61
N ALA B 24 12.89 20.96 59.64
CA ALA B 24 12.59 19.63 59.11
C ALA B 24 11.13 19.54 58.65
N ASN B 25 10.47 20.70 58.55
CA ASN B 25 9.10 20.79 58.07
C ASN B 25 8.17 19.93 58.93
N ALA B 26 7.02 19.53 58.37
CA ALA B 26 6.12 18.63 59.05
C ALA B 26 5.80 17.44 58.14
N GLU B 27 5.75 17.71 56.84
CA GLU B 27 5.52 16.64 55.86
C GLU B 27 6.61 15.58 55.96
N GLU B 28 7.84 15.99 56.31
CA GLU B 28 8.91 15.02 56.43
C GLU B 28 8.66 14.04 57.57
N LYS B 29 8.28 14.53 58.75
CA LYS B 29 7.98 13.63 59.85
C LYS B 29 6.73 12.79 59.55
N LEU B 30 5.74 13.39 58.88
CA LEU B 30 4.55 12.62 58.50
C LEU B 30 4.92 11.45 57.59
N MET B 31 5.68 11.72 56.52
CA MET B 31 6.05 10.66 55.59
C MET B 31 6.98 9.64 56.24
N ASP B 32 7.87 10.07 57.13
CA ASP B 32 8.71 9.12 57.85
C ASP B 32 7.87 8.19 58.70
N ASP B 33 7.00 8.76 59.54
CA ASP B 33 6.18 7.92 60.42
C ASP B 33 5.18 7.09 59.65
N LEU B 34 4.90 7.43 58.38
CA LEU B 34 4.01 6.61 57.57
C LEU B 34 4.75 5.47 56.86
N LEU B 35 5.89 5.77 56.23
CA LEU B 35 6.62 4.78 55.45
C LEU B 35 8.02 4.56 55.99
N ASN B 36 8.10 4.37 57.32
CA ASN B 36 9.35 4.12 58.03
C ASN B 36 9.06 3.13 59.15
N LYS B 37 9.81 3.22 60.25
CA LYS B 37 9.94 2.17 61.27
C LYS B 37 8.66 1.37 61.55
N THR B 38 7.48 1.97 61.31
CA THR B 38 6.26 1.18 61.31
C THR B 38 6.27 0.10 60.22
N ARG B 39 7.15 0.24 59.22
CA ARG B 39 7.40 -0.77 58.18
C ARG B 39 6.12 -1.07 57.39
N TYR B 40 5.70 -0.06 56.63
CA TYR B 40 4.66 -0.28 55.63
C TYR B 40 5.17 -1.30 54.61
N ASN B 41 4.53 -2.48 54.57
CA ASN B 41 5.10 -3.60 53.85
C ASN B 41 4.96 -3.46 52.34
N ASN B 42 3.91 -2.79 51.86
CA ASN B 42 3.61 -2.50 50.46
C ASN B 42 3.09 -3.72 49.69
N LEU B 43 3.04 -4.89 50.31
CA LEU B 43 2.60 -6.10 49.59
C LEU B 43 1.62 -6.92 50.40
N ILE B 44 1.03 -6.36 51.45
CA ILE B 44 0.02 -7.04 52.27
C ILE B 44 -1.31 -6.36 52.06
N ARG B 45 -2.34 -7.15 51.77
CA ARG B 45 -3.68 -6.59 51.61
C ARG B 45 -4.16 -6.04 52.94
N PRO B 46 -4.69 -4.81 52.98
CA PRO B 46 -5.19 -4.24 54.24
C PRO B 46 -6.44 -4.97 54.69
N ALA B 47 -6.35 -5.63 55.84
CA ALA B 47 -7.49 -6.37 56.39
C ALA B 47 -7.25 -6.57 57.88
N THR B 48 -8.13 -5.98 58.69
CA THR B 48 -8.04 -6.17 60.14
C THR B 48 -8.28 -7.63 60.52
N SER B 49 -9.25 -8.26 59.89
CA SER B 49 -9.59 -9.65 60.13
C SER B 49 -9.22 -10.49 58.91
N SER B 50 -9.48 -11.80 59.02
CA SER B 50 -9.17 -12.74 57.95
C SER B 50 -10.25 -12.82 56.88
N SER B 51 -11.43 -12.24 57.12
CA SER B 51 -12.53 -12.30 56.18
C SER B 51 -12.98 -10.93 55.69
N GLN B 52 -12.28 -9.86 56.08
CA GLN B 52 -12.66 -8.53 55.65
C GLN B 52 -12.38 -8.34 54.16
N LEU B 53 -13.34 -7.75 53.46
CA LEU B 53 -13.24 -7.51 52.03
C LEU B 53 -12.99 -6.03 51.78
N ILE B 54 -12.00 -5.73 50.96
CA ILE B 54 -11.71 -4.34 50.57
C ILE B 54 -12.64 -3.96 49.44
N SER B 55 -13.38 -2.87 49.62
CA SER B 55 -14.34 -2.40 48.63
C SER B 55 -13.71 -1.24 47.86
N ILE B 56 -13.67 -1.38 46.53
CA ILE B 56 -13.10 -0.37 45.65
C ILE B 56 -14.22 0.24 44.83
N LYS B 57 -14.32 1.56 44.85
CA LYS B 57 -15.36 2.29 44.15
C LYS B 57 -14.78 2.89 42.88
N LEU B 58 -15.38 2.55 41.74
CA LEU B 58 -14.89 2.95 40.43
C LEU B 58 -15.79 4.03 39.83
N GLN B 59 -15.19 4.87 38.99
CA GLN B 59 -15.92 5.89 38.25
C GLN B 59 -15.10 6.30 37.04
N LEU B 60 -15.70 6.24 35.87
CA LEU B 60 -15.03 6.54 34.61
C LEU B 60 -15.48 7.88 34.08
N SER B 61 -14.52 8.68 33.61
CA SER B 61 -14.78 9.99 33.03
C SER B 61 -14.15 10.04 31.63
N LEU B 62 -14.99 9.95 30.61
CA LEU B 62 -14.51 10.03 29.23
C LEU B 62 -14.02 11.45 28.93
N ALA B 63 -12.92 11.55 28.21
CA ALA B 63 -12.33 12.83 27.87
C ALA B 63 -12.31 13.11 26.38
N GLN B 64 -11.96 12.13 25.56
CA GLN B 64 -11.89 12.36 24.11
C GLN B 64 -11.96 11.03 23.39
N LEU B 65 -12.94 10.87 22.51
CA LEU B 65 -13.05 9.69 21.65
C LEU B 65 -12.13 9.90 20.45
N ILE B 66 -10.98 9.25 20.45
CA ILE B 66 -9.95 9.52 19.44
C ILE B 66 -10.41 9.03 18.06
N SER B 67 -10.59 7.72 17.93
CA SER B 67 -10.92 7.17 16.62
C SER B 67 -11.57 5.80 16.79
N VAL B 68 -12.28 5.38 15.75
CA VAL B 68 -12.86 4.04 15.66
C VAL B 68 -12.45 3.47 14.31
N ASN B 69 -11.78 2.32 14.33
CA ASN B 69 -11.24 1.69 13.13
C ASN B 69 -12.07 0.45 12.81
N GLU B 70 -12.85 0.52 11.73
CA GLU B 70 -13.68 -0.60 11.33
C GLU B 70 -12.88 -1.76 10.76
N ARG B 71 -11.80 -1.45 10.02
CA ARG B 71 -11.02 -2.51 9.38
C ARG B 71 -10.38 -3.44 10.41
N GLU B 72 -9.81 -2.87 11.47
CA GLU B 72 -9.14 -3.66 12.50
C GLU B 72 -10.00 -3.87 13.75
N GLN B 73 -11.15 -3.21 13.84
CA GLN B 73 -12.07 -3.36 14.98
C GLN B 73 -11.37 -3.00 16.29
N ILE B 74 -10.75 -1.82 16.33
CA ILE B 74 -10.04 -1.33 17.50
C ILE B 74 -10.47 0.12 17.74
N MET B 75 -10.87 0.42 18.98
CA MET B 75 -11.31 1.75 19.36
C MET B 75 -10.33 2.36 20.34
N THR B 76 -9.93 3.61 20.10
CA THR B 76 -8.98 4.32 20.93
C THR B 76 -9.70 5.40 21.72
N THR B 77 -9.46 5.46 23.03
CA THR B 77 -10.13 6.41 23.90
C THR B 77 -9.12 7.03 24.86
N ASN B 78 -9.50 8.18 25.40
CA ASN B 78 -8.74 8.89 26.43
C ASN B 78 -9.67 9.03 27.63
N VAL B 79 -9.46 8.21 28.66
CA VAL B 79 -10.36 8.14 29.80
C VAL B 79 -9.60 8.42 31.08
N TRP B 80 -10.36 8.82 32.11
CA TRP B 80 -9.85 9.04 33.46
C TRP B 80 -10.60 8.12 34.41
N LEU B 81 -9.94 7.07 34.87
CA LEU B 81 -10.55 6.10 35.77
C LEU B 81 -10.13 6.40 37.19
N LYS B 82 -11.10 6.60 38.08
CA LYS B 82 -10.85 6.92 39.47
C LYS B 82 -11.15 5.71 40.35
N GLN B 83 -10.19 5.33 41.17
CA GLN B 83 -10.34 4.25 42.14
C GLN B 83 -10.15 4.80 43.53
N GLU B 84 -11.05 4.45 44.45
CA GLU B 84 -11.04 5.01 45.80
C GLU B 84 -11.42 3.92 46.79
N TRP B 85 -10.42 3.25 47.35
CA TRP B 85 -10.63 2.29 48.42
C TRP B 85 -10.37 2.96 49.77
N THR B 86 -10.33 2.17 50.83
CA THR B 86 -10.13 2.69 52.19
C THR B 86 -9.09 1.84 52.91
N ASP B 87 -7.92 2.42 53.14
CA ASP B 87 -6.88 1.79 53.93
C ASP B 87 -7.05 2.15 55.40
N TYR B 88 -6.28 1.49 56.26
CA TYR B 88 -6.31 1.76 57.69
C TYR B 88 -4.94 1.97 58.31
N ARG B 89 -3.86 1.52 57.67
CA ARG B 89 -2.52 1.76 58.20
C ARG B 89 -2.05 3.20 57.98
N LEU B 90 -2.61 3.89 57.00
CA LEU B 90 -2.23 5.28 56.70
C LEU B 90 -3.23 6.20 57.40
N THR B 91 -3.00 6.42 58.69
CA THR B 91 -3.86 7.31 59.46
C THR B 91 -3.02 7.98 60.54
N TRP B 92 -3.42 9.18 60.93
CA TRP B 92 -2.70 9.94 61.93
C TRP B 92 -3.63 10.99 62.53
N ASN B 93 -3.22 11.54 63.67
CA ASN B 93 -3.94 12.61 64.33
C ASN B 93 -3.42 13.94 63.80
N SER B 94 -4.32 14.76 63.25
CA SER B 94 -3.92 16.03 62.66
C SER B 94 -3.78 17.10 63.73
N SER B 95 -3.01 16.81 64.77
CA SER B 95 -2.66 17.79 65.79
C SER B 95 -1.19 17.72 66.17
N ARG B 96 -0.61 16.52 66.23
CA ARG B 96 0.81 16.39 66.55
C ARG B 96 1.68 16.85 65.39
N TYR B 97 1.26 16.55 64.16
CA TYR B 97 2.02 16.91 62.97
C TYR B 97 1.46 18.18 62.34
N GLU B 98 1.62 19.27 63.09
CA GLU B 98 1.12 20.59 62.69
C GLU B 98 -0.38 20.54 62.37
N GLY B 99 -0.75 20.94 61.16
CA GLY B 99 -2.15 20.92 60.77
C GLY B 99 -2.36 20.40 59.36
N VAL B 100 -1.49 19.51 58.91
CA VAL B 100 -1.58 18.93 57.57
C VAL B 100 -2.38 17.64 57.65
N ASN B 101 -3.38 17.52 56.78
CA ASN B 101 -4.25 16.36 56.77
C ASN B 101 -4.39 15.71 55.39
N ILE B 102 -3.70 16.24 54.37
CA ILE B 102 -3.74 15.65 53.03
C ILE B 102 -2.29 15.51 52.55
N LEU B 103 -1.95 14.33 52.07
CA LEU B 103 -0.63 14.04 51.53
C LEU B 103 -0.73 13.59 50.08
N ARG B 104 0.43 13.47 49.44
CA ARG B 104 0.53 13.04 48.04
C ARG B 104 1.71 12.08 47.95
N ILE B 105 1.42 10.79 48.06
CA ILE B 105 2.43 9.74 48.06
C ILE B 105 2.50 9.12 46.66
N PRO B 106 3.70 8.86 46.12
CA PRO B 106 3.79 8.23 44.80
C PRO B 106 3.17 6.84 44.79
N ALA B 107 2.63 6.47 43.64
CA ALA B 107 1.96 5.18 43.48
C ALA B 107 2.95 4.05 43.24
N LYS B 108 3.97 3.94 44.07
CA LYS B 108 4.90 2.83 43.99
C LYS B 108 5.32 2.31 45.35
N ARG B 109 4.78 2.85 46.45
CA ARG B 109 5.10 2.40 47.80
C ARG B 109 3.83 2.12 48.61
N ILE B 110 2.68 2.02 47.95
CA ILE B 110 1.41 1.78 48.61
C ILE B 110 0.69 0.64 47.88
N TRP B 111 0.03 -0.22 48.65
CA TRP B 111 -0.70 -1.34 48.07
C TRP B 111 -1.77 -0.86 47.10
N LEU B 112 -1.90 -1.55 45.98
CA LEU B 112 -2.87 -1.22 44.95
C LEU B 112 -3.71 -2.44 44.62
N PRO B 113 -4.97 -2.24 44.23
CA PRO B 113 -5.83 -3.39 43.86
C PRO B 113 -5.50 -3.99 42.51
N ASP B 114 -4.74 -3.29 41.66
CA ASP B 114 -4.32 -3.80 40.36
C ASP B 114 -5.52 -4.15 39.48
N ILE B 115 -6.31 -3.12 39.15
CA ILE B 115 -7.46 -3.24 38.27
C ILE B 115 -7.03 -2.80 36.88
N VAL B 116 -7.16 -3.70 35.90
CA VAL B 116 -6.69 -3.46 34.55
C VAL B 116 -7.76 -3.85 33.54
N LEU B 117 -7.60 -3.36 32.31
CA LEU B 117 -8.49 -3.70 31.22
C LEU B 117 -8.29 -5.16 30.80
N TYR B 118 -9.39 -5.89 30.62
CA TYR B 118 -9.34 -7.31 30.30
C TYR B 118 -9.73 -7.62 28.86
N ASN B 119 -9.84 -6.60 27.99
CA ASN B 119 -10.05 -6.85 26.56
C ASN B 119 -9.16 -5.95 25.74
N ASN B 120 -7.89 -5.83 26.14
CA ASN B 120 -6.93 -5.03 25.39
C ASN B 120 -6.70 -5.62 24.01
N ALA B 121 -6.57 -4.75 23.01
CA ALA B 121 -6.43 -5.22 21.63
C ALA B 121 -5.09 -5.92 21.43
N ASP B 122 -3.99 -5.29 21.86
CA ASP B 122 -2.68 -5.89 21.66
C ASP B 122 -2.46 -7.08 22.58
N GLY B 123 -2.99 -7.02 23.80
CA GLY B 123 -2.89 -8.13 24.71
C GLY B 123 -1.91 -7.90 25.85
N THR B 124 -1.79 -6.65 26.29
CA THR B 124 -0.88 -6.27 27.37
C THR B 124 -1.70 -5.98 28.62
N TYR B 125 -1.65 -6.89 29.59
CA TYR B 125 -2.33 -6.71 30.86
C TYR B 125 -1.39 -6.07 31.88
N GLU B 126 -0.79 -4.94 31.50
CA GLU B 126 0.18 -4.24 32.33
C GLU B 126 -0.04 -2.74 32.20
N VAL B 127 0.25 -2.01 33.27
CA VAL B 127 0.14 -0.56 33.30
C VAL B 127 1.38 0.02 33.96
N SER B 128 1.65 1.28 33.65
CA SER B 128 2.77 2.02 34.21
C SER B 128 2.28 2.97 35.27
N VAL B 129 2.93 2.95 36.44
CA VAL B 129 2.51 3.73 37.59
C VAL B 129 3.57 4.81 37.84
N TYR B 130 3.19 6.07 37.64
CA TYR B 130 4.07 7.19 37.95
C TYR B 130 3.35 8.36 38.59
N THR B 131 2.03 8.31 38.76
CA THR B 131 1.25 9.43 39.28
C THR B 131 1.05 9.29 40.78
N ASN B 132 1.04 10.42 41.47
CA ASN B 132 0.93 10.46 42.91
C ASN B 132 -0.46 10.07 43.38
N LEU B 133 -0.54 9.57 44.62
CA LEU B 133 -1.82 9.32 45.28
C LEU B 133 -2.27 10.55 46.04
N ILE B 134 -3.45 10.44 46.66
CA ILE B 134 -3.94 11.48 47.57
C ILE B 134 -4.49 10.79 48.82
N VAL B 135 -3.71 10.75 49.88
CA VAL B 135 -4.08 10.07 51.12
C VAL B 135 -4.62 11.11 52.09
N ARG B 136 -5.83 10.90 52.57
CA ARG B 136 -6.45 11.81 53.52
C ARG B 136 -6.08 11.39 54.94
N SER B 137 -6.64 12.10 55.93
CA SER B 137 -6.30 11.85 57.32
C SER B 137 -6.97 10.61 57.88
N ASN B 138 -8.19 10.31 57.42
CA ASN B 138 -8.95 9.20 57.98
C ASN B 138 -8.71 7.88 57.26
N GLY B 139 -7.81 7.85 56.29
CA GLY B 139 -7.44 6.63 55.59
C GLY B 139 -7.90 6.53 54.16
N SER B 140 -8.74 7.45 53.69
CA SER B 140 -9.21 7.38 52.31
C SER B 140 -8.05 7.55 51.34
N VAL B 141 -8.11 6.83 50.23
CA VAL B 141 -7.08 6.87 49.20
C VAL B 141 -7.76 7.13 47.86
N LEU B 142 -7.25 8.11 47.11
CA LEU B 142 -7.77 8.47 45.80
C LEU B 142 -6.67 8.32 44.76
N TRP B 143 -6.95 7.56 43.70
CA TRP B 143 -5.99 7.36 42.63
C TRP B 143 -6.70 7.58 41.30
N LEU B 144 -6.16 8.49 40.49
CA LEU B 144 -6.73 8.84 39.18
C LEU B 144 -5.59 8.90 38.17
N PRO B 145 -5.20 7.76 37.62
CA PRO B 145 -4.08 7.73 36.67
C PRO B 145 -4.58 7.98 35.26
N PRO B 146 -3.87 8.81 34.49
CA PRO B 146 -4.21 8.97 33.07
C PRO B 146 -3.91 7.70 32.30
N ALA B 147 -4.71 7.47 31.26
CA ALA B 147 -4.52 6.27 30.45
C ALA B 147 -5.19 6.46 29.09
N ILE B 148 -4.57 5.88 28.07
CA ILE B 148 -5.14 5.81 26.73
C ILE B 148 -5.28 4.33 26.38
N TYR B 149 -6.51 3.91 26.10
CA TYR B 149 -6.84 2.51 25.93
C TYR B 149 -7.18 2.19 24.48
N LYS B 150 -6.80 0.99 24.04
CA LYS B 150 -7.11 0.49 22.71
C LYS B 150 -7.82 -0.85 22.91
N SER B 151 -9.14 -0.81 23.02
CA SER B 151 -9.93 -2.02 23.27
C SER B 151 -10.39 -2.64 21.94
N ALA B 152 -10.98 -3.82 22.05
CA ALA B 152 -11.51 -4.55 20.91
C ALA B 152 -13.02 -4.66 21.04
N CYS B 153 -13.74 -4.32 19.98
CA CYS B 153 -15.19 -4.36 20.02
C CYS B 153 -15.72 -4.83 18.66
N LYS B 154 -16.93 -5.36 18.69
CA LYS B 154 -17.58 -5.88 17.49
C LYS B 154 -18.16 -4.73 16.68
N ILE B 155 -17.90 -4.72 15.38
CA ILE B 155 -18.39 -3.68 14.48
C ILE B 155 -19.45 -4.28 13.57
N GLU B 156 -20.63 -3.66 13.56
CA GLU B 156 -21.75 -4.09 12.73
C GLU B 156 -21.90 -3.13 11.57
N VAL B 157 -21.92 -3.67 10.34
CA VAL B 157 -21.86 -2.85 9.14
C VAL B 157 -23.01 -3.16 8.20
N LYS B 158 -24.16 -3.57 8.75
CA LYS B 158 -25.31 -3.86 7.90
C LYS B 158 -25.75 -2.63 7.12
N TYR B 159 -25.82 -1.48 7.79
CA TYR B 159 -26.12 -0.20 7.15
C TYR B 159 -24.88 0.67 7.33
N PHE B 160 -23.95 0.58 6.37
CA PHE B 160 -22.64 1.20 6.55
C PHE B 160 -22.70 2.71 6.75
N PRO B 161 -23.39 3.50 5.92
CA PRO B 161 -23.39 4.96 6.16
C PRO B 161 -24.15 5.36 7.41
N PHE B 162 -25.20 4.64 7.78
CA PHE B 162 -26.04 4.96 8.92
C PHE B 162 -26.01 3.78 9.88
N ASP B 163 -25.01 3.74 10.77
CA ASP B 163 -24.86 2.65 11.72
C ASP B 163 -24.60 3.20 13.10
N GLN B 164 -25.02 2.43 14.11
CA GLN B 164 -24.80 2.74 15.51
C GLN B 164 -24.12 1.56 16.17
N GLN B 165 -22.98 1.79 16.82
CA GLN B 165 -22.15 0.73 17.34
C GLN B 165 -22.33 0.58 18.84
N ASN B 166 -21.73 -0.50 19.37
CA ASN B 166 -21.85 -0.85 20.79
C ASN B 166 -20.54 -1.53 21.20
N CYS B 167 -19.62 -0.75 21.72
CA CYS B 167 -18.29 -1.23 22.12
C CYS B 167 -18.12 -1.11 23.62
N THR B 168 -17.55 -2.14 24.22
CA THR B 168 -17.49 -2.27 25.67
C THR B 168 -16.08 -2.02 26.19
N LEU B 169 -16.01 -1.72 27.49
CA LEU B 169 -14.76 -1.67 28.24
C LEU B 169 -14.94 -2.53 29.48
N LYS B 170 -14.04 -3.50 29.68
CA LYS B 170 -14.16 -4.46 30.77
C LYS B 170 -12.99 -4.27 31.74
N PHE B 171 -13.30 -4.01 33.00
CA PHE B 171 -12.29 -3.80 34.03
C PHE B 171 -12.42 -4.91 35.07
N ARG B 172 -11.35 -5.68 35.24
CA ARG B 172 -11.33 -6.76 36.22
C ARG B 172 -9.97 -6.78 36.90
N SER B 173 -9.93 -7.32 38.11
CA SER B 173 -8.69 -7.39 38.86
C SER B 173 -7.75 -8.41 38.25
N TRP B 174 -6.46 -8.20 38.46
CA TRP B 174 -5.40 -9.03 37.88
C TRP B 174 -4.76 -9.97 38.88
N THR B 175 -4.26 -9.44 40.00
CA THR B 175 -3.57 -10.25 40.99
C THR B 175 -4.48 -10.75 42.09
N TYR B 176 -5.75 -10.38 42.09
CA TYR B 176 -6.70 -10.82 43.10
C TYR B 176 -7.96 -11.34 42.43
N ASP B 177 -8.86 -11.88 43.25
CA ASP B 177 -10.16 -12.34 42.80
C ASP B 177 -11.18 -11.94 43.85
N HIS B 178 -12.36 -12.55 43.81
CA HIS B 178 -13.36 -12.27 44.83
C HIS B 178 -12.93 -12.87 46.17
N THR B 179 -13.77 -12.68 47.18
CA THR B 179 -13.49 -13.02 48.58
C THR B 179 -12.32 -12.21 49.12
N GLU B 180 -11.76 -11.33 48.30
CA GLU B 180 -10.73 -10.39 48.71
C GLU B 180 -11.08 -8.95 48.37
N ILE B 181 -11.75 -8.72 47.23
CA ILE B 181 -12.13 -7.38 46.80
C ILE B 181 -13.61 -7.38 46.47
N ASP B 182 -14.18 -6.18 46.45
CA ASP B 182 -15.62 -5.99 46.27
C ASP B 182 -15.89 -4.86 45.29
N MET B 183 -15.29 -4.94 44.10
CA MET B 183 -15.46 -3.94 43.05
C MET B 183 -16.92 -3.53 42.90
N VAL B 184 -17.20 -2.23 43.09
CA VAL B 184 -18.55 -1.71 43.08
C VAL B 184 -18.58 -0.44 42.25
N LEU B 185 -19.78 -0.03 41.86
CA LEU B 185 -19.99 1.12 40.99
C LEU B 185 -20.41 2.33 41.81
N MET B 186 -19.82 3.48 41.49
CA MET B 186 -20.15 4.72 42.17
C MET B 186 -21.32 5.44 41.52
N THR B 187 -21.28 5.60 40.19
CA THR B 187 -22.35 6.23 39.45
C THR B 187 -22.83 5.30 38.34
N PRO B 188 -24.14 5.20 38.13
CA PRO B 188 -24.65 4.27 37.10
C PRO B 188 -24.18 4.60 35.69
N THR B 189 -23.79 5.83 35.42
CA THR B 189 -23.31 6.23 34.11
C THR B 189 -21.84 6.65 34.22
N ALA B 190 -21.28 7.07 33.10
CA ALA B 190 -19.90 7.56 33.02
C ALA B 190 -19.96 9.04 32.65
N SER B 191 -19.65 9.91 33.61
CA SER B 191 -19.72 11.35 33.36
C SER B 191 -18.70 11.75 32.29
N MET B 192 -19.13 12.62 31.38
CA MET B 192 -18.32 13.04 30.24
C MET B 192 -17.89 14.50 30.32
N ASP B 193 -17.82 15.07 31.53
CA ASP B 193 -17.63 16.51 31.67
C ASP B 193 -16.18 16.91 31.45
N ASP B 194 -15.56 16.37 30.42
CA ASP B 194 -14.33 16.92 29.88
C ASP B 194 -14.28 16.83 28.36
N PHE B 195 -15.38 16.47 27.71
CA PHE B 195 -15.34 16.04 26.32
C PHE B 195 -14.97 17.18 25.37
N THR B 196 -14.09 16.88 24.43
CA THR B 196 -13.88 17.71 23.25
C THR B 196 -14.61 17.04 22.10
N PRO B 197 -15.68 17.63 21.58
CA PRO B 197 -16.55 16.90 20.65
C PRO B 197 -15.80 16.42 19.41
N SER B 198 -16.18 15.25 18.93
CA SER B 198 -15.55 14.64 17.76
C SER B 198 -16.15 15.24 16.50
N GLY B 199 -15.81 14.66 15.35
CA GLY B 199 -16.31 15.16 14.08
C GLY B 199 -16.94 14.10 13.22
N GLU B 200 -16.95 12.85 13.69
CA GLU B 200 -17.53 11.75 12.96
C GLU B 200 -18.51 10.90 13.76
N TRP B 201 -18.42 10.90 15.09
CA TRP B 201 -19.28 10.06 15.92
C TRP B 201 -19.99 10.92 16.96
N ASP B 202 -21.22 10.52 17.29
CA ASP B 202 -22.04 11.21 18.28
C ASP B 202 -22.33 10.27 19.44
N ILE B 203 -22.17 10.79 20.65
CA ILE B 203 -22.36 9.98 21.86
C ILE B 203 -23.84 9.94 22.21
N VAL B 204 -24.36 8.74 22.46
CA VAL B 204 -25.76 8.56 22.80
C VAL B 204 -25.91 8.38 24.31
N ALA B 205 -25.30 7.33 24.86
CA ALA B 205 -25.38 7.07 26.28
C ALA B 205 -24.20 6.20 26.68
N LEU B 206 -23.80 6.31 27.95
CA LEU B 206 -22.67 5.57 28.50
C LEU B 206 -23.07 4.94 29.83
N PRO B 207 -23.80 3.82 29.79
CA PRO B 207 -24.17 3.13 31.03
C PRO B 207 -23.15 2.09 31.44
N GLY B 208 -23.19 1.75 32.72
CA GLY B 208 -22.29 0.75 33.27
C GLY B 208 -23.01 -0.16 34.23
N ARG B 209 -22.60 -1.43 34.23
CA ARG B 209 -23.23 -2.45 35.05
C ARG B 209 -22.16 -3.32 35.68
N ARG B 210 -22.50 -3.90 36.83
CA ARG B 210 -21.60 -4.77 37.60
C ARG B 210 -22.16 -6.19 37.56
N THR B 211 -21.39 -7.10 36.97
CA THR B 211 -21.80 -8.48 36.77
C THR B 211 -21.02 -9.40 37.71
N VAL B 212 -21.72 -10.22 38.46
CA VAL B 212 -21.13 -11.25 39.32
C VAL B 212 -21.85 -12.56 39.05
N ASN B 213 -21.08 -13.62 38.79
CA ASN B 213 -21.69 -14.93 38.41
C ASN B 213 -21.93 -15.78 39.66
N PRO B 214 -23.20 -16.03 40.04
CA PRO B 214 -23.50 -16.80 41.24
C PRO B 214 -22.93 -18.22 41.14
N GLN B 215 -22.73 -18.73 39.92
CA GLN B 215 -22.21 -20.10 39.72
C GLN B 215 -20.69 -20.12 39.91
N ASP B 216 -20.10 -19.01 40.34
CA ASP B 216 -18.67 -18.96 40.59
C ASP B 216 -18.36 -17.92 41.66
N PRO B 217 -17.91 -18.34 42.84
CA PRO B 217 -17.65 -17.39 43.93
C PRO B 217 -16.36 -16.59 43.79
N SER B 218 -15.72 -16.61 42.62
CA SER B 218 -14.46 -15.90 42.40
C SER B 218 -14.52 -15.11 41.09
N TYR B 219 -15.61 -14.38 40.89
CA TYR B 219 -15.79 -13.62 39.66
C TYR B 219 -16.59 -12.36 39.97
N VAL B 220 -15.94 -11.21 39.90
CA VAL B 220 -16.59 -9.91 40.03
C VAL B 220 -16.11 -9.02 38.90
N ASP B 221 -17.04 -8.29 38.28
CA ASP B 221 -16.72 -7.53 37.09
C ASP B 221 -17.46 -6.19 37.09
N VAL B 222 -16.83 -5.20 36.46
CA VAL B 222 -17.43 -3.90 36.22
C VAL B 222 -17.12 -3.53 34.77
N THR B 223 -18.15 -3.17 34.01
CA THR B 223 -17.99 -2.91 32.59
C THR B 223 -18.79 -1.69 32.16
N TYR B 224 -18.21 -0.92 31.25
CA TYR B 224 -18.86 0.23 30.62
C TYR B 224 -18.91 0.01 29.12
N ASP B 225 -20.06 0.31 28.52
CA ASP B 225 -20.26 0.15 27.09
C ASP B 225 -20.64 1.47 26.45
N PHE B 226 -20.06 1.74 25.28
CA PHE B 226 -20.27 2.98 24.56
C PHE B 226 -21.19 2.74 23.37
N ILE B 227 -22.25 3.54 23.27
CA ILE B 227 -23.16 3.51 22.12
C ILE B 227 -22.92 4.79 21.34
N ILE B 228 -22.42 4.66 20.11
CA ILE B 228 -22.02 5.78 19.29
C ILE B 228 -22.75 5.70 17.95
N LYS B 229 -23.31 6.83 17.52
CA LYS B 229 -24.03 6.93 16.25
C LYS B 229 -23.23 7.80 15.29
N ARG B 230 -23.06 7.32 14.06
CA ARG B 230 -22.26 8.03 13.08
C ARG B 230 -22.99 9.29 12.61
N LYS B 231 -22.23 10.14 11.90
CA LYS B 231 -22.75 11.38 11.31
C LYS B 231 -22.52 11.33 9.82
N PRO B 232 -23.47 10.79 9.05
CA PRO B 232 -23.25 10.65 7.60
C PRO B 232 -23.46 11.93 6.83
N LEU B 233 -22.38 12.59 6.45
CA LEU B 233 -22.38 13.65 5.45
C LEU B 233 -21.27 13.47 4.43
N PHE B 234 -20.10 12.99 4.86
CA PHE B 234 -18.98 12.80 3.94
C PHE B 234 -19.23 11.60 3.04
N TYR B 235 -19.69 10.49 3.60
CA TYR B 235 -19.90 9.28 2.81
C TYR B 235 -21.14 9.38 1.95
N THR B 236 -22.18 10.07 2.41
CA THR B 236 -23.38 10.25 1.61
C THR B 236 -23.14 11.12 0.39
N ILE B 237 -22.01 11.81 0.32
CA ILE B 237 -21.66 12.64 -0.83
C ILE B 237 -20.57 11.98 -1.68
N ASN B 238 -19.56 11.38 -1.04
CA ASN B 238 -18.50 10.70 -1.77
C ASN B 238 -18.85 9.27 -2.15
N LEU B 239 -20.06 8.82 -1.81
CA LEU B 239 -20.56 7.51 -2.21
C LEU B 239 -22.07 7.61 -2.34
N ILE B 240 -22.72 6.46 -2.52
CA ILE B 240 -24.17 6.38 -2.67
C ILE B 240 -24.63 7.15 -3.90
N ILE B 241 -24.47 8.48 -3.88
CA ILE B 241 -24.90 9.30 -5.01
C ILE B 241 -24.15 8.95 -6.29
N PRO B 242 -22.81 8.91 -6.31
CA PRO B 242 -22.13 8.44 -7.53
C PRO B 242 -22.52 7.03 -7.92
N CYS B 243 -22.72 6.15 -6.94
CA CYS B 243 -23.19 4.80 -7.24
C CYS B 243 -24.58 4.82 -7.86
N VAL B 244 -25.45 5.69 -7.35
CA VAL B 244 -26.80 5.81 -7.92
C VAL B 244 -26.74 6.29 -9.35
N LEU B 245 -25.89 7.30 -9.62
CA LEU B 245 -25.76 7.79 -11.00
C LEU B 245 -25.21 6.72 -11.93
N THR B 246 -24.19 5.99 -11.49
CA THR B 246 -23.61 4.94 -12.33
C THR B 246 -24.62 3.83 -12.58
N THR B 247 -25.42 3.48 -11.57
CA THR B 247 -26.47 2.48 -11.75
C THR B 247 -27.52 2.97 -12.74
N LEU B 248 -27.91 4.24 -12.63
CA LEU B 248 -28.88 4.80 -13.56
C LEU B 248 -28.35 4.82 -14.99
N LEU B 249 -27.03 4.94 -15.15
CA LEU B 249 -26.42 4.91 -16.48
C LEU B 249 -26.52 3.55 -17.16
N ALA B 250 -26.89 2.50 -16.42
CA ALA B 250 -26.84 1.14 -16.96
C ALA B 250 -28.00 0.82 -17.90
N ILE B 251 -29.05 1.65 -17.95
CA ILE B 251 -30.22 1.36 -18.76
C ILE B 251 -30.18 2.05 -20.12
N LEU B 252 -29.17 2.87 -20.39
CA LEU B 252 -29.12 3.62 -21.64
C LEU B 252 -28.71 2.74 -22.82
N VAL B 253 -28.12 1.57 -22.58
CA VAL B 253 -27.65 0.75 -23.70
C VAL B 253 -28.82 0.24 -24.53
N PHE B 254 -29.95 -0.06 -23.89
CA PHE B 254 -31.10 -0.57 -24.61
C PHE B 254 -31.78 0.48 -25.48
N TYR B 255 -31.21 1.67 -25.60
CA TYR B 255 -31.74 2.72 -26.46
C TYR B 255 -30.81 3.10 -27.60
N LEU B 256 -29.54 2.72 -27.56
CA LEU B 256 -28.63 3.05 -28.63
C LEU B 256 -29.01 2.30 -29.91
N PRO B 257 -28.91 2.95 -31.07
CA PRO B 257 -29.14 2.23 -32.33
C PRO B 257 -28.03 1.23 -32.60
N SER B 258 -28.37 0.18 -33.36
CA SER B 258 -27.40 -0.85 -33.66
C SER B 258 -26.39 -0.39 -34.71
N ASP B 259 -26.79 0.54 -35.58
CA ASP B 259 -25.89 1.00 -36.64
C ASP B 259 -24.73 1.83 -36.10
N CYS B 260 -24.86 2.42 -34.92
CA CYS B 260 -23.79 3.24 -34.37
C CYS B 260 -22.55 2.40 -34.10
N GLY B 261 -22.73 1.18 -33.63
CA GLY B 261 -21.61 0.30 -33.35
C GLY B 261 -20.82 0.65 -32.11
N GLU B 262 -21.49 1.16 -31.07
CA GLU B 262 -20.84 1.47 -29.80
C GLU B 262 -21.55 0.81 -28.62
N LYS B 263 -22.47 -0.11 -28.88
CA LYS B 263 -23.18 -0.79 -27.79
C LYS B 263 -22.21 -1.54 -26.90
N MET B 264 -21.32 -2.33 -27.50
CA MET B 264 -20.34 -3.07 -26.71
C MET B 264 -19.38 -2.16 -25.98
N THR B 265 -19.11 -0.97 -26.55
CA THR B 265 -18.29 0.00 -25.84
C THR B 265 -18.99 0.52 -24.60
N LEU B 266 -20.31 0.76 -24.69
CA LEU B 266 -21.03 1.30 -23.55
C LEU B 266 -21.16 0.30 -22.42
N CYS B 267 -21.45 -0.97 -22.74
CA CYS B 267 -21.73 -1.95 -21.69
C CYS B 267 -20.48 -2.22 -20.84
N ILE B 268 -19.34 -2.43 -21.48
CA ILE B 268 -18.14 -2.83 -20.74
C ILE B 268 -17.67 -1.72 -19.82
N SER B 269 -17.82 -0.46 -20.26
CA SER B 269 -17.34 0.66 -19.45
C SER B 269 -18.14 0.81 -18.17
N VAL B 270 -19.45 0.54 -18.22
CA VAL B 270 -20.29 0.67 -17.03
C VAL B 270 -19.90 -0.36 -15.97
N LEU B 271 -19.57 -1.57 -16.41
CA LEU B 271 -19.17 -2.62 -15.47
C LEU B 271 -17.90 -2.24 -14.72
N LEU B 272 -16.92 -1.68 -15.43
CA LEU B 272 -15.67 -1.29 -14.80
C LEU B 272 -15.89 -0.18 -13.76
N ALA B 273 -16.75 0.79 -14.10
CA ALA B 273 -17.04 1.88 -13.17
C ALA B 273 -17.70 1.34 -11.90
N LEU B 274 -18.61 0.37 -12.04
CA LEU B 274 -19.19 -0.25 -10.87
C LEU B 274 -18.17 -1.06 -10.10
N THR B 275 -17.18 -1.64 -10.80
CA THR B 275 -16.11 -2.36 -10.11
C THR B 275 -15.28 -1.41 -9.25
N PHE B 276 -15.04 -0.19 -9.74
CA PHE B 276 -14.28 0.80 -8.99
C PHE B 276 -14.94 1.10 -7.64
N PHE B 277 -16.26 1.24 -7.62
CA PHE B 277 -16.95 1.57 -6.38
C PHE B 277 -16.94 0.39 -5.41
N LEU B 278 -17.05 -0.83 -5.94
CA LEU B 278 -17.08 -2.01 -5.06
C LEU B 278 -15.76 -2.18 -4.33
N LEU B 279 -14.64 -1.90 -5.02
CA LEU B 279 -13.33 -1.95 -4.38
C LEU B 279 -13.23 -0.92 -3.26
N LEU B 280 -13.79 0.26 -3.48
CA LEU B 280 -13.76 1.32 -2.48
C LEU B 280 -14.52 0.92 -1.22
N ILE B 281 -15.69 0.32 -1.40
CA ILE B 281 -16.51 -0.04 -0.24
C ILE B 281 -15.89 -1.19 0.54
N SER B 282 -15.36 -2.20 -0.17
CA SER B 282 -14.78 -3.37 0.47
C SER B 282 -13.48 -3.07 1.19
N LYS B 283 -12.89 -1.90 1.00
CA LYS B 283 -11.67 -1.51 1.70
C LYS B 283 -11.95 -0.70 2.97
N ILE B 284 -13.21 -0.51 3.33
CA ILE B 284 -13.58 0.19 4.54
C ILE B 284 -14.17 -0.76 5.58
N VAL B 285 -15.13 -1.58 5.17
CA VAL B 285 -15.75 -2.55 6.07
C VAL B 285 -14.75 -3.67 6.35
N PRO B 286 -14.82 -4.32 7.50
CA PRO B 286 -13.91 -5.44 7.78
C PRO B 286 -14.28 -6.66 6.97
N PRO B 287 -13.40 -7.66 6.89
CA PRO B 287 -13.78 -8.92 6.23
C PRO B 287 -15.05 -9.50 6.84
N THR B 288 -16.12 -9.54 6.05
CA THR B 288 -17.43 -9.92 6.56
C THR B 288 -17.55 -11.44 6.68
N SER B 289 -18.43 -11.86 7.58
CA SER B 289 -18.74 -13.27 7.78
C SER B 289 -20.18 -13.61 7.40
N LEU B 290 -21.16 -12.90 7.94
CA LEU B 290 -22.55 -13.14 7.60
C LEU B 290 -23.37 -11.87 7.41
N ASP B 291 -22.88 -10.70 7.81
CA ASP B 291 -23.63 -9.44 7.69
C ASP B 291 -22.97 -8.61 6.60
N VAL B 292 -23.41 -8.83 5.36
CA VAL B 292 -22.94 -8.05 4.22
C VAL B 292 -23.64 -6.69 4.25
N PRO B 293 -22.93 -5.59 4.01
CA PRO B 293 -23.59 -4.28 4.00
C PRO B 293 -24.65 -4.18 2.91
N LEU B 294 -25.69 -3.40 3.21
CA LEU B 294 -26.79 -3.25 2.26
C LEU B 294 -26.37 -2.50 0.99
N ILE B 295 -25.34 -1.65 1.08
CA ILE B 295 -24.82 -0.97 -0.10
C ILE B 295 -23.96 -1.88 -0.95
N GLY B 296 -23.57 -3.05 -0.44
CA GLY B 296 -22.77 -3.98 -1.21
C GLY B 296 -23.60 -4.98 -1.98
N LYS B 297 -24.71 -5.44 -1.39
CA LYS B 297 -25.59 -6.36 -2.08
C LYS B 297 -26.25 -5.71 -3.29
N TYR B 298 -26.43 -4.40 -3.26
CA TYR B 298 -26.98 -3.68 -4.41
C TYR B 298 -26.04 -3.77 -5.61
N LEU B 299 -24.74 -3.62 -5.37
CA LEU B 299 -23.78 -3.56 -6.47
C LEU B 299 -23.66 -4.90 -7.19
N MET B 300 -23.71 -6.01 -6.44
CA MET B 300 -23.66 -7.32 -7.10
C MET B 300 -24.89 -7.52 -7.98
N PHE B 301 -26.06 -7.10 -7.50
CA PHE B 301 -27.28 -7.18 -8.30
C PHE B 301 -27.14 -6.36 -9.58
N THR B 302 -26.60 -5.14 -9.46
CA THR B 302 -26.41 -4.30 -10.63
C THR B 302 -25.43 -4.94 -11.61
N MET B 303 -24.36 -5.55 -11.10
CA MET B 303 -23.37 -6.19 -11.97
C MET B 303 -23.98 -7.37 -12.71
N VAL B 304 -24.79 -8.17 -12.02
CA VAL B 304 -25.45 -9.29 -12.68
C VAL B 304 -26.39 -8.78 -13.79
N LEU B 305 -27.13 -7.72 -13.49
CA LEU B 305 -28.01 -7.14 -14.51
C LEU B 305 -27.21 -6.63 -15.70
N VAL B 306 -26.04 -6.03 -15.45
CA VAL B 306 -25.23 -5.51 -16.54
C VAL B 306 -24.67 -6.64 -17.40
N THR B 307 -24.27 -7.76 -16.77
CA THR B 307 -23.82 -8.91 -17.55
C THR B 307 -24.93 -9.47 -18.42
N PHE B 308 -26.14 -9.58 -17.87
CA PHE B 308 -27.29 -9.97 -18.67
C PHE B 308 -27.50 -9.00 -19.83
N SER B 309 -27.30 -7.70 -19.58
CA SER B 309 -27.43 -6.71 -20.63
C SER B 309 -26.39 -6.94 -21.72
N ILE B 310 -25.17 -7.29 -21.35
CA ILE B 310 -24.12 -7.54 -22.34
C ILE B 310 -24.51 -8.72 -23.23
N VAL B 311 -25.00 -9.80 -22.61
CA VAL B 311 -25.39 -10.97 -23.39
C VAL B 311 -26.53 -10.64 -24.34
N THR B 312 -27.54 -9.91 -23.85
CA THR B 312 -28.67 -9.55 -24.70
C THR B 312 -28.25 -8.61 -25.82
N SER B 313 -27.31 -7.71 -25.54
CA SER B 313 -26.81 -6.82 -26.58
C SER B 313 -26.08 -7.59 -27.68
N VAL B 314 -25.30 -8.60 -27.29
CA VAL B 314 -24.63 -9.43 -28.30
C VAL B 314 -25.67 -10.14 -29.15
N CYS B 315 -26.72 -10.69 -28.53
CA CYS B 315 -27.76 -11.37 -29.30
C CYS B 315 -28.47 -10.40 -30.26
N VAL B 316 -28.76 -9.19 -29.79
CA VAL B 316 -29.43 -8.20 -30.64
C VAL B 316 -28.54 -7.82 -31.82
N LEU B 317 -27.25 -7.61 -31.55
CA LEU B 317 -26.32 -7.26 -32.64
C LEU B 317 -26.25 -8.37 -33.67
N ASN B 318 -26.27 -9.64 -33.22
CA ASN B 318 -26.30 -10.73 -34.18
C ASN B 318 -27.58 -10.72 -35.00
N VAL B 319 -28.71 -10.44 -34.36
CA VAL B 319 -29.98 -10.45 -35.09
C VAL B 319 -30.03 -9.32 -36.11
N HIS B 320 -29.44 -8.16 -35.79
CA HIS B 320 -29.55 -7.00 -36.68
C HIS B 320 -28.85 -7.24 -38.01
N HIS B 321 -27.66 -7.84 -37.99
CA HIS B 321 -26.84 -7.99 -39.19
C HIS B 321 -27.17 -9.32 -39.87
N ARG B 322 -28.31 -9.34 -40.56
CA ARG B 322 -28.75 -10.52 -41.30
C ARG B 322 -29.19 -10.12 -42.69
N SER B 323 -28.96 -11.02 -43.65
CA SER B 323 -29.24 -10.80 -45.06
C SER B 323 -29.87 -12.05 -45.64
N PRO B 324 -30.67 -11.91 -46.70
CA PRO B 324 -31.28 -13.11 -47.31
C PRO B 324 -30.28 -14.07 -47.91
N SER B 325 -29.04 -13.64 -48.19
CA SER B 325 -28.04 -14.52 -48.76
C SER B 325 -27.42 -15.46 -47.74
N THR B 326 -27.57 -15.19 -46.45
CA THR B 326 -27.01 -16.03 -45.40
C THR B 326 -28.04 -16.59 -44.43
N HIS B 327 -29.14 -15.88 -44.20
CA HIS B 327 -30.19 -16.32 -43.28
C HIS B 327 -31.54 -16.29 -43.98
N THR B 328 -32.47 -17.08 -43.46
CA THR B 328 -33.83 -17.14 -43.96
C THR B 328 -34.79 -16.95 -42.78
N MET B 329 -35.82 -16.14 -42.99
CA MET B 329 -36.77 -15.85 -41.92
C MET B 329 -37.85 -16.93 -41.87
N ALA B 330 -38.01 -17.56 -40.72
CA ALA B 330 -39.04 -18.57 -40.57
C ALA B 330 -40.42 -17.93 -40.56
N PRO B 331 -41.44 -18.65 -41.03
CA PRO B 331 -42.80 -18.06 -41.07
C PRO B 331 -43.32 -17.65 -39.71
N TRP B 332 -42.92 -18.34 -38.63
CA TRP B 332 -43.41 -17.99 -37.31
C TRP B 332 -42.77 -16.72 -36.79
N VAL B 333 -41.54 -16.41 -37.24
CA VAL B 333 -40.87 -15.19 -36.79
C VAL B 333 -41.62 -13.96 -37.26
N LYS B 334 -42.07 -13.97 -38.52
CA LYS B 334 -42.80 -12.83 -39.08
C LYS B 334 -44.22 -12.71 -38.57
N ARG B 335 -44.71 -13.71 -37.83
CA ARG B 335 -46.05 -13.66 -37.23
C ARG B 335 -46.03 -13.28 -35.77
N CYS B 336 -45.01 -13.69 -35.01
CA CYS B 336 -44.94 -13.38 -33.60
C CYS B 336 -44.12 -12.13 -33.31
N PHE B 337 -43.04 -11.91 -34.06
CA PHE B 337 -42.15 -10.79 -33.82
C PHE B 337 -42.46 -9.57 -34.68
N LEU B 338 -43.48 -9.65 -35.53
CA LEU B 338 -43.75 -8.55 -36.45
C LEU B 338 -45.17 -8.02 -36.38
N HIS B 339 -46.16 -8.88 -36.13
CA HIS B 339 -47.55 -8.47 -36.15
C HIS B 339 -48.27 -8.69 -34.83
N LYS B 340 -47.62 -9.31 -33.84
CA LYS B 340 -48.23 -9.51 -32.52
C LYS B 340 -47.49 -8.75 -31.43
N LEU B 341 -46.18 -8.96 -31.31
CA LEU B 341 -45.41 -8.27 -30.28
C LEU B 341 -45.38 -6.75 -30.46
N PRO B 342 -45.15 -6.19 -31.66
CA PRO B 342 -45.10 -4.73 -31.77
C PRO B 342 -46.38 -4.03 -31.34
N THR B 343 -47.53 -4.66 -31.53
CA THR B 343 -48.78 -4.07 -31.05
C THR B 343 -48.93 -4.14 -29.54
N PHE B 344 -48.10 -4.95 -28.87
CA PHE B 344 -48.16 -5.09 -27.43
C PHE B 344 -47.25 -4.13 -26.70
N LEU B 345 -46.20 -3.63 -27.36
CA LEU B 345 -45.22 -2.74 -26.74
C LEU B 345 -45.44 -1.28 -27.10
N PHE B 346 -46.60 -0.94 -27.69
CA PHE B 346 -46.94 0.42 -28.08
C PHE B 346 -45.92 0.99 -29.07
N MET B 347 -45.79 0.29 -30.19
CA MET B 347 -44.93 0.74 -31.28
C MET B 347 -45.55 0.29 -32.60
N LYS B 348 -45.26 1.05 -33.66
CA LYS B 348 -45.81 0.76 -34.97
C LYS B 348 -44.88 1.30 -36.04
N ARG B 349 -45.04 0.78 -37.25
CA ARG B 349 -44.20 1.19 -38.38
C ARG B 349 -44.87 2.29 -39.19
N PRO B 519 -34.89 -4.19 -86.17
CA PRO B 519 -34.19 -5.46 -85.96
C PRO B 519 -33.48 -5.53 -84.62
N ASP B 520 -32.89 -4.42 -84.19
CA ASP B 520 -32.18 -4.36 -82.91
C ASP B 520 -33.09 -4.02 -81.73
N LEU B 521 -34.35 -3.67 -82.00
CA LEU B 521 -35.25 -3.31 -80.91
C LEU B 521 -35.51 -4.50 -79.99
N ALA B 522 -35.48 -5.72 -80.52
CA ALA B 522 -35.63 -6.90 -79.67
C ALA B 522 -34.50 -6.98 -78.66
N GLU B 523 -33.27 -6.76 -79.11
CA GLU B 523 -32.13 -6.79 -78.20
C GLU B 523 -32.18 -5.64 -77.19
N ILE B 524 -32.59 -4.46 -77.65
CA ILE B 524 -32.73 -3.32 -76.74
C ILE B 524 -33.74 -3.64 -75.65
N LEU B 525 -34.89 -4.19 -76.04
CA LEU B 525 -35.91 -4.56 -75.06
C LEU B 525 -35.40 -5.63 -74.11
N GLU B 526 -34.65 -6.61 -74.62
CA GLU B 526 -34.12 -7.66 -73.76
C GLU B 526 -33.20 -7.08 -72.69
N GLU B 527 -32.28 -6.19 -73.10
CA GLU B 527 -31.34 -5.64 -72.14
C GLU B 527 -32.05 -4.74 -71.12
N VAL B 528 -32.99 -3.91 -71.58
CA VAL B 528 -33.68 -3.03 -70.63
C VAL B 528 -34.55 -3.84 -69.67
N SER B 529 -35.16 -4.93 -70.14
CA SER B 529 -35.92 -5.80 -69.25
C SER B 529 -35.02 -6.49 -68.24
N TYR B 530 -33.80 -6.89 -68.66
CA TYR B 530 -32.85 -7.45 -67.72
C TYR B 530 -32.50 -6.45 -66.63
N ILE B 531 -32.27 -5.19 -67.02
CA ILE B 531 -31.97 -4.15 -66.03
C ILE B 531 -33.12 -3.98 -65.05
N ALA B 532 -34.35 -3.94 -65.57
CA ALA B 532 -35.51 -3.77 -64.70
C ALA B 532 -35.65 -4.94 -63.73
N ASN B 533 -35.45 -6.17 -64.20
CA ASN B 533 -35.56 -7.34 -63.33
C ASN B 533 -34.48 -7.32 -62.25
N ARG B 534 -33.26 -6.91 -62.61
CA ARG B 534 -32.21 -6.77 -61.61
C ARG B 534 -32.58 -5.76 -60.54
N PHE B 535 -33.16 -4.63 -60.95
CA PHE B 535 -33.57 -3.63 -59.98
C PHE B 535 -34.66 -4.17 -59.06
N ARG B 536 -35.62 -4.93 -59.62
CA ARG B 536 -36.68 -5.51 -58.79
C ARG B 536 -36.10 -6.49 -57.76
N ASN B 537 -35.16 -7.33 -58.18
CA ASN B 537 -34.55 -8.27 -57.24
C ASN B 537 -33.81 -7.53 -56.13
N GLN B 538 -33.08 -6.47 -56.49
CA GLN B 538 -32.39 -5.67 -55.47
C GLN B 538 -33.37 -5.09 -54.48
N ASP B 539 -34.49 -4.55 -54.96
CA ASP B 539 -35.49 -3.98 -54.07
C ASP B 539 -36.07 -5.03 -53.13
N GLU B 540 -36.33 -6.23 -53.64
CA GLU B 540 -36.90 -7.29 -52.81
C GLU B 540 -35.95 -7.67 -51.67
N ASP B 541 -34.67 -7.90 -51.99
CA ASP B 541 -33.77 -8.30 -50.93
C ASP B 541 -33.51 -7.14 -49.96
N GLN B 542 -33.55 -5.90 -50.44
CA GLN B 542 -33.42 -4.77 -49.54
C GLN B 542 -34.59 -4.71 -48.56
N SER B 543 -35.81 -4.99 -49.04
CA SER B 543 -36.96 -5.02 -48.15
C SER B 543 -36.81 -6.12 -47.10
N VAL B 544 -36.29 -7.28 -47.50
CA VAL B 544 -36.08 -8.35 -46.52
C VAL B 544 -35.08 -7.91 -45.46
N VAL B 545 -34.01 -7.22 -45.87
CA VAL B 545 -33.03 -6.71 -44.91
C VAL B 545 -33.69 -5.73 -43.94
N GLU B 546 -34.54 -4.85 -44.45
CA GLU B 546 -35.24 -3.91 -43.58
C GLU B 546 -36.13 -4.64 -42.57
N ASP B 547 -36.78 -5.71 -43.01
CA ASP B 547 -37.60 -6.50 -42.09
C ASP B 547 -36.76 -7.11 -40.98
N TRP B 548 -35.57 -7.62 -41.33
CA TRP B 548 -34.67 -8.15 -40.31
C TRP B 548 -34.28 -7.07 -39.31
N LYS B 549 -33.96 -5.88 -39.81
CA LYS B 549 -33.57 -4.78 -38.91
C LYS B 549 -34.72 -4.42 -37.97
N TYR B 550 -35.95 -4.37 -38.48
CA TYR B 550 -37.08 -4.04 -37.62
C TYR B 550 -37.35 -5.13 -36.59
N VAL B 551 -37.14 -6.40 -36.97
CA VAL B 551 -37.28 -7.48 -36.00
C VAL B 551 -36.28 -7.32 -34.86
N ALA B 552 -35.03 -6.97 -35.20
CA ALA B 552 -34.03 -6.72 -34.17
C ALA B 552 -34.45 -5.54 -33.28
N MET B 553 -34.98 -4.47 -33.89
CA MET B 553 -35.41 -3.32 -33.11
C MET B 553 -36.54 -3.68 -32.15
N VAL B 554 -37.46 -4.53 -32.60
CA VAL B 554 -38.55 -4.97 -31.73
C VAL B 554 -38.01 -5.82 -30.58
N VAL B 555 -37.05 -6.71 -30.88
CA VAL B 555 -36.47 -7.54 -29.84
C VAL B 555 -35.79 -6.68 -28.78
N ASP B 556 -35.11 -5.61 -29.20
CA ASP B 556 -34.39 -4.77 -28.25
C ASP B 556 -35.33 -4.10 -27.26
N ARG B 557 -36.50 -3.63 -27.73
CA ARG B 557 -37.42 -2.93 -26.85
C ARG B 557 -38.04 -3.84 -25.80
N LEU B 558 -38.15 -5.14 -26.09
CA LEU B 558 -38.76 -6.06 -25.14
C LEU B 558 -37.98 -6.14 -23.84
N PHE B 559 -36.64 -6.15 -23.94
CA PHE B 559 -35.80 -6.27 -22.76
C PHE B 559 -35.65 -4.95 -22.01
N LEU B 560 -36.12 -3.84 -22.56
CA LEU B 560 -36.06 -2.57 -21.83
C LEU B 560 -37.10 -2.56 -20.71
N TRP B 561 -38.27 -3.13 -20.94
CA TRP B 561 -39.29 -3.19 -19.89
C TRP B 561 -38.96 -4.26 -18.86
N VAL B 562 -38.40 -5.39 -19.30
CA VAL B 562 -37.99 -6.43 -18.36
C VAL B 562 -36.90 -5.91 -17.43
N PHE B 563 -35.93 -5.19 -17.99
CA PHE B 563 -34.87 -4.61 -17.16
C PHE B 563 -35.44 -3.59 -16.17
N MET B 564 -36.40 -2.78 -16.61
CA MET B 564 -36.97 -1.77 -15.74
C MET B 564 -37.73 -2.40 -14.58
N PHE B 565 -38.55 -3.41 -14.86
CA PHE B 565 -39.40 -4.00 -13.84
C PHE B 565 -38.62 -4.92 -12.91
N VAL B 566 -37.65 -5.68 -13.45
CA VAL B 566 -36.85 -6.54 -12.59
C VAL B 566 -35.90 -5.73 -11.71
N CYS B 567 -35.58 -4.50 -12.10
CA CYS B 567 -34.71 -3.67 -11.28
C CYS B 567 -35.43 -3.12 -10.05
N VAL B 568 -36.67 -2.68 -10.22
CA VAL B 568 -37.39 -2.07 -9.09
C VAL B 568 -37.74 -3.12 -8.04
N LEU B 569 -38.03 -4.35 -8.46
CA LEU B 569 -38.36 -5.40 -7.48
C LEU B 569 -37.13 -5.79 -6.67
N GLY B 570 -35.95 -5.78 -7.29
CA GLY B 570 -34.74 -6.07 -6.54
C GLY B 570 -34.43 -5.01 -5.51
N THR B 571 -34.66 -3.74 -5.84
CA THR B 571 -34.44 -2.66 -4.88
C THR B 571 -35.46 -2.71 -3.75
N VAL B 572 -36.69 -3.13 -4.04
CA VAL B 572 -37.72 -3.22 -3.00
C VAL B 572 -37.33 -4.24 -1.94
N GLY B 573 -36.82 -5.39 -2.37
CA GLY B 573 -36.43 -6.46 -1.46
C GLY B 573 -35.37 -6.05 -0.46
N LEU B 574 -34.18 -5.74 -0.94
CA LEU B 574 -33.09 -5.34 -0.05
C LEU B 574 -33.15 -3.84 0.26
N ALA C 32 1.97 -8.15 63.11
CA ALA C 32 1.39 -8.66 61.88
C ALA C 32 1.81 -10.10 61.62
N THR C 33 0.83 -11.01 61.69
CA THR C 33 1.13 -12.42 61.48
C THR C 33 1.63 -12.70 60.07
N GLU C 34 0.99 -12.09 59.07
CA GLU C 34 1.39 -12.32 57.69
C GLU C 34 2.80 -11.81 57.43
N GLU C 35 3.15 -10.66 57.99
CA GLU C 35 4.50 -10.13 57.85
C GLU C 35 5.52 -11.06 58.49
N ARG C 36 5.20 -11.61 59.66
CA ARG C 36 6.11 -12.55 60.31
C ARG C 36 6.31 -13.80 59.47
N LEU C 37 5.21 -14.33 58.90
CA LEU C 37 5.32 -15.52 58.05
C LEU C 37 6.15 -15.22 56.81
N PHE C 38 5.92 -14.06 56.18
CA PHE C 38 6.69 -13.68 55.00
C PHE C 38 8.17 -13.54 55.32
N HIS C 39 8.49 -12.95 56.48
CA HIS C 39 9.89 -12.80 56.88
C HIS C 39 10.53 -14.17 57.14
N LYS C 40 9.82 -15.06 57.83
CA LYS C 40 10.41 -16.36 58.15
C LYS C 40 10.61 -17.20 56.89
N LEU C 41 9.65 -17.18 55.96
CA LEU C 41 9.74 -18.03 54.78
C LEU C 41 10.93 -17.65 53.90
N PHE C 42 11.17 -16.36 53.71
CA PHE C 42 12.18 -15.88 52.76
C PHE C 42 13.42 -15.34 53.46
N SER C 43 13.65 -15.72 54.72
CA SER C 43 14.85 -15.26 55.42
C SER C 43 16.11 -15.80 54.76
N HIS C 44 16.16 -17.12 54.54
CA HIS C 44 17.29 -17.77 53.88
C HIS C 44 16.74 -18.57 52.70
N TYR C 45 16.81 -17.98 51.51
CA TYR C 45 16.27 -18.61 50.31
C TYR C 45 17.02 -18.10 49.09
N ASN C 46 17.26 -19.01 48.14
CA ASN C 46 17.85 -18.67 46.86
C ASN C 46 17.13 -19.43 45.77
N GLN C 47 16.99 -18.80 44.60
CA GLN C 47 16.22 -19.35 43.50
C GLN C 47 17.07 -20.12 42.49
N PHE C 48 18.36 -20.28 42.75
CA PHE C 48 19.25 -20.97 41.82
C PHE C 48 19.31 -22.48 42.04
N ILE C 49 18.57 -23.00 43.02
CA ILE C 49 18.64 -24.41 43.39
C ILE C 49 17.28 -25.04 43.16
N ARG C 50 17.29 -26.28 42.67
CA ARG C 50 16.05 -27.01 42.44
C ARG C 50 15.35 -27.29 43.77
N PRO C 51 14.02 -27.30 43.78
CA PRO C 51 13.28 -27.52 45.02
C PRO C 51 13.24 -28.96 45.51
N VAL C 52 13.97 -29.87 44.86
CA VAL C 52 13.96 -31.26 45.28
C VAL C 52 14.64 -31.40 46.64
N GLU C 53 14.14 -32.33 47.46
CA GLU C 53 14.70 -32.53 48.79
C GLU C 53 15.94 -33.42 48.74
N ASN C 54 15.79 -34.63 48.22
CA ASN C 54 16.90 -35.57 48.08
C ASN C 54 17.44 -35.49 46.65
N VAL C 55 18.77 -35.52 46.52
CA VAL C 55 19.38 -35.40 45.21
C VAL C 55 19.01 -36.61 44.34
N SER C 56 19.22 -36.44 43.03
CA SER C 56 18.92 -37.48 42.04
C SER C 56 17.44 -37.89 42.07
N ASP C 57 16.57 -36.90 42.22
CA ASP C 57 15.13 -37.12 42.14
C ASP C 57 14.49 -36.07 41.25
N PRO C 58 13.47 -36.45 40.47
CA PRO C 58 12.85 -35.48 39.55
C PRO C 58 11.71 -34.70 40.20
N VAL C 59 11.67 -33.40 39.93
CA VAL C 59 10.57 -32.57 40.42
C VAL C 59 9.47 -32.53 39.37
N THR C 60 8.26 -32.90 39.77
CA THR C 60 7.13 -32.99 38.85
C THR C 60 6.54 -31.61 38.57
N VAL C 61 6.25 -31.36 37.30
CA VAL C 61 5.66 -30.10 36.85
C VAL C 61 4.47 -30.43 35.98
N HIS C 62 3.27 -29.98 36.38
CA HIS C 62 2.07 -30.14 35.59
C HIS C 62 1.84 -28.91 34.74
N PHE C 63 1.60 -29.11 33.45
CA PHE C 63 1.52 -28.02 32.48
C PHE C 63 0.18 -28.06 31.77
N GLU C 64 -0.39 -26.89 31.53
CA GLU C 64 -1.66 -26.75 30.84
C GLU C 64 -1.79 -25.33 30.31
N VAL C 65 -2.23 -25.20 29.07
CA VAL C 65 -2.44 -23.91 28.45
C VAL C 65 -3.94 -23.67 28.28
N ALA C 66 -4.30 -22.42 27.99
CA ALA C 66 -5.67 -22.04 27.73
C ALA C 66 -5.67 -20.86 26.78
N ILE C 67 -6.52 -20.91 25.76
CA ILE C 67 -6.55 -19.90 24.71
C ILE C 67 -7.56 -18.82 25.09
N THR C 68 -7.24 -17.58 24.73
CA THR C 68 -8.09 -16.43 25.01
C THR C 68 -8.60 -15.78 23.73
N GLN C 69 -7.72 -15.53 22.75
CA GLN C 69 -8.13 -14.93 21.50
C GLN C 69 -7.10 -15.26 20.43
N LEU C 70 -7.57 -15.72 19.27
CA LEU C 70 -6.71 -15.93 18.11
C LEU C 70 -6.76 -14.67 17.27
N ALA C 71 -5.67 -13.90 17.28
CA ALA C 71 -5.68 -12.59 16.63
C ALA C 71 -5.82 -12.72 15.11
N ASN C 72 -4.86 -13.37 14.47
CA ASN C 72 -4.91 -13.54 13.02
C ASN C 72 -4.05 -14.73 12.63
N VAL C 73 -4.32 -15.25 11.43
CA VAL C 73 -3.57 -16.38 10.87
C VAL C 73 -3.06 -15.91 9.51
N ASP C 74 -1.84 -15.40 9.48
CA ASP C 74 -1.27 -14.89 8.23
C ASP C 74 -0.95 -16.04 7.28
N GLU C 75 -1.19 -15.81 6.00
CA GLU C 75 -0.92 -16.81 4.97
C GLU C 75 0.24 -16.44 4.05
N VAL C 76 0.50 -15.16 3.85
CA VAL C 76 1.63 -14.76 3.03
C VAL C 76 2.95 -15.14 3.70
N ASN C 77 3.04 -14.93 5.02
CA ASN C 77 4.24 -15.22 5.79
C ASN C 77 4.15 -16.54 6.56
N GLN C 78 2.98 -17.18 6.58
CA GLN C 78 2.77 -18.44 7.31
C GLN C 78 3.10 -18.27 8.79
N ILE C 79 2.42 -17.32 9.42
CA ILE C 79 2.60 -17.00 10.82
C ILE C 79 1.23 -16.93 11.49
N MET C 80 1.08 -17.62 12.62
CA MET C 80 -0.13 -17.55 13.43
C MET C 80 0.21 -16.91 14.78
N GLU C 81 -0.56 -15.90 15.17
CA GLU C 81 -0.39 -15.22 16.45
C GLU C 81 -1.54 -15.60 17.36
N THR C 82 -1.22 -15.95 18.61
CA THR C 82 -2.22 -16.43 19.55
C THR C 82 -1.94 -15.85 20.93
N ASN C 83 -3.01 -15.67 21.71
CA ASN C 83 -2.93 -15.25 23.10
C ASN C 83 -3.29 -16.42 23.99
N LEU C 84 -2.43 -16.73 24.95
CA LEU C 84 -2.57 -17.92 25.78
C LEU C 84 -2.44 -17.56 27.25
N TRP C 85 -2.66 -18.57 28.11
CA TRP C 85 -2.53 -18.44 29.55
C TRP C 85 -1.88 -19.73 30.06
N LEU C 86 -0.55 -19.72 30.16
CA LEU C 86 0.17 -20.88 30.65
C LEU C 86 -0.10 -21.10 32.12
N ARG C 87 -0.08 -22.37 32.53
CA ARG C 87 -0.32 -22.74 33.92
C ARG C 87 0.73 -23.75 34.36
N HIS C 88 1.46 -23.43 35.43
CA HIS C 88 2.42 -24.35 36.02
C HIS C 88 2.00 -24.66 37.45
N ILE C 89 2.00 -25.93 37.81
CA ILE C 89 1.71 -26.39 39.16
C ILE C 89 2.80 -27.38 39.55
N TRP C 90 3.83 -26.91 40.24
CA TRP C 90 4.91 -27.76 40.71
C TRP C 90 4.92 -27.77 42.23
N ASN C 91 5.92 -28.44 42.80
CA ASN C 91 6.00 -28.67 44.23
C ASN C 91 7.23 -27.97 44.82
N ASP C 92 7.27 -27.92 46.15
CA ASP C 92 8.39 -27.35 46.87
C ASP C 92 8.46 -27.99 48.24
N TYR C 93 9.63 -27.89 48.89
CA TYR C 93 9.81 -28.53 50.22
C TYR C 93 10.18 -27.48 51.27
N LYS C 94 10.92 -26.43 50.89
CA LYS C 94 11.34 -25.45 51.88
C LYS C 94 10.34 -24.32 52.07
N LEU C 95 9.37 -24.18 51.16
CA LEU C 95 8.33 -23.16 51.28
C LEU C 95 7.07 -23.82 51.85
N ARG C 96 7.11 -24.07 53.16
CA ARG C 96 5.97 -24.67 53.84
C ARG C 96 6.02 -24.26 55.31
N TRP C 97 4.84 -24.27 55.94
CA TRP C 97 4.73 -23.81 57.31
C TRP C 97 3.50 -24.44 57.96
N ASP C 98 3.48 -24.38 59.29
CA ASP C 98 2.36 -24.91 60.06
C ASP C 98 1.32 -23.82 60.28
N PRO C 99 0.09 -23.98 59.80
CA PRO C 99 -0.91 -22.91 60.00
C PRO C 99 -1.22 -22.62 61.46
N MET C 100 -1.15 -23.64 62.31
CA MET C 100 -1.53 -23.45 63.73
C MET C 100 -0.63 -22.39 64.37
N GLU C 101 0.67 -22.44 64.07
CA GLU C 101 1.60 -21.48 64.66
C GLU C 101 1.26 -20.04 64.28
N TYR C 102 0.45 -19.84 63.25
CA TYR C 102 0.05 -18.53 62.79
C TYR C 102 -1.47 -18.39 62.90
N ASP C 103 -2.00 -17.28 62.40
CA ASP C 103 -3.43 -16.98 62.51
C ASP C 103 -4.24 -17.64 61.41
N GLY C 104 -4.09 -18.96 61.27
CA GLY C 104 -4.89 -19.71 60.31
C GLY C 104 -4.71 -19.28 58.88
N ILE C 105 -3.48 -19.02 58.47
CA ILE C 105 -3.19 -18.61 57.09
C ILE C 105 -2.77 -19.85 56.30
N GLU C 106 -3.41 -20.05 55.15
CA GLU C 106 -3.11 -21.18 54.28
C GLU C 106 -2.87 -20.74 52.84
N THR C 107 -2.51 -19.47 52.62
CA THR C 107 -2.36 -18.93 51.28
C THR C 107 -1.57 -17.64 51.34
N LEU C 108 -0.55 -17.52 50.50
CA LEU C 108 0.26 -16.32 50.39
C LEU C 108 0.39 -15.94 48.92
N ARG C 109 0.90 -14.73 48.68
CA ARG C 109 1.12 -14.22 47.33
C ARG C 109 2.51 -13.57 47.30
N VAL C 110 3.47 -14.28 46.74
CA VAL C 110 4.85 -13.79 46.68
C VAL C 110 5.17 -13.40 45.23
N PRO C 111 6.10 -12.47 45.01
CA PRO C 111 6.49 -12.15 43.64
C PRO C 111 7.18 -13.34 42.97
N ALA C 112 7.01 -13.43 41.65
CA ALA C 112 7.58 -14.53 40.90
C ALA C 112 9.10 -14.41 40.74
N ASP C 113 9.68 -13.26 41.03
CA ASP C 113 11.11 -13.04 40.90
C ASP C 113 11.87 -13.38 42.18
N LYS C 114 11.31 -14.22 43.04
CA LYS C 114 11.95 -14.59 44.28
C LYS C 114 11.94 -16.09 44.55
N ILE C 115 11.41 -16.90 43.64
CA ILE C 115 11.33 -18.35 43.82
C ILE C 115 11.81 -19.03 42.56
N TRP C 116 12.15 -20.31 42.70
CA TRP C 116 12.59 -21.10 41.56
C TRP C 116 11.41 -21.43 40.65
N LYS C 117 11.61 -21.23 39.35
CA LYS C 117 10.58 -21.54 38.37
C LYS C 117 11.17 -22.32 37.21
N PRO C 118 10.49 -23.37 36.74
CA PRO C 118 10.96 -24.08 35.56
C PRO C 118 10.90 -23.19 34.33
N ASP C 119 11.83 -23.44 33.40
CA ASP C 119 11.97 -22.62 32.20
C ASP C 119 11.35 -23.38 31.03
N ILE C 120 10.07 -23.13 30.77
CA ILE C 120 9.35 -23.71 29.65
C ILE C 120 9.29 -22.65 28.55
N VAL C 121 9.74 -23.02 27.35
CA VAL C 121 9.85 -22.09 26.23
C VAL C 121 9.08 -22.65 25.04
N LEU C 122 8.85 -21.79 24.06
CA LEU C 122 8.20 -22.17 22.81
C LEU C 122 9.29 -22.48 21.78
N TYR C 123 9.42 -23.77 21.43
CA TYR C 123 10.51 -24.20 20.56
C TYR C 123 10.41 -23.54 19.18
N ASN C 124 9.23 -23.58 18.57
CA ASN C 124 9.06 -23.13 17.19
C ASN C 124 8.60 -21.67 17.15
N ASN C 125 9.44 -20.79 17.69
CA ASN C 125 9.18 -19.37 17.61
C ASN C 125 9.43 -18.86 16.19
N ALA C 126 8.93 -17.66 15.90
CA ALA C 126 9.12 -17.06 14.59
C ALA C 126 9.73 -15.68 14.68
N VAL C 127 9.36 -14.91 15.71
CA VAL C 127 9.86 -13.56 15.89
C VAL C 127 10.19 -13.33 17.36
N GLY C 128 11.02 -12.32 17.61
CA GLY C 128 11.30 -11.87 18.96
C GLY C 128 12.06 -12.90 19.79
N ASP C 129 11.80 -12.86 21.10
CA ASP C 129 12.47 -13.70 22.07
C ASP C 129 11.68 -14.99 22.30
N PHE C 130 12.24 -15.87 23.12
CA PHE C 130 11.66 -17.18 23.41
C PHE C 130 11.01 -17.25 24.79
N GLN C 131 11.60 -16.59 25.79
CA GLN C 131 11.09 -16.68 27.14
C GLN C 131 9.73 -16.01 27.26
N VAL C 132 8.83 -16.66 28.00
CA VAL C 132 7.48 -16.12 28.17
C VAL C 132 7.51 -14.92 29.11
N GLU C 133 6.46 -14.11 29.02
CA GLU C 133 6.33 -12.93 29.86
C GLU C 133 5.78 -13.37 31.22
N GLY C 134 6.63 -13.36 32.24
CA GLY C 134 6.18 -13.76 33.56
C GLY C 134 6.38 -12.70 34.62
N LYS C 135 5.29 -12.12 35.11
CA LYS C 135 5.32 -11.19 36.22
C LYS C 135 4.21 -11.42 37.23
N THR C 136 3.19 -12.19 36.92
CA THR C 136 2.08 -12.41 37.84
C THR C 136 2.58 -13.14 39.09
N LYS C 137 2.13 -12.68 40.25
CA LYS C 137 2.56 -13.26 41.51
C LYS C 137 2.13 -14.71 41.60
N ALA C 138 2.92 -15.51 42.30
CA ALA C 138 2.64 -16.91 42.49
C ALA C 138 1.57 -17.06 43.58
N LEU C 139 1.32 -18.30 44.02
CA LEU C 139 0.29 -18.58 45.02
C LEU C 139 0.79 -19.74 45.88
N LEU C 140 1.42 -19.41 47.01
CA LEU C 140 1.92 -20.43 47.91
C LEU C 140 0.78 -21.03 48.72
N LYS C 141 0.95 -22.33 49.02
CA LYS C 141 -0.04 -23.02 49.89
C LYS C 141 0.74 -23.52 51.11
N TYR C 142 0.04 -23.90 52.16
CA TYR C 142 0.68 -24.30 53.42
C TYR C 142 1.43 -25.62 53.32
N ASN C 143 1.26 -26.37 52.23
CA ASN C 143 2.00 -27.60 52.02
C ASN C 143 2.94 -27.51 50.82
N GLY C 144 3.28 -26.30 50.40
CA GLY C 144 4.19 -26.12 49.28
C GLY C 144 3.65 -26.58 47.95
N MET C 145 2.62 -25.87 47.44
CA MET C 145 2.02 -26.16 46.14
C MET C 145 1.94 -24.84 45.38
N ILE C 146 3.00 -24.52 44.64
CA ILE C 146 3.06 -23.26 43.92
C ILE C 146 2.21 -23.33 42.66
N THR C 147 1.52 -22.23 42.36
CA THR C 147 0.71 -22.12 41.15
C THR C 147 1.07 -20.82 40.44
N TRP C 148 1.30 -20.90 39.14
CA TRP C 148 1.74 -19.75 38.36
C TRP C 148 0.97 -19.73 37.04
N THR C 149 0.31 -18.62 36.75
CA THR C 149 -0.51 -18.46 35.55
C THR C 149 -0.22 -17.13 34.89
N PRO C 150 0.90 -17.01 34.18
CA PRO C 150 1.25 -15.74 33.55
C PRO C 150 0.70 -15.64 32.14
N PRO C 151 0.35 -14.44 31.69
CA PRO C 151 -0.07 -14.27 30.29
C PRO C 151 1.12 -14.37 29.35
N ALA C 152 0.81 -14.69 28.09
CA ALA C 152 1.85 -14.84 27.07
C ALA C 152 1.26 -14.58 25.70
N ILE C 153 2.04 -13.93 24.85
CA ILE C 153 1.68 -13.68 23.45
C ILE C 153 2.71 -14.37 22.57
N PHE C 154 2.24 -15.24 21.68
CA PHE C 154 3.12 -16.08 20.86
C PHE C 154 2.81 -15.87 19.38
N LYS C 155 3.87 -15.83 18.58
CA LYS C 155 3.78 -15.76 17.12
C LYS C 155 4.55 -16.96 16.57
N SER C 156 3.85 -18.09 16.43
CA SER C 156 4.48 -19.31 15.94
C SER C 156 4.42 -19.37 14.42
N SER C 157 5.17 -20.30 13.85
CA SER C 157 5.26 -20.49 12.41
C SER C 157 4.84 -21.91 12.07
N CYS C 158 3.87 -22.03 11.14
CA CYS C 158 3.42 -23.32 10.67
C CYS C 158 3.31 -23.30 9.15
N PRO C 159 3.66 -24.39 8.47
CA PRO C 159 3.49 -24.45 7.02
C PRO C 159 2.02 -24.42 6.63
N MET C 160 1.77 -23.93 5.43
CA MET C 160 0.41 -23.76 4.91
C MET C 160 0.17 -24.70 3.74
N ASP C 161 -1.03 -25.27 3.69
CA ASP C 161 -1.44 -26.15 2.61
C ASP C 161 -2.46 -25.40 1.75
N ILE C 162 -2.12 -25.22 0.46
CA ILE C 162 -2.96 -24.43 -0.43
C ILE C 162 -3.41 -25.29 -1.62
N THR C 163 -3.58 -26.59 -1.39
CA THR C 163 -4.09 -27.45 -2.45
C THR C 163 -5.51 -27.05 -2.85
N PHE C 164 -6.34 -26.71 -1.87
CA PHE C 164 -7.65 -26.11 -2.09
C PHE C 164 -7.63 -24.81 -1.29
N PHE C 165 -7.33 -23.69 -1.95
CA PHE C 165 -7.22 -22.43 -1.22
C PHE C 165 -8.50 -22.08 -0.47
N PRO C 166 -9.69 -22.16 -1.06
CA PRO C 166 -10.91 -22.10 -0.25
C PRO C 166 -11.28 -23.50 0.24
N PHE C 167 -12.09 -23.52 1.31
CA PHE C 167 -12.54 -24.76 1.93
C PHE C 167 -11.36 -25.63 2.35
N ASP C 168 -10.37 -25.00 2.97
CA ASP C 168 -9.16 -25.68 3.40
C ASP C 168 -9.19 -25.94 4.91
N HIS C 169 -8.36 -26.88 5.34
CA HIS C 169 -8.23 -27.25 6.75
C HIS C 169 -6.76 -27.16 7.12
N GLN C 170 -6.41 -26.17 7.92
CA GLN C 170 -5.03 -25.99 8.37
C GLN C 170 -4.76 -26.79 9.64
N ASN C 171 -3.48 -27.04 9.89
CA ASN C 171 -3.06 -27.87 11.02
C ASN C 171 -1.72 -27.31 11.52
N CYS C 172 -1.80 -26.44 12.52
CA CYS C 172 -0.63 -25.77 13.09
C CYS C 172 -0.47 -26.20 14.54
N SER C 173 0.78 -26.39 14.95
CA SER C 173 1.09 -26.93 16.27
C SER C 173 1.99 -25.97 17.04
N LEU C 174 1.93 -26.08 18.36
CA LEU C 174 2.79 -25.34 19.27
C LEU C 174 3.56 -26.34 20.13
N LYS C 175 4.87 -26.13 20.25
CA LYS C 175 5.74 -27.05 20.97
C LYS C 175 6.28 -26.36 22.21
N PHE C 176 6.14 -27.03 23.37
CA PHE C 176 6.61 -26.51 24.64
C PHE C 176 7.56 -27.52 25.28
N GLY C 177 8.64 -27.03 25.86
CA GLY C 177 9.58 -27.89 26.54
C GLY C 177 10.60 -27.09 27.32
N SER C 178 11.25 -27.77 28.26
CA SER C 178 12.30 -27.14 29.05
C SER C 178 13.61 -27.15 28.28
N TRP C 179 14.30 -26.00 28.31
CA TRP C 179 15.48 -25.84 27.47
C TRP C 179 16.70 -26.56 28.02
N THR C 180 16.87 -26.60 29.33
CA THR C 180 18.11 -27.14 29.89
C THR C 180 17.91 -28.38 30.77
N TYR C 181 16.77 -28.49 31.45
CA TYR C 181 16.53 -29.65 32.30
C TYR C 181 16.06 -30.83 31.45
N ASP C 182 16.69 -31.98 31.69
CA ASP C 182 16.40 -33.16 30.84
C ASP C 182 15.22 -33.97 31.38
N LYS C 183 15.07 -35.19 30.90
CA LYS C 183 13.94 -36.01 31.31
C LYS C 183 14.12 -36.56 32.73
N ALA C 184 15.35 -36.67 33.20
CA ALA C 184 15.61 -37.18 34.54
C ALA C 184 15.50 -36.11 35.61
N GLU C 185 15.21 -34.86 35.24
CA GLU C 185 15.15 -33.77 36.19
C GLU C 185 13.77 -33.13 36.28
N ILE C 186 13.16 -32.75 35.15
CA ILE C 186 11.97 -31.92 35.20
C ILE C 186 10.70 -32.75 35.05
N ASP C 187 10.78 -33.89 34.37
CA ASP C 187 9.70 -34.87 34.30
C ASP C 187 8.35 -34.21 34.00
N LEU C 188 8.26 -33.63 32.81
CA LEU C 188 7.06 -32.89 32.42
C LEU C 188 5.84 -33.79 32.36
N LEU C 189 4.69 -33.24 32.73
CA LEU C 189 3.41 -33.92 32.71
C LEU C 189 2.35 -33.02 32.08
N ILE C 190 1.23 -33.62 31.72
CA ILE C 190 0.13 -32.88 31.08
C ILE C 190 -1.16 -33.16 31.83
N ILE C 191 -2.07 -32.19 31.80
CA ILE C 191 -3.38 -32.29 32.44
C ILE C 191 -4.44 -32.35 31.35
N GLY C 192 -5.30 -33.36 31.40
CA GLY C 192 -6.32 -33.51 30.40
C GLY C 192 -5.73 -33.86 29.05
N SER C 193 -6.50 -33.58 27.99
CA SER C 193 -6.03 -33.81 26.64
C SER C 193 -6.43 -32.72 25.66
N LYS C 194 -7.09 -31.65 26.11
CA LYS C 194 -7.55 -30.59 25.23
C LYS C 194 -7.20 -29.23 25.82
N VAL C 195 -7.04 -28.25 24.93
CA VAL C 195 -6.83 -26.87 25.37
C VAL C 195 -8.09 -26.34 26.03
N ASP C 196 -7.92 -25.73 27.20
CA ASP C 196 -9.06 -25.19 27.95
C ASP C 196 -9.64 -24.00 27.20
N MET C 197 -10.83 -24.17 26.65
CA MET C 197 -11.52 -23.12 25.91
C MET C 197 -12.79 -22.78 26.68
N ASN C 198 -12.70 -21.78 27.54
CA ASN C 198 -13.84 -21.36 28.36
C ASN C 198 -14.05 -19.86 28.29
N ASP C 199 -12.97 -19.11 28.05
CA ASP C 199 -13.02 -17.66 27.93
C ASP C 199 -12.65 -17.19 26.52
N PHE C 200 -12.88 -18.04 25.53
CA PHE C 200 -12.48 -17.73 24.16
C PHE C 200 -13.36 -16.63 23.58
N TRP C 201 -12.72 -15.63 22.98
CA TRP C 201 -13.42 -14.60 22.22
C TRP C 201 -13.47 -15.07 20.76
N GLU C 202 -14.66 -15.37 20.27
CA GLU C 202 -14.80 -15.99 18.96
C GLU C 202 -14.38 -15.05 17.86
N ASN C 203 -13.71 -15.60 16.84
CA ASN C 203 -13.25 -14.83 15.69
C ASN C 203 -14.37 -14.74 14.65
N SER C 204 -14.04 -14.26 13.46
CA SER C 204 -15.02 -14.09 12.39
C SER C 204 -14.67 -14.83 11.11
N GLU C 205 -13.40 -15.17 10.87
CA GLU C 205 -13.00 -15.81 9.63
C GLU C 205 -12.61 -17.27 9.80
N TRP C 206 -12.23 -17.71 10.99
CA TRP C 206 -11.78 -19.07 11.23
C TRP C 206 -12.61 -19.70 12.35
N GLU C 207 -12.77 -21.02 12.27
CA GLU C 207 -13.47 -21.78 13.29
C GLU C 207 -12.56 -22.92 13.76
N ILE C 208 -12.43 -23.05 15.08
CA ILE C 208 -11.58 -24.07 15.67
C ILE C 208 -12.42 -25.29 16.00
N ILE C 209 -11.99 -26.46 15.51
CA ILE C 209 -12.74 -27.68 15.73
C ILE C 209 -11.97 -28.72 16.55
N ASP C 210 -10.66 -28.57 16.71
CA ASP C 210 -9.89 -29.52 17.52
C ASP C 210 -8.68 -28.81 18.09
N ALA C 211 -8.45 -28.99 19.40
CA ALA C 211 -7.32 -28.38 20.09
C ALA C 211 -6.64 -29.40 20.99
N SER C 212 -6.41 -30.60 20.47
CA SER C 212 -5.83 -31.68 21.24
C SER C 212 -4.33 -31.45 21.46
N GLY C 213 -3.78 -32.20 22.41
CA GLY C 213 -2.36 -32.09 22.71
C GLY C 213 -1.83 -33.42 23.22
N TYR C 214 -0.55 -33.67 22.91
CA TYR C 214 0.09 -34.93 23.29
C TYR C 214 1.50 -34.65 23.78
N LYS C 215 2.08 -35.66 24.43
CA LYS C 215 3.43 -35.57 25.00
C LYS C 215 4.33 -36.61 24.37
N HIS C 216 5.52 -36.21 23.97
CA HIS C 216 6.50 -37.10 23.38
C HIS C 216 7.86 -36.90 24.06
N ASP C 217 8.74 -37.87 23.85
CA ASP C 217 10.12 -37.80 24.32
C ASP C 217 11.07 -37.84 23.12
N ILE C 218 12.03 -36.92 23.08
CA ILE C 218 12.99 -36.85 21.98
C ILE C 218 14.39 -36.94 22.55
N LYS C 219 15.31 -37.48 21.73
CA LYS C 219 16.74 -37.47 22.00
C LYS C 219 17.39 -36.73 20.84
N TYR C 220 17.88 -35.53 21.10
CA TYR C 220 18.49 -34.72 20.06
C TYR C 220 19.92 -35.20 19.80
N ASN C 221 20.45 -34.82 18.64
CA ASN C 221 21.80 -35.24 18.26
C ASN C 221 22.85 -34.53 19.11
N CYS C 222 22.68 -33.22 19.34
CA CYS C 222 23.68 -32.46 20.08
C CYS C 222 23.71 -32.87 21.55
N CYS C 223 22.60 -33.36 22.09
CA CYS C 223 22.52 -33.75 23.48
C CYS C 223 22.84 -35.24 23.62
N GLU C 224 22.71 -35.76 24.85
CA GLU C 224 22.96 -37.16 25.11
C GLU C 224 21.76 -37.83 25.79
N GLU C 225 21.05 -37.07 26.62
CA GLU C 225 19.92 -37.58 27.36
C GLU C 225 18.62 -37.28 26.63
N ILE C 226 17.55 -37.89 27.12
CA ILE C 226 16.22 -37.73 26.53
C ILE C 226 15.59 -36.45 27.04
N TYR C 227 14.82 -35.77 26.19
CA TYR C 227 14.14 -34.54 26.55
C TYR C 227 12.67 -34.65 26.17
N THR C 228 11.79 -34.15 27.04
CA THR C 228 10.36 -34.28 26.88
C THR C 228 9.77 -33.01 26.26
N ASP C 229 8.63 -33.17 25.60
CA ASP C 229 7.91 -32.05 25.01
C ASP C 229 6.42 -32.20 25.28
N ILE C 230 5.69 -31.12 25.04
CA ILE C 230 4.23 -31.12 25.05
C ILE C 230 3.78 -30.28 23.86
N THR C 231 3.10 -30.90 22.90
CA THR C 231 2.71 -30.25 21.67
C THR C 231 1.20 -30.10 21.61
N TYR C 232 0.74 -28.87 21.38
CA TYR C 232 -0.68 -28.58 21.21
C TYR C 232 -0.92 -28.15 19.77
N SER C 233 -1.85 -28.83 19.09
CA SER C 233 -2.09 -28.62 17.67
C SER C 233 -3.52 -28.14 17.46
N PHE C 234 -3.66 -27.08 16.67
CA PHE C 234 -4.96 -26.52 16.32
C PHE C 234 -5.41 -27.02 14.95
N TYR C 235 -6.72 -27.00 14.73
CA TYR C 235 -7.34 -27.53 13.53
C TYR C 235 -8.37 -26.54 12.98
N ILE C 236 -7.96 -25.27 12.84
CA ILE C 236 -8.87 -24.23 12.39
C ILE C 236 -9.44 -24.56 11.02
N ARG C 237 -10.62 -24.03 10.75
CA ARG C 237 -11.30 -24.21 9.46
C ARG C 237 -11.77 -22.86 8.96
N ARG C 238 -11.53 -22.58 7.68
CA ARG C 238 -11.87 -21.29 7.12
C ARG C 238 -13.37 -21.17 6.92
N LEU C 239 -13.86 -19.92 6.97
CA LEU C 239 -15.27 -19.61 6.70
C LEU C 239 -15.35 -18.82 5.40
N PRO C 240 -15.71 -19.45 4.28
CA PRO C 240 -15.71 -18.71 3.00
C PRO C 240 -16.92 -17.82 2.81
N MET C 241 -16.72 -16.51 3.00
CA MET C 241 -17.73 -15.52 2.64
C MET C 241 -17.06 -14.38 1.88
N PHE C 242 -15.81 -14.10 2.19
CA PHE C 242 -15.06 -13.02 1.56
C PHE C 242 -14.35 -13.48 0.30
N TYR C 243 -13.85 -14.71 0.28
CA TYR C 243 -13.07 -15.24 -0.83
C TYR C 243 -13.90 -16.07 -1.79
N THR C 244 -15.23 -15.95 -1.74
CA THR C 244 -16.10 -16.55 -2.73
C THR C 244 -16.84 -15.49 -3.55
N ILE C 245 -17.60 -14.61 -2.90
CA ILE C 245 -18.38 -13.62 -3.61
C ILE C 245 -17.49 -12.54 -4.22
N ASN C 246 -16.29 -12.36 -3.68
CA ASN C 246 -15.38 -11.35 -4.18
C ASN C 246 -14.22 -11.92 -4.99
N LEU C 247 -14.01 -13.23 -4.97
CA LEU C 247 -12.93 -13.85 -5.72
C LEU C 247 -13.43 -14.83 -6.78
N ILE C 248 -14.28 -15.78 -6.41
CA ILE C 248 -14.65 -16.86 -7.32
C ILE C 248 -15.83 -16.49 -8.19
N ILE C 249 -16.88 -15.91 -7.59
CA ILE C 249 -18.10 -15.60 -8.36
C ILE C 249 -17.83 -14.62 -9.49
N PRO C 250 -17.16 -13.48 -9.28
CA PRO C 250 -16.90 -12.60 -10.43
C PRO C 250 -16.03 -13.23 -11.49
N CYS C 251 -15.22 -14.24 -11.15
CA CYS C 251 -14.37 -14.88 -12.14
C CYS C 251 -15.18 -15.73 -13.11
N LEU C 252 -16.30 -16.29 -12.65
CA LEU C 252 -17.12 -17.13 -13.52
C LEU C 252 -17.72 -16.33 -14.67
N PHE C 253 -18.14 -15.09 -14.40
CA PHE C 253 -18.65 -14.25 -15.47
C PHE C 253 -17.61 -14.02 -16.55
N ILE C 254 -16.37 -13.72 -16.15
CA ILE C 254 -15.30 -13.53 -17.13
C ILE C 254 -15.03 -14.82 -17.88
N SER C 255 -15.04 -15.95 -17.17
CA SER C 255 -14.77 -17.23 -17.81
C SER C 255 -15.83 -17.58 -18.84
N PHE C 256 -17.10 -17.28 -18.56
CA PHE C 256 -18.19 -17.58 -19.46
C PHE C 256 -18.44 -16.50 -20.50
N LEU C 257 -17.78 -15.34 -20.40
CA LEU C 257 -17.91 -14.28 -21.38
C LEU C 257 -16.92 -14.41 -22.53
N THR C 258 -16.05 -15.42 -22.50
CA THR C 258 -15.11 -15.62 -23.59
C THR C 258 -15.77 -16.22 -24.83
N VAL C 259 -16.80 -17.04 -24.63
CA VAL C 259 -17.44 -17.72 -25.75
C VAL C 259 -18.33 -16.78 -26.55
N LEU C 260 -18.72 -15.63 -25.97
CA LEU C 260 -19.64 -14.73 -26.65
C LEU C 260 -19.06 -14.13 -27.93
N VAL C 261 -17.73 -14.11 -28.07
CA VAL C 261 -17.12 -13.48 -29.23
C VAL C 261 -17.53 -14.18 -30.51
N PHE C 262 -17.66 -15.50 -30.47
CA PHE C 262 -17.95 -16.26 -31.68
C PHE C 262 -19.39 -16.09 -32.17
N TYR C 263 -20.26 -15.45 -31.39
CA TYR C 263 -21.61 -15.15 -31.83
C TYR C 263 -21.76 -13.73 -32.38
N LEU C 264 -20.77 -12.86 -32.18
CA LEU C 264 -20.83 -11.52 -32.73
C LEU C 264 -20.66 -11.57 -34.25
N PRO C 265 -21.41 -10.76 -35.00
CA PRO C 265 -21.17 -10.68 -36.44
C PRO C 265 -19.88 -9.96 -36.75
N SER C 266 -19.24 -10.35 -37.86
CA SER C 266 -17.96 -9.76 -38.22
C SER C 266 -18.13 -8.31 -38.69
N ASP C 267 -19.30 -7.96 -39.22
CA ASP C 267 -19.55 -6.61 -39.69
C ASP C 267 -19.89 -5.63 -38.58
N CYS C 268 -20.07 -6.11 -37.34
CA CYS C 268 -20.47 -5.22 -36.26
C CYS C 268 -19.40 -4.18 -35.96
N GLY C 269 -18.13 -4.59 -35.93
CA GLY C 269 -17.06 -3.67 -35.64
C GLY C 269 -16.65 -3.58 -34.18
N GLU C 270 -16.97 -4.59 -33.37
CA GLU C 270 -16.56 -4.65 -31.97
C GLU C 270 -16.18 -6.08 -31.57
N LYS C 271 -15.39 -6.75 -32.41
CA LYS C 271 -15.05 -8.15 -32.16
C LYS C 271 -13.77 -8.33 -31.35
N VAL C 272 -13.00 -7.27 -31.12
CA VAL C 272 -11.76 -7.38 -30.36
C VAL C 272 -11.85 -6.67 -29.01
N THR C 273 -12.75 -5.71 -28.85
CA THR C 273 -12.94 -5.07 -27.55
C THR C 273 -13.32 -6.09 -26.49
N LEU C 274 -14.21 -7.02 -26.82
CA LEU C 274 -14.62 -8.05 -25.87
C LEU C 274 -13.45 -8.94 -25.47
N CYS C 275 -12.68 -9.40 -26.47
CA CYS C 275 -11.55 -10.28 -26.19
C CYS C 275 -10.51 -9.58 -25.33
N ILE C 276 -10.19 -8.32 -25.67
CA ILE C 276 -9.20 -7.57 -24.91
C ILE C 276 -9.67 -7.35 -23.48
N SER C 277 -10.95 -7.01 -23.31
CA SER C 277 -11.47 -6.79 -21.97
C SER C 277 -11.38 -8.07 -21.14
N VAL C 278 -11.73 -9.22 -21.74
CA VAL C 278 -11.65 -10.48 -21.01
C VAL C 278 -10.21 -10.78 -20.62
N LEU C 279 -9.27 -10.58 -21.55
CA LEU C 279 -7.87 -10.86 -21.25
C LEU C 279 -7.35 -9.97 -20.13
N LEU C 280 -7.68 -8.68 -20.17
CA LEU C 280 -7.23 -7.77 -19.11
C LEU C 280 -7.82 -8.14 -17.75
N SER C 281 -9.11 -8.50 -17.74
CA SER C 281 -9.73 -8.91 -16.48
C SER C 281 -9.04 -10.15 -15.91
N LEU C 282 -8.74 -11.13 -16.76
CA LEU C 282 -8.06 -12.34 -16.28
C LEU C 282 -6.66 -12.01 -15.78
N THR C 283 -5.96 -11.10 -16.46
CA THR C 283 -4.63 -10.70 -16.00
C THR C 283 -4.69 -10.06 -14.61
N VAL C 284 -5.66 -9.17 -14.40
CA VAL C 284 -5.80 -8.52 -13.09
C VAL C 284 -6.12 -9.55 -12.02
N PHE C 285 -7.01 -10.50 -12.34
CA PHE C 285 -7.35 -11.54 -11.38
C PHE C 285 -6.13 -12.37 -11.00
N LEU C 286 -5.32 -12.75 -12.01
CA LEU C 286 -4.09 -13.49 -11.75
C LEU C 286 -3.16 -12.70 -10.84
N LEU C 287 -3.02 -11.40 -11.10
CA LEU C 287 -2.15 -10.57 -10.28
C LEU C 287 -2.60 -10.57 -8.83
N VAL C 288 -3.91 -10.42 -8.60
CA VAL C 288 -4.43 -10.34 -7.24
C VAL C 288 -4.22 -11.68 -6.52
N ILE C 289 -4.61 -12.79 -7.16
CA ILE C 289 -4.50 -14.06 -6.48
C ILE C 289 -3.04 -14.41 -6.21
N THR C 290 -2.13 -14.03 -7.12
CA THR C 290 -0.70 -14.18 -6.84
C THR C 290 -0.29 -13.35 -5.63
N GLU C 291 -0.75 -12.11 -5.54
CA GLU C 291 -0.46 -11.33 -4.35
C GLU C 291 -1.57 -11.47 -3.32
N THR C 292 -2.02 -12.70 -3.09
CA THR C 292 -2.69 -13.03 -1.85
C THR C 292 -2.33 -14.43 -1.33
N ILE C 293 -1.34 -15.11 -1.90
CA ILE C 293 -1.07 -16.53 -1.62
C ILE C 293 0.41 -16.71 -1.32
N PRO C 294 0.78 -17.60 -0.40
CA PRO C 294 2.20 -17.87 -0.15
C PRO C 294 2.88 -18.47 -1.37
N SER C 295 4.20 -18.22 -1.47
CA SER C 295 4.99 -18.64 -2.61
C SER C 295 5.52 -20.06 -2.52
N THR C 296 4.89 -20.91 -1.71
CA THR C 296 5.33 -22.31 -1.62
C THR C 296 5.12 -23.02 -2.95
N SER C 297 6.05 -23.90 -3.30
CA SER C 297 6.06 -24.58 -4.59
C SER C 297 6.12 -26.09 -4.41
N LEU C 298 5.39 -26.61 -3.43
CA LEU C 298 5.31 -28.05 -3.23
C LEU C 298 4.08 -28.65 -3.90
N VAL C 299 2.95 -27.95 -3.85
CA VAL C 299 1.72 -28.38 -4.48
C VAL C 299 1.16 -27.22 -5.29
N VAL C 300 0.32 -27.56 -6.27
CA VAL C 300 -0.30 -26.58 -7.17
C VAL C 300 -1.72 -26.32 -6.68
N PRO C 301 -2.08 -25.06 -6.42
CA PRO C 301 -3.47 -24.77 -6.02
C PRO C 301 -4.44 -25.06 -7.15
N LEU C 302 -5.67 -25.39 -6.77
CA LEU C 302 -6.69 -25.77 -7.75
C LEU C 302 -7.40 -24.57 -8.37
N VAL C 303 -7.02 -23.35 -8.00
CA VAL C 303 -7.53 -22.15 -8.63
C VAL C 303 -6.45 -21.44 -9.43
N GLY C 304 -5.21 -21.46 -8.94
CA GLY C 304 -4.10 -20.86 -9.68
C GLY C 304 -3.75 -21.59 -10.95
N GLU C 305 -4.16 -22.84 -11.09
CA GLU C 305 -3.99 -23.56 -12.35
C GLU C 305 -5.23 -23.47 -13.23
N TYR C 306 -6.42 -23.40 -12.63
CA TYR C 306 -7.63 -23.19 -13.41
C TYR C 306 -7.59 -21.84 -14.12
N LEU C 307 -7.13 -20.80 -13.41
CA LEU C 307 -7.09 -19.49 -14.05
C LEU C 307 -6.00 -19.42 -15.12
N LEU C 308 -4.91 -20.18 -14.94
CA LEU C 308 -3.92 -20.29 -16.00
C LEU C 308 -4.50 -20.96 -17.24
N PHE C 309 -5.27 -22.03 -17.05
CA PHE C 309 -5.90 -22.71 -18.18
C PHE C 309 -6.89 -21.77 -18.88
N THR C 310 -7.66 -21.02 -18.10
CA THR C 310 -8.60 -20.06 -18.68
C THR C 310 -7.87 -18.98 -19.47
N MET C 311 -6.74 -18.49 -18.93
CA MET C 311 -5.96 -17.48 -19.66
C MET C 311 -5.39 -18.05 -20.95
N ILE C 312 -4.93 -19.31 -20.92
CA ILE C 312 -4.39 -19.93 -22.12
C ILE C 312 -5.46 -20.02 -23.20
N PHE C 313 -6.66 -20.47 -22.83
CA PHE C 313 -7.71 -20.59 -23.83
C PHE C 313 -8.32 -19.25 -24.22
N VAL C 314 -8.16 -18.22 -23.40
CA VAL C 314 -8.54 -16.87 -23.82
C VAL C 314 -7.55 -16.35 -24.85
N THR C 315 -6.26 -16.58 -24.62
CA THR C 315 -5.26 -16.18 -25.60
C THR C 315 -5.46 -16.91 -26.93
N LEU C 316 -5.77 -18.20 -26.86
CA LEU C 316 -6.05 -18.95 -28.09
C LEU C 316 -7.33 -18.48 -28.78
N SER C 317 -8.21 -17.79 -28.07
CA SER C 317 -9.44 -17.29 -28.68
C SER C 317 -9.19 -16.05 -29.53
N ILE C 318 -8.24 -15.20 -29.15
CA ILE C 318 -7.95 -14.00 -29.93
C ILE C 318 -7.33 -14.38 -31.28
N VAL C 319 -6.52 -15.44 -31.30
CA VAL C 319 -5.89 -15.87 -32.55
C VAL C 319 -6.94 -16.27 -33.58
N VAL C 320 -7.99 -16.98 -33.14
CA VAL C 320 -9.04 -17.40 -34.05
C VAL C 320 -9.78 -16.20 -34.61
N THR C 321 -10.06 -15.21 -33.76
CA THR C 321 -10.82 -14.03 -34.20
C THR C 321 -10.07 -13.27 -35.30
N VAL C 322 -8.77 -13.08 -35.14
CA VAL C 322 -7.99 -12.40 -36.17
C VAL C 322 -7.97 -13.24 -37.45
N PHE C 323 -7.83 -14.56 -37.31
CA PHE C 323 -7.81 -15.44 -38.46
C PHE C 323 -9.18 -15.64 -39.09
N VAL C 324 -10.25 -15.19 -38.44
CA VAL C 324 -11.58 -15.24 -39.03
C VAL C 324 -12.08 -13.86 -39.45
N LEU C 325 -11.52 -12.78 -38.89
CA LEU C 325 -11.78 -11.45 -39.42
C LEU C 325 -11.08 -11.22 -40.75
N ASN C 326 -9.99 -11.95 -41.02
CA ASN C 326 -9.25 -11.80 -42.27
C ASN C 326 -9.96 -12.46 -43.43
N ILE C 327 -10.67 -13.56 -43.19
CA ILE C 327 -11.40 -14.25 -44.27
C ILE C 327 -12.71 -13.56 -44.61
N HIS C 328 -13.12 -12.56 -43.84
CA HIS C 328 -14.36 -11.86 -44.12
C HIS C 328 -14.19 -10.73 -45.12
N TYR C 329 -13.00 -10.15 -45.21
CA TYR C 329 -12.77 -8.99 -46.07
C TYR C 329 -12.04 -9.32 -47.36
N ARG C 330 -11.89 -10.60 -47.68
CA ARG C 330 -11.25 -10.98 -48.93
C ARG C 330 -12.16 -10.67 -50.11
N THR C 331 -11.56 -10.22 -51.21
CA THR C 331 -12.28 -9.79 -52.40
C THR C 331 -11.84 -10.61 -53.60
N PRO C 332 -12.69 -10.70 -54.63
CA PRO C 332 -12.29 -11.48 -55.83
C PRO C 332 -11.09 -10.90 -56.56
N THR C 333 -10.76 -9.63 -56.34
CA THR C 333 -9.65 -8.98 -57.02
C THR C 333 -8.38 -8.97 -56.20
N THR C 334 -8.36 -9.62 -55.05
CA THR C 334 -7.15 -9.70 -54.24
C THR C 334 -6.78 -11.14 -53.89
N HIS C 335 -7.76 -12.01 -53.65
CA HIS C 335 -7.52 -13.40 -53.31
C HIS C 335 -8.39 -14.30 -54.17
N THR C 336 -7.91 -15.52 -54.40
CA THR C 336 -8.63 -16.52 -55.17
C THR C 336 -8.99 -17.69 -54.26
N MET C 337 -10.23 -18.16 -54.34
CA MET C 337 -10.71 -19.24 -53.49
C MET C 337 -10.36 -20.57 -54.12
N PRO C 338 -9.52 -21.40 -53.49
CA PRO C 338 -9.17 -22.69 -54.08
C PRO C 338 -10.34 -23.67 -53.98
N ARG C 339 -10.25 -24.73 -54.79
CA ARG C 339 -11.31 -25.74 -54.83
C ARG C 339 -11.37 -26.54 -53.54
N TRP C 340 -10.24 -26.72 -52.85
CA TRP C 340 -10.24 -27.46 -51.60
C TRP C 340 -10.99 -26.73 -50.49
N VAL C 341 -11.15 -25.42 -50.61
CA VAL C 341 -11.98 -24.68 -49.65
C VAL C 341 -13.44 -24.78 -50.04
N LYS C 342 -13.74 -24.69 -51.34
CA LYS C 342 -15.12 -24.74 -51.80
C LYS C 342 -15.80 -26.06 -51.46
N THR C 343 -15.06 -27.17 -51.59
CA THR C 343 -15.62 -28.48 -51.37
C THR C 343 -15.65 -28.91 -49.90
N VAL C 344 -15.12 -28.08 -49.00
CA VAL C 344 -15.06 -28.43 -47.58
C VAL C 344 -15.88 -27.46 -46.76
N PHE C 345 -15.55 -26.16 -46.85
CA PHE C 345 -16.17 -25.16 -46.00
C PHE C 345 -17.52 -24.67 -46.51
N LEU C 346 -17.96 -25.13 -47.68
CA LEU C 346 -19.20 -24.63 -48.28
C LEU C 346 -20.26 -25.69 -48.50
N LYS C 347 -19.90 -26.97 -48.59
CA LYS C 347 -20.88 -27.99 -48.93
C LYS C 347 -20.92 -29.12 -47.91
N LEU C 348 -19.77 -29.46 -47.33
CA LEU C 348 -19.67 -30.61 -46.43
C LEU C 348 -19.86 -30.22 -44.97
N LEU C 349 -19.06 -29.28 -44.48
CA LEU C 349 -19.14 -28.89 -43.08
C LEU C 349 -20.47 -28.28 -42.68
N PRO C 350 -21.08 -27.35 -43.43
CA PRO C 350 -22.32 -26.73 -42.96
C PRO C 350 -23.46 -27.70 -42.75
N GLN C 351 -23.44 -28.87 -43.39
CA GLN C 351 -24.54 -29.83 -43.21
C GLN C 351 -24.56 -30.39 -41.80
N VAL C 352 -23.39 -30.69 -41.23
CA VAL C 352 -23.32 -31.30 -39.91
C VAL C 352 -23.53 -30.31 -38.77
N LEU C 353 -23.52 -29.01 -39.06
CA LEU C 353 -23.71 -27.98 -38.04
C LEU C 353 -25.15 -27.48 -37.98
N LEU C 354 -26.08 -28.16 -38.66
CA LEU C 354 -27.48 -27.74 -38.72
C LEU C 354 -27.59 -26.30 -39.22
N MET C 355 -26.78 -25.96 -40.22
CA MET C 355 -26.69 -24.63 -40.80
C MET C 355 -26.68 -24.74 -42.34
N ARG C 356 -27.61 -25.55 -42.85
CA ARG C 356 -27.62 -25.90 -44.27
C ARG C 356 -27.61 -24.67 -45.16
N TRP C 357 -26.94 -24.81 -46.30
CA TRP C 357 -26.75 -23.68 -47.21
C TRP C 357 -28.10 -23.24 -47.77
N PRO C 358 -28.42 -21.94 -47.73
CA PRO C 358 -29.68 -21.40 -48.25
C PRO C 358 -29.75 -21.43 -49.77
N PRO C 416 -25.39 3.47 -87.19
CA PRO C 416 -25.80 4.88 -87.23
C PRO C 416 -26.17 5.42 -85.86
N GLU C 417 -27.44 5.28 -85.47
CA GLU C 417 -27.92 5.73 -84.17
C GLU C 417 -28.41 4.57 -83.31
N LEU C 418 -29.29 3.74 -83.85
CA LEU C 418 -29.80 2.59 -83.09
C LEU C 418 -28.67 1.63 -82.73
N ALA C 419 -27.70 1.46 -83.64
CA ALA C 419 -26.57 0.59 -83.34
C ALA C 419 -25.75 1.13 -82.17
N ASP C 420 -25.51 2.45 -82.13
CA ASP C 420 -24.75 3.03 -81.03
C ASP C 420 -25.53 2.92 -79.72
N ILE C 421 -26.85 3.15 -79.77
CA ILE C 421 -27.66 3.00 -78.56
C ILE C 421 -27.60 1.58 -78.05
N LEU C 422 -27.67 0.62 -78.99
CA LEU C 422 -27.54 -0.80 -78.61
C LEU C 422 -26.12 -1.01 -78.08
N ASN C 423 -25.12 -0.46 -78.78
CA ASN C 423 -23.71 -0.57 -78.32
C ASN C 423 -23.65 -0.05 -76.89
N GLU C 424 -24.18 1.16 -76.65
CA GLU C 424 -24.09 1.77 -75.31
C GLU C 424 -24.81 0.90 -74.27
N VAL C 425 -26.05 0.49 -74.55
CA VAL C 425 -26.84 -0.28 -73.54
C VAL C 425 -26.12 -1.59 -73.18
N GLN C 426 -25.69 -2.39 -74.16
CA GLN C 426 -24.98 -3.64 -73.94
C GLN C 426 -23.80 -3.44 -72.98
N TYR C 427 -23.10 -2.32 -73.12
CA TYR C 427 -22.01 -2.03 -72.18
C TYR C 427 -22.53 -1.93 -70.75
N ILE C 428 -23.65 -1.23 -70.56
CA ILE C 428 -24.21 -1.09 -69.22
C ILE C 428 -24.61 -2.45 -68.66
N ALA C 429 -25.24 -3.29 -69.49
CA ALA C 429 -25.66 -4.62 -69.04
C ALA C 429 -24.46 -5.47 -68.65
N ASN C 430 -23.39 -5.43 -69.44
CA ASN C 430 -22.20 -6.22 -69.12
C ASN C 430 -21.56 -5.73 -67.83
N ARG C 431 -21.54 -4.42 -67.61
CA ARG C 431 -21.02 -3.89 -66.35
C ARG C 431 -21.82 -4.43 -65.16
N PHE C 432 -23.15 -4.43 -65.27
CA PHE C 432 -23.98 -4.95 -64.18
C PHE C 432 -23.72 -6.44 -63.95
N ARG C 433 -23.57 -7.20 -65.04
CA ARG C 433 -23.30 -8.63 -64.89
C ARG C 433 -21.97 -8.88 -64.18
N SER C 434 -20.94 -8.12 -64.54
CA SER C 434 -19.65 -8.27 -63.87
C SER C 434 -19.75 -7.93 -62.39
N GLN C 435 -20.50 -6.87 -62.06
CA GLN C 435 -20.67 -6.52 -60.65
C GLN C 435 -21.35 -7.65 -59.88
N ASN C 436 -22.38 -8.26 -60.47
CA ASN C 436 -23.05 -9.38 -59.82
C ASN C 436 -22.09 -10.55 -59.61
N GLU C 437 -21.27 -10.84 -60.62
CA GLU C 437 -20.34 -11.97 -60.52
C GLU C 437 -19.33 -11.75 -59.39
N THR C 438 -18.86 -10.51 -59.21
CA THR C 438 -17.94 -10.24 -58.10
C THR C 438 -18.66 -10.35 -56.74
N LYS C 439 -19.90 -9.84 -56.67
CA LYS C 439 -20.64 -9.91 -55.41
C LYS C 439 -20.86 -11.34 -54.95
N GLU C 440 -21.05 -12.27 -55.90
CA GLU C 440 -21.23 -13.67 -55.52
C GLU C 440 -20.01 -14.21 -54.77
N VAL C 441 -18.81 -13.91 -55.27
CA VAL C 441 -17.59 -14.38 -54.62
C VAL C 441 -17.44 -13.75 -53.25
N GLU C 442 -17.75 -12.46 -53.14
CA GLU C 442 -17.67 -11.80 -51.82
C GLU C 442 -18.59 -12.49 -50.81
N ASP C 443 -19.82 -12.80 -51.24
CA ASP C 443 -20.75 -13.47 -50.33
C ASP C 443 -20.25 -14.86 -49.94
N ASP C 444 -19.62 -15.56 -50.88
CA ASP C 444 -19.06 -16.88 -50.55
C ASP C 444 -17.98 -16.76 -49.47
N TRP C 445 -17.11 -15.75 -49.59
CA TRP C 445 -16.08 -15.55 -48.57
C TRP C 445 -16.71 -15.28 -47.20
N LYS C 446 -17.75 -14.44 -47.17
CA LYS C 446 -18.41 -14.16 -45.90
C LYS C 446 -19.00 -15.42 -45.29
N TYR C 447 -19.62 -16.27 -46.11
CA TYR C 447 -20.20 -17.50 -45.57
C TYR C 447 -19.12 -18.43 -45.02
N VAL C 448 -17.97 -18.51 -45.70
CA VAL C 448 -16.87 -19.34 -45.19
C VAL C 448 -16.43 -18.85 -43.83
N ALA C 449 -16.30 -17.53 -43.66
CA ALA C 449 -15.92 -16.99 -42.36
C ALA C 449 -16.95 -17.36 -41.29
N MET C 450 -18.24 -17.27 -41.63
CA MET C 450 -19.28 -17.63 -40.67
C MET C 450 -19.18 -19.09 -40.25
N VAL C 451 -18.92 -19.98 -41.21
CA VAL C 451 -18.80 -21.41 -40.89
C VAL C 451 -17.63 -21.66 -39.95
N VAL C 452 -16.49 -21.02 -40.20
CA VAL C 452 -15.34 -21.19 -39.31
C VAL C 452 -15.68 -20.71 -37.91
N ASP C 453 -16.35 -19.56 -37.80
CA ASP C 453 -16.72 -19.04 -36.49
C ASP C 453 -17.62 -20.01 -35.75
N ARG C 454 -18.60 -20.60 -36.44
CA ARG C 454 -19.52 -21.53 -35.77
C ARG C 454 -18.77 -22.78 -35.29
N VAL C 455 -17.87 -23.31 -36.11
CA VAL C 455 -17.12 -24.50 -35.71
C VAL C 455 -16.32 -24.22 -34.45
N PHE C 456 -15.62 -23.08 -34.40
CA PHE C 456 -14.83 -22.79 -33.22
C PHE C 456 -15.70 -22.49 -32.01
N LEU C 457 -16.89 -21.91 -32.21
CA LEU C 457 -17.82 -21.71 -31.11
C LEU C 457 -18.20 -23.05 -30.48
N TRP C 458 -18.55 -24.03 -31.31
CA TRP C 458 -18.92 -25.33 -30.77
C TRP C 458 -17.75 -25.99 -30.04
N VAL C 459 -16.55 -25.92 -30.62
CA VAL C 459 -15.39 -26.52 -29.97
C VAL C 459 -15.14 -25.88 -28.61
N PHE C 460 -15.19 -24.54 -28.55
CA PHE C 460 -14.90 -23.85 -27.30
C PHE C 460 -15.97 -24.14 -26.24
N ILE C 461 -17.24 -24.19 -26.63
CA ILE C 461 -18.28 -24.53 -25.65
C ILE C 461 -18.05 -25.93 -25.10
N ILE C 462 -17.76 -26.89 -25.99
CA ILE C 462 -17.56 -28.27 -25.55
C ILE C 462 -16.39 -28.36 -24.58
N VAL C 463 -15.29 -27.68 -24.89
CA VAL C 463 -14.12 -27.76 -24.02
C VAL C 463 -14.37 -27.05 -22.69
N CYS C 464 -14.94 -25.86 -22.74
CA CYS C 464 -15.11 -25.07 -21.52
C CYS C 464 -16.12 -25.70 -20.57
N VAL C 465 -17.14 -26.38 -21.10
CA VAL C 465 -18.05 -27.11 -20.23
C VAL C 465 -17.31 -28.23 -19.51
N PHE C 466 -16.40 -28.90 -20.21
CA PHE C 466 -15.58 -29.93 -19.53
C PHE C 466 -14.66 -29.26 -18.50
N GLY C 467 -13.88 -28.27 -18.92
CA GLY C 467 -12.91 -27.62 -18.02
C GLY C 467 -13.36 -27.53 -16.57
N THR C 468 -14.40 -26.75 -16.28
CA THR C 468 -14.85 -26.54 -14.88
C THR C 468 -14.93 -27.88 -14.14
N ALA C 469 -15.53 -28.91 -14.74
CA ALA C 469 -15.59 -30.24 -14.10
C ALA C 469 -14.20 -30.90 -14.17
N GLY C 470 -13.20 -30.34 -13.47
CA GLY C 470 -11.84 -30.88 -13.52
C GLY C 470 -10.87 -30.05 -12.69
N LEU C 471 -10.40 -28.92 -13.22
CA LEU C 471 -9.51 -28.01 -12.43
C LEU C 471 -10.28 -27.52 -11.21
N PHE C 472 -11.59 -27.30 -11.36
CA PHE C 472 -12.43 -26.90 -10.19
C PHE C 472 -13.38 -28.05 -9.84
N LEU C 473 -12.99 -29.29 -10.15
CA LEU C 473 -13.84 -30.47 -9.83
C LEU C 473 -14.03 -30.57 -8.32
N GLN C 474 -12.96 -30.85 -7.58
CA GLN C 474 -13.08 -31.03 -6.11
C GLN C 474 -12.32 -29.91 -5.39
N PRO C 475 -12.96 -28.77 -5.05
CA PRO C 475 -12.26 -27.66 -4.42
C PRO C 475 -12.28 -27.82 -2.90
N ALA D 24 21.42 -28.61 54.72
CA ALA D 24 21.27 -28.01 53.40
C ALA D 24 21.53 -29.04 52.30
N ASN D 25 20.99 -28.77 51.11
CA ASN D 25 21.15 -29.67 49.99
C ASN D 25 22.59 -29.65 49.48
N ALA D 26 22.96 -30.72 48.77
CA ALA D 26 24.32 -30.82 48.24
C ALA D 26 24.59 -29.73 47.21
N GLU D 27 23.64 -29.48 46.31
CA GLU D 27 23.82 -28.42 45.32
C GLU D 27 23.87 -27.05 45.97
N GLU D 28 23.05 -26.84 47.01
CA GLU D 28 23.05 -25.56 47.71
C GLU D 28 24.41 -25.28 48.34
N LYS D 29 24.95 -26.27 49.06
CA LYS D 29 26.26 -26.14 49.68
C LYS D 29 27.35 -25.96 48.63
N LEU D 30 27.30 -26.73 47.55
CA LEU D 30 28.30 -26.63 46.50
C LEU D 30 28.30 -25.23 45.90
N MET D 31 27.11 -24.70 45.58
CA MET D 31 27.01 -23.38 44.98
C MET D 31 27.55 -22.31 45.92
N ASP D 32 27.20 -22.39 47.21
CA ASP D 32 27.72 -21.40 48.15
C ASP D 32 29.23 -21.48 48.26
N ASP D 33 29.76 -22.67 48.55
CA ASP D 33 31.21 -22.80 48.72
C ASP D 33 31.99 -22.60 47.44
N LEU D 34 31.33 -22.55 46.29
CA LEU D 34 32.02 -22.24 45.04
C LEU D 34 31.93 -20.78 44.65
N LEU D 35 30.80 -20.11 44.91
CA LEU D 35 30.57 -18.76 44.41
C LEU D 35 30.64 -17.69 45.49
N ASN D 36 30.84 -18.05 46.75
CA ASN D 36 30.92 -17.05 47.81
C ASN D 36 32.25 -17.06 48.55
N LYS D 37 32.79 -18.24 48.87
CA LYS D 37 34.05 -18.31 49.60
C LYS D 37 35.20 -17.74 48.78
N THR D 38 35.23 -18.01 47.48
CA THR D 38 36.28 -17.49 46.61
C THR D 38 35.96 -16.12 46.02
N ARG D 39 34.75 -15.62 46.22
CA ARG D 39 34.31 -14.35 45.65
C ARG D 39 34.53 -14.33 44.13
N TYR D 40 33.83 -15.24 43.45
CA TYR D 40 33.94 -15.33 42.00
C TYR D 40 33.40 -14.06 41.35
N ASN D 41 34.30 -13.28 40.75
CA ASN D 41 33.93 -12.05 40.06
C ASN D 41 33.91 -12.32 38.56
N ASN D 42 32.76 -12.08 37.93
CA ASN D 42 32.59 -12.36 36.50
C ASN D 42 32.98 -11.16 35.64
N LEU D 43 34.17 -10.63 35.88
CA LEU D 43 34.70 -9.53 35.08
C LEU D 43 36.12 -9.83 34.62
N ILE D 44 36.83 -10.66 35.37
CA ILE D 44 38.23 -10.97 35.08
C ILE D 44 38.31 -12.18 34.15
N ARG D 45 39.16 -12.07 33.14
CA ARG D 45 39.37 -13.19 32.24
C ARG D 45 39.97 -14.37 32.99
N PRO D 46 39.55 -15.61 32.69
CA PRO D 46 40.06 -16.76 33.44
C PRO D 46 41.48 -17.15 33.07
N ALA D 47 42.11 -16.40 32.17
CA ALA D 47 43.47 -16.68 31.79
C ALA D 47 44.43 -16.39 32.95
N THR D 48 45.49 -17.20 33.04
CA THR D 48 46.50 -17.02 34.08
C THR D 48 47.64 -16.13 33.59
N SER D 49 48.22 -16.47 32.45
CA SER D 49 49.26 -15.63 31.86
C SER D 49 48.65 -14.36 31.28
N SER D 50 49.44 -13.29 31.28
CA SER D 50 48.97 -12.03 30.73
C SER D 50 48.68 -12.15 29.23
N SER D 51 49.62 -12.71 28.49
CA SER D 51 49.44 -12.94 27.06
C SER D 51 49.01 -14.39 26.81
N GLN D 52 47.83 -14.73 27.31
CA GLN D 52 47.28 -16.07 27.19
C GLN D 52 45.96 -16.00 26.42
N LEU D 53 45.79 -16.91 25.46
CA LEU D 53 44.57 -16.99 24.66
C LEU D 53 43.69 -18.10 25.20
N ILE D 54 42.38 -17.86 25.21
CA ILE D 54 41.40 -18.83 25.65
C ILE D 54 40.60 -19.26 24.44
N SER D 55 40.73 -20.53 24.06
CA SER D 55 40.03 -21.04 22.89
C SER D 55 38.53 -21.10 23.16
N ILE D 56 37.75 -20.70 22.17
CA ILE D 56 36.28 -20.69 22.26
C ILE D 56 35.77 -21.51 21.08
N LYS D 57 35.56 -22.80 21.31
CA LYS D 57 35.06 -23.67 20.25
C LYS D 57 33.62 -23.31 19.89
N LEU D 58 33.30 -23.41 18.60
CA LEU D 58 31.97 -23.05 18.10
C LEU D 58 31.40 -24.19 17.28
N GLN D 59 30.07 -24.27 17.27
CA GLN D 59 29.36 -25.21 16.42
C GLN D 59 27.93 -24.70 16.28
N LEU D 60 27.55 -24.32 15.07
CA LEU D 60 26.23 -23.77 14.81
C LEU D 60 25.36 -24.82 14.12
N SER D 61 24.18 -25.06 14.68
CA SER D 61 23.24 -26.04 14.15
C SER D 61 21.99 -25.31 13.70
N LEU D 62 21.61 -25.52 12.43
CA LEU D 62 20.39 -24.92 11.90
C LEU D 62 19.16 -25.65 12.42
N ALA D 63 18.09 -24.90 12.60
CA ALA D 63 16.83 -25.49 13.06
C ALA D 63 15.66 -25.17 12.14
N GLN D 64 15.64 -23.96 11.58
CA GLN D 64 14.55 -23.60 10.64
C GLN D 64 14.90 -22.39 9.81
N LEU D 65 14.83 -22.52 8.49
CA LEU D 65 15.05 -21.40 7.57
C LEU D 65 13.71 -20.69 7.39
N ILE D 66 13.53 -19.57 8.08
CA ILE D 66 12.20 -18.96 8.17
C ILE D 66 11.82 -18.31 6.84
N SER D 67 12.58 -17.30 6.42
CA SER D 67 12.20 -16.54 5.24
C SER D 67 13.43 -15.85 4.66
N VAL D 68 13.33 -15.48 3.38
CA VAL D 68 14.33 -14.68 2.70
C VAL D 68 13.61 -13.51 2.06
N ASN D 69 14.06 -12.30 2.37
CA ASN D 69 13.45 -11.08 1.85
C ASN D 69 14.26 -10.54 0.68
N GLU D 70 13.57 -10.15 -0.38
CA GLU D 70 14.22 -9.66 -1.60
C GLU D 70 14.43 -8.16 -1.55
N ARG D 71 13.34 -7.39 -1.36
CA ARG D 71 13.44 -5.95 -1.34
C ARG D 71 14.27 -5.46 -0.17
N GLU D 72 14.08 -6.04 1.01
CA GLU D 72 14.81 -5.63 2.21
C GLU D 72 16.17 -6.30 2.35
N GLN D 73 16.43 -7.37 1.59
CA GLN D 73 17.71 -8.08 1.62
C GLN D 73 18.07 -8.52 3.04
N ILE D 74 17.11 -9.12 3.73
CA ILE D 74 17.31 -9.66 5.07
C ILE D 74 16.81 -11.09 5.10
N MET D 75 17.53 -11.95 5.84
CA MET D 75 17.19 -13.36 5.95
C MET D 75 16.94 -13.71 7.41
N THR D 76 15.88 -14.45 7.67
CA THR D 76 15.49 -14.84 9.03
C THR D 76 15.72 -16.33 9.21
N THR D 77 16.43 -16.69 10.28
CA THR D 77 16.76 -18.08 10.55
C THR D 77 16.55 -18.38 12.03
N ASN D 78 16.62 -19.66 12.37
CA ASN D 78 16.56 -20.13 13.75
C ASN D 78 17.75 -21.07 13.96
N VAL D 79 18.76 -20.61 14.69
CA VAL D 79 20.01 -21.34 14.85
C VAL D 79 20.39 -21.41 16.32
N TRP D 80 21.29 -22.35 16.62
CA TRP D 80 21.80 -22.57 17.97
C TRP D 80 23.31 -22.47 17.97
N LEU D 81 23.86 -21.74 18.93
CA LEU D 81 25.30 -21.66 19.14
C LEU D 81 25.72 -22.62 20.24
N LYS D 82 26.99 -23.04 20.19
CA LYS D 82 27.52 -24.03 21.13
C LYS D 82 28.89 -23.60 21.64
N GLN D 83 29.00 -22.35 22.09
CA GLN D 83 30.25 -21.86 22.65
C GLN D 83 30.66 -22.70 23.86
N GLU D 84 31.92 -23.12 23.90
CA GLU D 84 32.38 -24.04 24.92
C GLU D 84 33.87 -23.78 25.19
N TRP D 85 34.16 -22.95 26.18
CA TRP D 85 35.52 -22.73 26.62
C TRP D 85 35.85 -23.68 27.75
N THR D 86 36.97 -23.45 28.45
CA THR D 86 37.37 -24.27 29.59
C THR D 86 37.89 -23.35 30.69
N ASP D 87 36.99 -22.98 31.60
CA ASP D 87 37.39 -22.24 32.80
C ASP D 87 38.10 -23.17 33.78
N TYR D 88 38.88 -22.56 34.67
CA TYR D 88 39.63 -23.32 35.66
C TYR D 88 39.18 -23.06 37.09
N ARG D 89 38.61 -21.90 37.39
CA ARG D 89 38.20 -21.59 38.75
C ARG D 89 36.98 -22.40 39.19
N LEU D 90 36.20 -22.91 38.23
CA LEU D 90 34.98 -23.66 38.55
C LEU D 90 35.30 -25.15 38.53
N THR D 91 35.94 -25.61 39.61
CA THR D 91 36.26 -27.02 39.75
C THR D 91 36.07 -27.43 41.21
N TRP D 92 35.84 -28.72 41.43
CA TRP D 92 35.61 -29.26 42.76
C TRP D 92 35.84 -30.76 42.70
N ASN D 93 35.60 -31.42 43.82
CA ASN D 93 35.73 -32.87 43.93
C ASN D 93 34.36 -33.52 43.89
N SER D 94 34.27 -34.66 43.22
CA SER D 94 33.02 -35.41 43.10
C SER D 94 32.77 -36.32 44.29
N SER D 95 33.45 -36.10 45.41
CA SER D 95 33.25 -36.89 46.62
C SER D 95 32.94 -36.04 47.84
N ARG D 96 33.57 -34.88 47.98
CA ARG D 96 33.29 -34.00 49.11
C ARG D 96 31.86 -33.46 49.04
N TYR D 97 31.45 -32.99 47.87
CA TYR D 97 30.09 -32.46 47.68
C TYR D 97 29.20 -33.53 47.06
N GLU D 98 29.00 -34.60 47.82
CA GLU D 98 28.17 -35.75 47.41
C GLU D 98 28.74 -36.30 46.09
N GLY D 99 27.90 -36.95 45.29
CA GLY D 99 28.33 -37.49 44.01
C GLY D 99 27.99 -36.59 42.84
N VAL D 100 27.75 -35.31 43.12
CA VAL D 100 27.35 -34.38 42.06
C VAL D 100 28.51 -34.15 41.11
N ASN D 101 28.23 -34.18 39.81
CA ASN D 101 29.22 -33.92 38.78
C ASN D 101 28.80 -32.86 37.77
N ILE D 102 27.51 -32.56 37.63
CA ILE D 102 27.01 -31.54 36.73
C ILE D 102 26.14 -30.60 37.54
N LEU D 103 26.33 -29.29 37.34
CA LEU D 103 25.64 -28.28 38.13
C LEU D 103 25.24 -27.13 37.22
N ARG D 104 23.94 -26.99 36.99
CA ARG D 104 23.44 -25.90 36.14
C ARG D 104 23.45 -24.58 36.90
N ILE D 105 24.00 -23.55 36.28
CA ILE D 105 24.15 -22.23 36.89
C ILE D 105 23.54 -21.20 35.96
N PRO D 106 22.94 -20.11 36.48
CA PRO D 106 22.47 -19.04 35.59
C PRO D 106 23.60 -18.45 34.76
N ALA D 107 23.24 -18.02 33.55
CA ALA D 107 24.26 -17.54 32.61
C ALA D 107 24.96 -16.28 33.12
N LYS D 108 24.21 -15.35 33.70
CA LYS D 108 24.79 -14.08 34.12
C LYS D 108 25.42 -14.19 35.50
N ARG D 109 26.27 -15.20 35.70
CA ARG D 109 27.07 -15.33 36.90
C ARG D 109 28.49 -15.78 36.62
N ILE D 110 28.83 -16.06 35.36
CA ILE D 110 30.15 -16.54 34.96
C ILE D 110 30.62 -15.69 33.80
N TRP D 111 31.94 -15.49 33.71
CA TRP D 111 32.52 -14.73 32.61
C TRP D 111 32.15 -15.36 31.28
N LEU D 112 31.75 -14.53 30.32
CA LEU D 112 31.34 -14.99 29.00
C LEU D 112 32.07 -14.18 27.94
N PRO D 113 32.70 -14.83 26.96
CA PRO D 113 33.21 -14.08 25.81
C PRO D 113 32.06 -13.63 24.93
N ASP D 114 31.83 -12.32 24.87
CA ASP D 114 30.66 -11.78 24.19
C ASP D 114 30.83 -11.95 22.68
N ILE D 115 30.24 -13.01 22.13
CA ILE D 115 30.26 -13.29 20.70
C ILE D 115 28.88 -12.99 20.16
N VAL D 116 28.79 -12.04 19.23
CA VAL D 116 27.52 -11.58 18.70
C VAL D 116 27.57 -11.54 17.18
N LEU D 117 26.40 -11.50 16.57
CA LEU D 117 26.31 -11.37 15.12
C LEU D 117 26.77 -9.97 14.70
N TYR D 118 27.77 -9.89 13.83
CA TYR D 118 28.35 -8.56 13.51
C TYR D 118 27.78 -7.96 12.22
N ASN D 119 26.79 -8.59 11.59
CA ASN D 119 26.13 -8.01 10.42
C ASN D 119 24.62 -8.06 10.58
N ASN D 120 24.14 -7.65 11.75
CA ASN D 120 22.70 -7.59 11.99
C ASN D 120 22.07 -6.52 11.10
N ALA D 121 20.79 -6.72 10.79
CA ALA D 121 20.08 -5.77 9.93
C ALA D 121 20.01 -4.39 10.58
N ASP D 122 19.77 -4.34 11.88
CA ASP D 122 19.72 -3.09 12.63
C ASP D 122 20.67 -3.17 13.82
N GLY D 123 20.58 -2.18 14.70
CA GLY D 123 21.48 -2.11 15.85
C GLY D 123 21.13 -3.09 16.95
N THR D 124 21.15 -4.38 16.63
CA THR D 124 20.87 -5.44 17.60
C THR D 124 22.15 -6.15 18.02
N TYR D 125 23.23 -5.39 18.21
CA TYR D 125 24.51 -5.98 18.59
C TYR D 125 24.46 -6.46 20.03
N GLU D 126 23.60 -7.45 20.30
CA GLU D 126 23.39 -8.00 21.63
C GLU D 126 23.13 -9.49 21.47
N VAL D 127 22.63 -10.12 22.53
CA VAL D 127 22.29 -11.54 22.50
C VAL D 127 20.82 -11.72 22.84
N SER D 128 20.36 -12.97 22.86
CA SER D 128 18.98 -13.30 23.18
C SER D 128 18.86 -13.53 24.69
N VAL D 129 17.72 -14.11 25.10
CA VAL D 129 17.51 -14.36 26.53
C VAL D 129 18.57 -15.30 27.06
N TYR D 130 18.79 -15.24 28.37
CA TYR D 130 19.86 -15.96 29.04
C TYR D 130 19.30 -17.21 29.73
N THR D 131 19.65 -18.37 29.20
CA THR D 131 19.25 -19.64 29.78
C THR D 131 20.33 -20.12 30.75
N ASN D 132 20.24 -21.36 31.19
CA ASN D 132 21.19 -21.90 32.16
C ASN D 132 22.47 -22.35 31.47
N LEU D 133 23.56 -22.35 32.25
CA LEU D 133 24.84 -22.89 31.83
C LEU D 133 25.02 -24.29 32.39
N ILE D 134 25.87 -25.08 31.73
CA ILE D 134 26.19 -26.42 32.18
C ILE D 134 27.68 -26.43 32.53
N VAL D 135 27.98 -26.62 33.81
CA VAL D 135 29.35 -26.63 34.32
C VAL D 135 29.63 -28.01 34.89
N ARG D 136 30.72 -28.63 34.43
CA ARG D 136 31.13 -29.93 34.91
C ARG D 136 32.15 -29.77 36.04
N SER D 137 32.63 -30.89 36.56
CA SER D 137 33.69 -30.86 37.55
C SER D 137 35.02 -30.43 36.94
N ASN D 138 35.13 -30.45 35.61
CA ASN D 138 36.34 -30.05 34.91
C ASN D 138 36.37 -28.56 34.59
N GLY D 139 35.28 -27.84 34.79
CA GLY D 139 35.23 -26.44 34.45
C GLY D 139 34.81 -26.15 33.02
N SER D 140 34.60 -27.18 32.21
CA SER D 140 34.27 -26.99 30.80
C SER D 140 32.84 -26.47 30.67
N VAL D 141 32.70 -25.15 30.59
CA VAL D 141 31.38 -24.54 30.46
C VAL D 141 30.79 -24.83 29.09
N LEU D 142 29.46 -24.92 29.04
CA LEU D 142 28.73 -25.17 27.81
C LEU D 142 27.53 -24.23 27.75
N TRP D 143 27.52 -23.35 26.76
CA TRP D 143 26.44 -22.39 26.58
C TRP D 143 25.77 -22.63 25.24
N LEU D 144 24.45 -22.81 25.26
CA LEU D 144 23.66 -23.08 24.06
C LEU D 144 22.42 -22.22 24.07
N PRO D 145 22.56 -20.92 23.83
CA PRO D 145 21.41 -20.02 23.90
C PRO D 145 20.57 -20.12 22.64
N PRO D 146 19.25 -20.06 22.76
CA PRO D 146 18.40 -19.99 21.57
C PRO D 146 18.28 -18.55 21.08
N ALA D 147 18.30 -18.39 19.76
CA ALA D 147 18.23 -17.05 19.18
C ALA D 147 17.68 -17.13 17.76
N ILE D 148 17.01 -16.05 17.35
CA ILE D 148 16.50 -15.89 16.00
C ILE D 148 17.20 -14.68 15.40
N TYR D 149 17.90 -14.88 14.28
CA TYR D 149 18.73 -13.85 13.68
C TYR D 149 18.11 -13.35 12.39
N LYS D 150 18.17 -12.04 12.19
CA LYS D 150 17.75 -11.40 10.94
C LYS D 150 18.96 -10.66 10.39
N SER D 151 19.78 -11.37 9.62
CA SER D 151 21.03 -10.83 9.10
C SER D 151 20.77 -10.13 7.76
N ALA D 152 21.83 -9.52 7.22
CA ALA D 152 21.77 -8.82 5.94
C ALA D 152 22.65 -9.53 4.93
N CYS D 153 22.09 -9.83 3.77
CA CYS D 153 22.82 -10.53 2.73
C CYS D 153 22.47 -9.95 1.36
N LYS D 154 23.43 -10.07 0.44
CA LYS D 154 23.25 -9.52 -0.92
C LYS D 154 22.41 -10.48 -1.76
N ILE D 155 21.52 -9.94 -2.59
CA ILE D 155 20.60 -10.72 -3.40
C ILE D 155 20.92 -10.48 -4.87
N GLU D 156 21.07 -11.56 -5.62
CA GLU D 156 21.28 -11.51 -7.07
C GLU D 156 20.06 -12.07 -7.77
N VAL D 157 19.52 -11.29 -8.71
CA VAL D 157 18.23 -11.63 -9.34
C VAL D 157 18.39 -11.75 -10.85
N LYS D 158 19.54 -12.20 -11.32
CA LYS D 158 19.74 -12.37 -12.76
C LYS D 158 18.79 -13.40 -13.33
N TYR D 159 18.92 -14.66 -12.88
CA TYR D 159 18.00 -15.72 -13.28
C TYR D 159 16.90 -15.82 -12.23
N PHE D 160 15.90 -14.96 -12.39
CA PHE D 160 14.95 -14.70 -11.30
C PHE D 160 14.23 -15.95 -10.79
N PRO D 161 13.65 -16.82 -11.63
CA PRO D 161 12.99 -18.00 -11.09
C PRO D 161 13.93 -19.15 -10.74
N PHE D 162 15.19 -19.08 -11.15
CA PHE D 162 16.14 -20.17 -10.94
C PHE D 162 17.44 -19.64 -10.33
N ASP D 163 17.33 -18.65 -9.45
CA ASP D 163 18.50 -18.02 -8.88
C ASP D 163 19.07 -18.83 -7.73
N GLN D 164 20.29 -18.48 -7.32
CA GLN D 164 20.98 -19.12 -6.21
C GLN D 164 21.67 -18.03 -5.40
N GLN D 165 21.36 -17.96 -4.11
CA GLN D 165 21.89 -16.92 -3.24
C GLN D 165 22.94 -17.50 -2.29
N ASN D 166 23.84 -16.63 -1.84
CA ASN D 166 24.90 -16.97 -0.90
C ASN D 166 24.88 -15.91 0.21
N CYS D 167 24.08 -16.16 1.25
CA CYS D 167 23.97 -15.26 2.38
C CYS D 167 24.79 -15.80 3.55
N THR D 168 25.48 -14.91 4.25
CA THR D 168 26.46 -15.28 5.25
C THR D 168 26.03 -14.83 6.64
N LEU D 169 26.74 -15.36 7.64
CA LEU D 169 26.54 -14.99 9.04
C LEU D 169 27.92 -14.79 9.67
N LYS D 170 28.21 -13.58 10.12
CA LYS D 170 29.52 -13.24 10.67
C LYS D 170 29.43 -13.12 12.19
N PHE D 171 30.26 -13.88 12.89
CA PHE D 171 30.31 -13.87 14.34
C PHE D 171 31.67 -13.35 14.78
N ARG D 172 31.68 -12.37 15.67
CA ARG D 172 32.91 -11.75 16.12
C ARG D 172 32.76 -11.33 17.58
N SER D 173 33.89 -11.14 18.24
CA SER D 173 33.90 -10.73 19.64
C SER D 173 33.35 -9.32 19.79
N TRP D 174 32.72 -9.08 20.94
CA TRP D 174 32.12 -7.79 21.25
C TRP D 174 32.98 -6.90 22.13
N THR D 175 33.70 -7.48 23.07
CA THR D 175 34.56 -6.70 23.97
C THR D 175 36.04 -7.04 23.80
N TYR D 176 36.39 -8.31 23.65
CA TYR D 176 37.78 -8.73 23.55
C TYR D 176 38.21 -8.79 22.08
N ASP D 177 39.49 -9.12 21.91
CA ASP D 177 40.06 -9.23 20.55
C ASP D 177 41.06 -10.38 20.56
N HIS D 178 41.86 -10.51 19.51
CA HIS D 178 42.88 -11.54 19.48
C HIS D 178 43.92 -11.28 20.57
N THR D 179 44.80 -12.27 20.76
CA THR D 179 45.76 -12.33 21.86
C THR D 179 45.04 -12.40 23.20
N GLU D 180 43.71 -12.48 23.17
CA GLU D 180 42.87 -12.73 24.33
C GLU D 180 41.91 -13.88 24.12
N ILE D 181 41.36 -14.03 22.91
CA ILE D 181 40.51 -15.16 22.57
C ILE D 181 41.00 -15.76 21.26
N ASP D 182 40.68 -17.04 21.06
CA ASP D 182 41.21 -17.82 19.94
C ASP D 182 40.10 -18.65 19.30
N MET D 183 39.00 -17.99 18.92
CA MET D 183 37.84 -18.67 18.35
C MET D 183 38.24 -19.66 17.26
N VAL D 184 37.94 -20.94 17.49
CA VAL D 184 38.21 -22.01 16.55
C VAL D 184 36.90 -22.69 16.18
N LEU D 185 36.95 -23.47 15.10
CA LEU D 185 35.79 -24.19 14.60
C LEU D 185 35.90 -25.66 15.01
N MET D 186 34.85 -26.18 15.64
CA MET D 186 34.87 -27.58 16.09
C MET D 186 34.68 -28.53 14.92
N THR D 187 33.76 -28.23 14.00
CA THR D 187 33.55 -29.02 12.80
C THR D 187 33.33 -28.09 11.62
N PRO D 188 33.81 -28.47 10.42
CA PRO D 188 33.66 -27.60 9.24
C PRO D 188 32.33 -27.79 8.51
N THR D 189 31.23 -27.85 9.28
CA THR D 189 29.90 -28.03 8.70
C THR D 189 28.83 -27.73 9.75
N ALA D 190 27.85 -26.90 9.39
CA ALA D 190 26.73 -26.64 10.27
C ALA D 190 25.74 -27.80 10.20
N SER D 191 25.55 -28.47 11.34
CA SER D 191 24.65 -29.62 11.37
C SER D 191 23.19 -29.17 11.24
N MET D 192 22.36 -30.11 10.79
CA MET D 192 20.94 -29.85 10.53
C MET D 192 20.05 -30.62 11.49
N ASP D 193 20.43 -30.61 12.77
CA ASP D 193 19.64 -31.31 13.81
C ASP D 193 18.34 -30.53 14.04
N ASP D 194 17.24 -31.25 14.21
CA ASP D 194 15.93 -30.64 14.45
C ASP D 194 15.58 -29.64 13.36
N PHE D 195 15.81 -30.03 12.11
CA PHE D 195 15.54 -29.19 10.95
C PHE D 195 14.17 -29.51 10.38
N THR D 196 13.35 -28.48 10.20
CA THR D 196 12.06 -28.64 9.53
C THR D 196 12.19 -28.17 8.10
N PRO D 197 12.08 -29.05 7.10
CA PRO D 197 12.31 -28.64 5.72
C PRO D 197 11.35 -27.54 5.28
N SER D 198 11.84 -26.64 4.43
CA SER D 198 11.05 -25.55 3.90
C SER D 198 10.28 -26.01 2.66
N GLY D 199 9.54 -25.09 2.07
CA GLY D 199 8.77 -25.40 0.87
C GLY D 199 9.10 -24.47 -0.29
N GLU D 200 9.85 -23.42 0.00
CA GLU D 200 10.23 -22.43 -1.00
C GLU D 200 11.72 -22.49 -1.37
N TRP D 201 12.60 -22.55 -0.38
CA TRP D 201 14.03 -22.53 -0.60
C TRP D 201 14.64 -23.88 -0.25
N ASP D 202 15.51 -24.37 -1.13
CA ASP D 202 16.28 -25.58 -0.86
C ASP D 202 17.56 -25.22 -0.11
N ILE D 203 18.41 -26.21 0.14
CA ILE D 203 19.69 -26.01 0.79
C ILE D 203 20.72 -26.91 0.12
N VAL D 204 21.89 -26.36 -0.21
CA VAL D 204 22.92 -27.11 -0.90
C VAL D 204 24.04 -27.47 0.07
N ALA D 205 24.63 -26.46 0.72
CA ALA D 205 25.72 -26.70 1.65
C ALA D 205 25.77 -25.56 2.65
N LEU D 206 26.45 -25.81 3.77
CA LEU D 206 26.61 -24.83 4.84
C LEU D 206 28.07 -24.81 5.30
N PRO D 207 28.98 -24.31 4.47
CA PRO D 207 30.40 -24.28 4.85
C PRO D 207 30.67 -23.22 5.91
N GLY D 208 31.75 -23.45 6.65
CA GLY D 208 32.18 -22.51 7.67
C GLY D 208 33.70 -22.34 7.68
N ARG D 209 34.16 -21.09 7.72
CA ARG D 209 35.57 -20.78 7.58
C ARG D 209 36.01 -19.79 8.67
N ARG D 210 37.29 -19.86 9.01
CA ARG D 210 37.89 -18.98 10.01
C ARG D 210 38.81 -17.99 9.31
N THR D 211 38.58 -16.70 9.56
CA THR D 211 39.31 -15.62 8.91
C THR D 211 40.13 -14.87 9.95
N VAL D 212 41.44 -14.75 9.70
CA VAL D 212 42.34 -13.99 10.55
C VAL D 212 43.20 -13.09 9.67
N ASN D 213 43.32 -11.83 10.06
CA ASN D 213 44.05 -10.85 9.26
C ASN D 213 45.56 -11.02 9.46
N PRO D 214 46.33 -11.30 8.41
CA PRO D 214 47.78 -11.42 8.58
C PRO D 214 48.45 -10.13 9.05
N GLN D 215 47.93 -8.97 8.64
CA GLN D 215 48.58 -7.70 8.97
C GLN D 215 48.27 -7.28 10.40
N ASP D 216 46.99 -7.11 10.73
CA ASP D 216 46.60 -6.73 12.08
C ASP D 216 46.33 -7.98 12.88
N PRO D 217 47.15 -8.31 13.88
CA PRO D 217 46.89 -9.53 14.67
C PRO D 217 45.90 -9.30 15.79
N SER D 218 44.79 -8.63 15.47
CA SER D 218 43.72 -8.38 16.43
C SER D 218 42.35 -8.53 15.79
N TYR D 219 42.25 -9.37 14.76
CA TYR D 219 41.01 -9.56 14.01
C TYR D 219 40.84 -11.05 13.71
N VAL D 220 39.96 -11.71 14.46
CA VAL D 220 39.60 -13.10 14.21
C VAL D 220 38.08 -13.19 14.17
N ASP D 221 37.54 -13.90 13.19
CA ASP D 221 36.10 -14.05 13.07
C ASP D 221 35.79 -15.40 12.46
N VAL D 222 34.56 -15.85 12.68
CA VAL D 222 34.04 -17.10 12.11
C VAL D 222 32.78 -16.77 11.34
N THR D 223 32.75 -17.14 10.06
CA THR D 223 31.61 -16.88 9.19
C THR D 223 31.05 -18.19 8.66
N TYR D 224 29.74 -18.32 8.71
CA TYR D 224 29.03 -19.48 8.18
C TYR D 224 28.28 -19.05 6.92
N ASP D 225 28.56 -19.71 5.80
CA ASP D 225 27.97 -19.35 4.51
C ASP D 225 26.77 -20.25 4.23
N PHE D 226 25.66 -19.63 3.87
CA PHE D 226 24.44 -20.35 3.52
C PHE D 226 24.26 -20.31 2.01
N ILE D 227 24.22 -21.49 1.39
CA ILE D 227 23.96 -21.61 -0.05
C ILE D 227 22.55 -22.17 -0.19
N ILE D 228 21.64 -21.35 -0.72
CA ILE D 228 20.23 -21.72 -0.84
C ILE D 228 19.82 -21.58 -2.30
N LYS D 229 19.10 -22.57 -2.81
CA LYS D 229 18.65 -22.61 -4.18
C LYS D 229 17.13 -22.63 -4.21
N ARG D 230 16.53 -21.82 -5.06
CA ARG D 230 15.08 -21.72 -5.11
C ARG D 230 14.48 -22.99 -5.71
N LYS D 231 13.17 -23.16 -5.48
CA LYS D 231 12.40 -24.29 -6.02
C LYS D 231 11.33 -23.72 -6.94
N PRO D 232 11.58 -23.64 -8.25
CA PRO D 232 10.62 -22.96 -9.13
C PRO D 232 9.41 -23.79 -9.50
N LEU D 233 8.26 -23.50 -8.90
CA LEU D 233 6.98 -23.99 -9.40
C LEU D 233 5.86 -22.98 -9.23
N PHE D 234 6.03 -21.95 -8.40
CA PHE D 234 5.00 -20.93 -8.20
C PHE D 234 5.18 -19.74 -9.13
N TYR D 235 6.40 -19.46 -9.57
CA TYR D 235 6.66 -18.34 -10.45
C TYR D 235 6.69 -18.74 -11.92
N THR D 236 7.20 -19.93 -12.24
CA THR D 236 7.20 -20.38 -13.63
C THR D 236 5.82 -20.77 -14.14
N ILE D 237 4.76 -20.52 -13.37
CA ILE D 237 3.40 -20.79 -13.80
C ILE D 237 2.62 -19.49 -13.79
N ASN D 238 3.02 -18.55 -12.92
CA ASN D 238 2.27 -17.32 -12.75
C ASN D 238 2.93 -16.08 -13.34
N LEU D 239 4.19 -16.17 -13.76
CA LEU D 239 4.83 -15.01 -14.38
C LEU D 239 5.47 -15.33 -15.72
N ILE D 240 6.03 -16.53 -15.88
CA ILE D 240 6.75 -16.84 -17.11
C ILE D 240 5.80 -17.17 -18.24
N ILE D 241 4.88 -18.12 -18.02
CA ILE D 241 3.94 -18.50 -19.07
C ILE D 241 3.03 -17.35 -19.48
N PRO D 242 2.39 -16.62 -18.57
CA PRO D 242 1.56 -15.48 -19.02
C PRO D 242 2.34 -14.42 -19.77
N CYS D 243 3.59 -14.16 -19.38
CA CYS D 243 4.39 -13.19 -20.11
C CYS D 243 4.65 -13.64 -21.54
N VAL D 244 4.98 -14.92 -21.73
CA VAL D 244 5.20 -15.44 -23.07
C VAL D 244 3.91 -15.37 -23.89
N LEU D 245 2.79 -15.73 -23.27
CA LEU D 245 1.51 -15.68 -23.98
C LEU D 245 1.18 -14.26 -24.44
N THR D 246 1.39 -13.28 -23.55
CA THR D 246 1.11 -11.89 -23.92
C THR D 246 2.08 -11.39 -24.98
N THR D 247 3.36 -11.79 -24.88
CA THR D 247 4.34 -11.37 -25.88
C THR D 247 4.02 -11.94 -27.25
N LEU D 248 3.46 -13.15 -27.30
CA LEU D 248 3.12 -13.76 -28.58
C LEU D 248 1.98 -13.05 -29.31
N LEU D 249 1.28 -12.12 -28.66
CA LEU D 249 0.20 -11.37 -29.29
C LEU D 249 0.68 -10.14 -30.05
N ALA D 250 1.99 -9.87 -30.05
CA ALA D 250 2.51 -8.68 -30.71
C ALA D 250 2.62 -8.83 -32.22
N ILE D 251 2.45 -10.03 -32.75
CA ILE D 251 2.59 -10.26 -34.18
C ILE D 251 1.24 -10.15 -34.91
N LEU D 252 0.14 -10.41 -34.22
CA LEU D 252 -1.18 -10.47 -34.86
C LEU D 252 -1.61 -9.14 -35.46
N VAL D 253 -0.98 -8.03 -35.07
CA VAL D 253 -1.38 -6.72 -35.59
C VAL D 253 -1.16 -6.65 -37.10
N PHE D 254 -0.23 -7.44 -37.63
CA PHE D 254 0.10 -7.40 -39.05
C PHE D 254 -0.74 -8.36 -39.88
N TYR D 255 -1.70 -9.05 -39.29
CA TYR D 255 -2.61 -9.91 -40.03
C TYR D 255 -4.02 -9.37 -40.09
N LEU D 256 -4.30 -8.24 -39.45
CA LEU D 256 -5.62 -7.64 -39.53
C LEU D 256 -5.87 -7.10 -40.94
N PRO D 257 -7.12 -7.14 -41.41
CA PRO D 257 -7.41 -6.77 -42.80
C PRO D 257 -7.28 -5.29 -43.09
N SER D 258 -6.98 -4.45 -42.10
CA SER D 258 -6.80 -3.01 -42.22
C SER D 258 -8.07 -2.27 -42.60
N ASP D 259 -9.19 -2.97 -42.76
CA ASP D 259 -10.46 -2.35 -43.13
C ASP D 259 -11.52 -2.52 -42.04
N CYS D 260 -11.14 -3.09 -40.90
CA CYS D 260 -12.07 -3.33 -39.81
C CYS D 260 -12.17 -2.15 -38.85
N GLY D 261 -11.37 -1.11 -39.03
CA GLY D 261 -11.37 0.01 -38.11
C GLY D 261 -10.94 -0.36 -36.72
N GLU D 262 -10.17 -1.44 -36.56
CA GLU D 262 -9.76 -1.88 -35.23
C GLU D 262 -8.28 -2.29 -35.24
N LYS D 263 -7.45 -1.53 -35.93
CA LYS D 263 -6.02 -1.78 -35.97
C LYS D 263 -5.25 -1.10 -34.84
N MET D 264 -5.91 -0.24 -34.07
CA MET D 264 -5.27 0.49 -32.99
C MET D 264 -5.74 0.07 -31.61
N THR D 265 -6.78 -0.75 -31.51
CA THR D 265 -7.26 -1.25 -30.22
C THR D 265 -6.47 -2.47 -29.76
N LEU D 266 -5.67 -3.08 -30.64
CA LEU D 266 -4.91 -4.28 -30.31
C LEU D 266 -3.52 -3.96 -29.80
N CYS D 267 -2.77 -3.13 -30.53
CA CYS D 267 -1.39 -2.84 -30.17
C CYS D 267 -1.31 -2.12 -28.82
N ILE D 268 -2.18 -1.12 -28.62
CA ILE D 268 -2.15 -0.37 -27.37
C ILE D 268 -2.58 -1.27 -26.21
N SER D 269 -3.52 -2.17 -26.45
CA SER D 269 -3.94 -3.11 -25.41
C SER D 269 -2.80 -4.06 -25.04
N VAL D 270 -2.06 -4.53 -26.03
CA VAL D 270 -0.90 -5.40 -25.76
C VAL D 270 0.15 -4.63 -24.97
N LEU D 271 0.35 -3.36 -25.32
CA LEU D 271 1.27 -2.52 -24.57
C LEU D 271 0.84 -2.39 -23.11
N LEU D 272 -0.45 -2.18 -22.88
CA LEU D 272 -0.94 -2.04 -21.50
C LEU D 272 -0.79 -3.34 -20.72
N ALA D 273 -1.07 -4.48 -21.36
CA ALA D 273 -0.90 -5.77 -20.68
C ALA D 273 0.57 -6.02 -20.32
N LEU D 274 1.48 -5.71 -21.24
CA LEU D 274 2.90 -5.83 -20.93
C LEU D 274 3.31 -4.86 -19.82
N THR D 275 2.68 -3.69 -19.77
CA THR D 275 2.94 -2.76 -18.68
C THR D 275 2.51 -3.36 -17.34
N PHE D 276 1.35 -4.00 -17.31
CA PHE D 276 0.91 -4.71 -16.11
C PHE D 276 1.95 -5.73 -15.67
N PHE D 277 2.37 -6.59 -16.61
CA PHE D 277 3.29 -7.67 -16.26
C PHE D 277 4.64 -7.13 -15.81
N LEU D 278 5.10 -6.03 -16.42
CA LEU D 278 6.34 -5.40 -15.97
C LEU D 278 6.16 -4.80 -14.59
N LEU D 279 4.99 -4.25 -14.31
CA LEU D 279 4.74 -3.70 -12.95
C LEU D 279 4.92 -4.85 -11.94
N LEU D 280 4.32 -6.01 -12.23
CA LEU D 280 4.41 -7.10 -11.27
C LEU D 280 5.87 -7.42 -10.95
N ILE D 281 6.73 -7.46 -11.97
CA ILE D 281 8.11 -7.88 -11.77
C ILE D 281 8.89 -6.84 -10.95
N SER D 282 8.57 -5.56 -11.15
CA SER D 282 9.34 -4.49 -10.51
C SER D 282 9.09 -4.38 -9.01
N LYS D 283 8.35 -5.32 -8.41
CA LYS D 283 8.10 -5.32 -6.97
C LYS D 283 8.98 -6.30 -6.22
N ILE D 284 9.23 -7.48 -6.79
CA ILE D 284 10.00 -8.52 -6.11
C ILE D 284 11.48 -8.28 -6.34
N VAL D 285 11.80 -7.33 -7.21
CA VAL D 285 13.17 -7.01 -7.57
C VAL D 285 13.61 -5.80 -6.75
N PRO D 286 14.73 -5.86 -6.05
CA PRO D 286 15.20 -4.70 -5.28
C PRO D 286 15.58 -3.57 -6.21
N PRO D 287 15.58 -2.32 -5.71
CA PRO D 287 16.11 -1.21 -6.53
C PRO D 287 17.55 -1.48 -6.93
N THR D 288 17.77 -1.67 -8.23
CA THR D 288 19.05 -2.19 -8.73
C THR D 288 19.81 -1.12 -9.50
N SER D 289 21.14 -1.24 -9.46
CA SER D 289 22.00 -0.37 -10.25
C SER D 289 23.16 -1.13 -10.89
N LEU D 290 23.17 -2.45 -10.82
CA LEU D 290 24.23 -3.25 -11.41
C LEU D 290 23.75 -4.43 -12.24
N ASP D 291 22.54 -4.94 -12.02
CA ASP D 291 22.03 -6.07 -12.78
C ASP D 291 20.51 -6.03 -12.77
N VAL D 292 19.92 -6.56 -13.83
CA VAL D 292 18.46 -6.61 -13.98
C VAL D 292 18.10 -8.03 -14.42
N PRO D 293 16.93 -8.55 -14.04
CA PRO D 293 16.56 -9.89 -14.49
C PRO D 293 16.41 -9.96 -16.01
N LEU D 294 16.68 -11.14 -16.55
CA LEU D 294 16.57 -11.34 -18.00
C LEU D 294 15.14 -11.10 -18.48
N ILE D 295 14.15 -11.37 -17.63
CA ILE D 295 12.76 -11.09 -17.98
C ILE D 295 12.53 -9.59 -18.12
N GLY D 296 13.15 -8.80 -17.24
CA GLY D 296 13.07 -7.35 -17.35
C GLY D 296 13.72 -6.80 -18.60
N LYS D 297 14.70 -7.51 -19.16
CA LYS D 297 15.29 -7.13 -20.43
C LYS D 297 14.48 -7.63 -21.62
N TYR D 298 13.76 -8.75 -21.47
CA TYR D 298 12.89 -9.23 -22.52
C TYR D 298 11.66 -8.33 -22.69
N LEU D 299 11.08 -7.89 -21.57
CA LEU D 299 9.87 -7.07 -21.65
C LEU D 299 10.14 -5.72 -22.30
N MET D 300 11.29 -5.11 -22.01
CA MET D 300 11.63 -3.84 -22.65
C MET D 300 11.78 -3.99 -24.16
N PHE D 301 12.43 -5.07 -24.59
CA PHE D 301 12.55 -5.34 -26.02
C PHE D 301 11.18 -5.50 -26.66
N THR D 302 10.29 -6.26 -26.01
CA THR D 302 8.95 -6.44 -26.54
C THR D 302 8.20 -5.11 -26.63
N MET D 303 8.34 -4.27 -25.62
CA MET D 303 7.65 -2.98 -25.61
C MET D 303 8.16 -2.07 -26.73
N VAL D 304 9.47 -2.05 -26.95
CA VAL D 304 10.03 -1.25 -28.05
C VAL D 304 9.50 -1.75 -29.38
N LEU D 305 9.46 -3.07 -29.56
CA LEU D 305 8.91 -3.63 -30.78
C LEU D 305 7.44 -3.23 -30.96
N VAL D 306 6.68 -3.23 -29.87
CA VAL D 306 5.27 -2.86 -29.96
C VAL D 306 5.11 -1.38 -30.35
N THR D 307 5.98 -0.52 -29.82
CA THR D 307 5.91 0.90 -30.21
C THR D 307 6.21 1.08 -31.69
N PHE D 308 7.22 0.38 -32.20
CA PHE D 308 7.50 0.45 -33.63
C PHE D 308 6.34 -0.12 -34.45
N SER D 309 5.66 -1.14 -33.91
CA SER D 309 4.47 -1.68 -34.55
C SER D 309 3.37 -0.64 -34.64
N ILE D 310 3.19 0.15 -33.57
CA ILE D 310 2.19 1.22 -33.59
C ILE D 310 2.52 2.22 -34.69
N VAL D 311 3.78 2.61 -34.80
CA VAL D 311 4.18 3.59 -35.81
C VAL D 311 3.90 3.05 -37.21
N THR D 312 4.31 1.80 -37.48
CA THR D 312 4.11 1.27 -38.82
C THR D 312 2.63 1.02 -39.12
N SER D 313 1.83 0.72 -38.09
CA SER D 313 0.39 0.58 -38.30
C SER D 313 -0.23 1.91 -38.69
N VAL D 314 0.19 3.00 -38.05
CA VAL D 314 -0.31 4.32 -38.43
C VAL D 314 0.07 4.63 -39.88
N CYS D 315 1.31 4.34 -40.26
CA CYS D 315 1.74 4.61 -41.62
C CYS D 315 0.93 3.78 -42.64
N VAL D 316 0.70 2.50 -42.33
CA VAL D 316 -0.07 1.66 -43.24
C VAL D 316 -1.50 2.15 -43.37
N LEU D 317 -2.12 2.54 -42.25
CA LEU D 317 -3.48 3.07 -42.30
C LEU D 317 -3.55 4.34 -43.13
N ASN D 318 -2.53 5.20 -43.04
CA ASN D 318 -2.51 6.39 -43.89
C ASN D 318 -2.38 6.01 -45.36
N VAL D 319 -1.57 4.99 -45.66
CA VAL D 319 -1.40 4.59 -47.05
C VAL D 319 -2.69 4.00 -47.62
N HIS D 320 -3.45 3.30 -46.79
CA HIS D 320 -4.62 2.56 -47.28
C HIS D 320 -5.69 3.50 -47.83
N HIS D 321 -6.01 4.56 -47.10
CA HIS D 321 -7.13 5.45 -47.46
C HIS D 321 -6.63 6.53 -48.39
N ARG D 322 -6.60 6.22 -49.69
CA ARG D 322 -6.18 7.19 -50.70
C ARG D 322 -7.02 6.98 -51.96
N SER D 323 -7.07 8.03 -52.78
CA SER D 323 -7.89 8.04 -53.98
C SER D 323 -7.28 9.01 -54.97
N PRO D 324 -7.57 8.87 -56.26
CA PRO D 324 -6.97 9.78 -57.26
C PRO D 324 -7.39 11.22 -57.11
N SER D 325 -8.48 11.51 -56.39
CA SER D 325 -8.92 12.88 -56.21
C SER D 325 -8.17 13.61 -55.10
N THR D 326 -7.30 12.93 -54.37
CA THR D 326 -6.54 13.57 -53.30
C THR D 326 -5.05 13.33 -53.47
N HIS D 327 -4.66 12.17 -53.99
CA HIS D 327 -3.26 11.82 -54.16
C HIS D 327 -3.04 11.22 -55.54
N THR D 328 -1.77 11.13 -55.93
CA THR D 328 -1.37 10.52 -57.19
C THR D 328 -0.26 9.52 -56.93
N MET D 329 -0.24 8.45 -57.73
CA MET D 329 0.71 7.37 -57.58
C MET D 329 1.90 7.61 -58.52
N ALA D 330 3.09 7.73 -57.95
CA ALA D 330 4.28 7.91 -58.74
C ALA D 330 4.64 6.62 -59.47
N PRO D 331 5.35 6.70 -60.59
CA PRO D 331 5.78 5.47 -61.28
C PRO D 331 6.68 4.59 -60.43
N TRP D 332 7.50 5.18 -59.54
CA TRP D 332 8.42 4.39 -58.74
C TRP D 332 7.69 3.39 -57.86
N VAL D 333 6.72 3.87 -57.08
CA VAL D 333 5.96 2.97 -56.22
C VAL D 333 5.14 2.00 -57.06
N LYS D 334 4.59 2.48 -58.18
CA LYS D 334 3.76 1.63 -59.02
C LYS D 334 4.54 0.44 -59.56
N ARG D 335 5.79 0.65 -59.95
CA ARG D 335 6.59 -0.43 -60.52
C ARG D 335 7.50 -1.13 -59.52
N CYS D 336 7.54 -0.68 -58.26
CA CYS D 336 8.36 -1.35 -57.26
C CYS D 336 7.55 -2.00 -56.13
N PHE D 337 6.27 -1.70 -56.00
CA PHE D 337 5.44 -2.30 -54.96
C PHE D 337 4.33 -3.19 -55.53
N LEU D 338 4.17 -3.24 -56.85
CA LEU D 338 3.13 -4.04 -57.47
C LEU D 338 3.68 -5.22 -58.27
N HIS D 339 4.92 -5.16 -58.73
CA HIS D 339 5.52 -6.23 -59.52
C HIS D 339 6.71 -6.88 -58.83
N LYS D 340 7.69 -6.09 -58.39
CA LYS D 340 8.93 -6.65 -57.86
C LYS D 340 8.74 -7.21 -56.46
N LEU D 341 8.38 -6.36 -55.51
CA LEU D 341 8.31 -6.79 -54.11
C LEU D 341 7.29 -7.90 -53.85
N PRO D 342 6.07 -7.87 -54.39
CA PRO D 342 5.15 -9.00 -54.13
C PRO D 342 5.70 -10.35 -54.56
N THR D 343 6.52 -10.39 -55.61
CA THR D 343 7.09 -11.67 -56.03
C THR D 343 8.11 -12.19 -55.02
N PHE D 344 8.77 -11.29 -54.28
CA PHE D 344 9.73 -11.72 -53.27
C PHE D 344 9.06 -12.50 -52.16
N LEU D 345 7.88 -12.06 -51.72
CA LEU D 345 7.18 -12.67 -50.59
C LEU D 345 6.21 -13.76 -51.01
N PHE D 346 6.21 -14.15 -52.27
CA PHE D 346 5.29 -15.16 -52.81
C PHE D 346 3.84 -14.72 -52.60
N MET D 347 3.53 -13.54 -53.13
CA MET D 347 2.20 -12.93 -53.02
C MET D 347 1.75 -12.53 -54.41
N LYS D 348 1.00 -13.41 -55.07
CA LYS D 348 0.52 -13.16 -56.42
C LYS D 348 -0.81 -12.43 -56.40
N ARG D 349 -1.07 -11.65 -57.45
CA ARG D 349 -2.32 -10.84 -57.50
C ARG D 349 -3.49 -11.73 -57.96
N PRO D 519 -35.10 14.57 -85.33
CA PRO D 519 -33.88 13.92 -84.86
C PRO D 519 -33.89 13.67 -83.35
N ASP D 520 -34.98 13.06 -82.85
CA ASP D 520 -35.04 12.68 -81.44
C ASP D 520 -33.98 11.64 -81.11
N LEU D 521 -33.66 10.77 -82.06
CA LEU D 521 -32.62 9.77 -81.85
C LEU D 521 -31.29 10.41 -81.52
N ALA D 522 -31.03 11.61 -82.06
CA ALA D 522 -29.78 12.30 -81.74
C ALA D 522 -29.70 12.63 -80.25
N GLU D 523 -30.76 13.21 -79.71
CA GLU D 523 -30.78 13.53 -78.28
C GLU D 523 -30.71 12.27 -77.42
N ILE D 524 -31.44 11.23 -77.82
CA ILE D 524 -31.39 9.98 -77.06
C ILE D 524 -29.98 9.42 -77.04
N LEU D 525 -29.31 9.42 -78.20
CA LEU D 525 -27.95 8.92 -78.28
C LEU D 525 -27.01 9.77 -77.44
N GLU D 526 -27.20 11.09 -77.45
CA GLU D 526 -26.35 11.97 -76.64
C GLU D 526 -26.46 11.63 -75.16
N GLU D 527 -27.69 11.48 -74.67
CA GLU D 527 -27.89 11.21 -73.25
C GLU D 527 -27.35 9.82 -72.87
N VAL D 528 -27.61 8.81 -73.70
CA VAL D 528 -27.11 7.47 -73.38
C VAL D 528 -25.59 7.45 -73.42
N SER D 529 -24.98 8.17 -74.37
CA SER D 529 -23.53 8.27 -74.41
C SER D 529 -22.97 8.94 -73.18
N TYR D 530 -23.64 9.99 -72.69
CA TYR D 530 -23.21 10.62 -71.44
C TYR D 530 -23.25 9.63 -70.28
N ILE D 531 -24.34 8.85 -70.18
CA ILE D 531 -24.45 7.87 -69.10
C ILE D 531 -23.33 6.85 -69.18
N ALA D 532 -23.07 6.33 -70.39
CA ALA D 532 -22.01 5.34 -70.56
C ALA D 532 -20.65 5.91 -70.21
N ASN D 533 -20.37 7.15 -70.64
CA ASN D 533 -19.09 7.77 -70.34
C ASN D 533 -18.90 7.98 -68.84
N ARG D 534 -19.97 8.40 -68.15
CA ARG D 534 -19.88 8.54 -66.71
C ARG D 534 -19.58 7.19 -66.04
N PHE D 535 -20.24 6.12 -66.50
CA PHE D 535 -19.97 4.80 -65.95
C PHE D 535 -18.51 4.40 -66.18
N ARG D 536 -17.99 4.65 -67.38
CA ARG D 536 -16.60 4.31 -67.67
C ARG D 536 -15.63 5.06 -66.78
N ASN D 537 -15.87 6.37 -66.59
CA ASN D 537 -14.98 7.16 -65.75
C ASN D 537 -15.04 6.70 -64.30
N GLN D 538 -16.24 6.37 -63.81
CA GLN D 538 -16.36 5.86 -62.45
C GLN D 538 -15.60 4.54 -62.28
N ASP D 539 -15.72 3.65 -63.27
CA ASP D 539 -15.00 2.38 -63.19
C ASP D 539 -13.49 2.60 -63.18
N GLU D 540 -13.00 3.52 -64.02
CA GLU D 540 -11.57 3.80 -64.04
C GLU D 540 -11.10 4.37 -62.70
N ASP D 541 -11.86 5.29 -62.12
CA ASP D 541 -11.48 5.86 -60.83
C ASP D 541 -11.47 4.81 -59.74
N GLN D 542 -12.47 3.92 -59.74
CA GLN D 542 -12.50 2.85 -58.74
C GLN D 542 -11.31 1.91 -58.91
N SER D 543 -10.96 1.58 -60.15
CA SER D 543 -9.81 0.72 -60.40
C SER D 543 -8.52 1.37 -59.91
N VAL D 544 -8.39 2.68 -60.12
CA VAL D 544 -7.21 3.39 -59.61
C VAL D 544 -7.21 3.38 -58.09
N VAL D 545 -8.39 3.49 -57.47
CA VAL D 545 -8.50 3.44 -56.01
C VAL D 545 -8.00 2.10 -55.49
N GLU D 546 -8.38 1.01 -56.17
CA GLU D 546 -8.03 -0.33 -55.68
C GLU D 546 -6.52 -0.59 -55.70
N ASP D 547 -5.76 0.16 -56.49
CA ASP D 547 -4.31 0.01 -56.47
C ASP D 547 -3.72 0.42 -55.14
N TRP D 548 -4.23 1.51 -54.55
CA TRP D 548 -3.74 1.95 -53.25
C TRP D 548 -4.06 0.97 -52.14
N LYS D 549 -5.01 0.05 -52.37
CA LYS D 549 -5.32 -0.96 -51.38
C LYS D 549 -4.28 -2.07 -51.34
N TYR D 550 -3.67 -2.39 -52.49
CA TYR D 550 -2.73 -3.50 -52.55
C TYR D 550 -1.39 -3.13 -51.93
N VAL D 551 -0.93 -1.89 -52.15
CA VAL D 551 0.36 -1.48 -51.61
C VAL D 551 0.35 -1.49 -50.10
N ALA D 552 -0.79 -1.19 -49.48
CA ALA D 552 -0.89 -1.27 -48.03
C ALA D 552 -0.71 -2.70 -47.54
N MET D 553 -1.33 -3.67 -48.24
CA MET D 553 -1.15 -5.07 -47.86
C MET D 553 0.29 -5.51 -48.05
N VAL D 554 0.92 -5.08 -49.14
CA VAL D 554 2.32 -5.45 -49.38
C VAL D 554 3.22 -4.87 -48.31
N VAL D 555 3.00 -3.62 -47.92
CA VAL D 555 3.80 -2.99 -46.87
C VAL D 555 3.59 -3.70 -45.55
N ASP D 556 2.34 -4.04 -45.22
CA ASP D 556 2.08 -4.76 -43.98
C ASP D 556 2.76 -6.13 -43.96
N ARG D 557 2.73 -6.84 -45.10
CA ARG D 557 3.39 -8.14 -45.16
C ARG D 557 4.90 -8.01 -45.07
N LEU D 558 5.47 -6.94 -45.64
CA LEU D 558 6.90 -6.74 -45.56
C LEU D 558 7.37 -6.56 -44.12
N PHE D 559 6.62 -5.80 -43.32
CA PHE D 559 6.99 -5.58 -41.93
C PHE D 559 6.71 -6.78 -41.05
N LEU D 560 5.97 -7.78 -41.54
CA LEU D 560 5.78 -9.00 -40.78
C LEU D 560 7.10 -9.77 -40.62
N TRP D 561 7.89 -9.86 -41.71
CA TRP D 561 9.16 -10.56 -41.64
C TRP D 561 10.18 -9.78 -40.83
N VAL D 562 10.19 -8.45 -40.96
CA VAL D 562 11.18 -7.64 -40.25
C VAL D 562 11.01 -7.77 -38.74
N PHE D 563 9.77 -7.72 -38.26
CA PHE D 563 9.54 -7.81 -36.82
C PHE D 563 9.69 -9.24 -36.31
N MET D 564 9.44 -10.23 -37.15
CA MET D 564 9.61 -11.61 -36.73
C MET D 564 11.08 -12.00 -36.68
N PHE D 565 11.88 -11.51 -37.65
CA PHE D 565 13.30 -11.82 -37.65
C PHE D 565 14.03 -11.14 -36.50
N VAL D 566 13.69 -9.88 -36.24
CA VAL D 566 14.37 -9.13 -35.19
C VAL D 566 14.06 -9.72 -33.82
N CYS D 567 12.79 -10.09 -33.58
CA CYS D 567 12.43 -10.66 -32.29
C CYS D 567 13.15 -11.99 -32.05
N VAL D 568 13.20 -12.84 -33.08
CA VAL D 568 13.91 -14.12 -32.93
C VAL D 568 15.40 -13.88 -32.73
N LEU D 569 15.99 -12.96 -33.51
CA LEU D 569 17.40 -12.63 -33.33
C LEU D 569 17.64 -12.03 -31.96
N GLY D 570 16.75 -11.15 -31.49
CA GLY D 570 16.92 -10.54 -30.19
C GLY D 570 16.82 -11.54 -29.05
N THR D 571 15.93 -12.52 -29.18
CA THR D 571 15.79 -13.54 -28.14
C THR D 571 17.07 -14.36 -28.00
N VAL D 572 17.70 -14.68 -29.12
CA VAL D 572 18.96 -15.44 -29.08
C VAL D 572 20.04 -14.66 -28.34
N GLY D 573 20.07 -13.34 -28.54
CA GLY D 573 21.10 -12.53 -27.88
C GLY D 573 20.99 -12.55 -26.37
N LEU D 574 19.76 -12.52 -25.84
CA LEU D 574 19.57 -12.50 -24.39
C LEU D 574 20.06 -13.80 -23.76
N PHE D 575 19.65 -14.94 -24.30
CA PHE D 575 19.98 -16.23 -23.72
C PHE D 575 21.09 -16.92 -24.52
N ASN E 25 44.91 -12.15 41.15
CA ASN E 25 43.97 -11.15 41.62
C ASN E 25 44.62 -9.77 41.67
N ALA E 26 45.84 -9.67 41.16
CA ALA E 26 46.53 -8.39 41.13
C ALA E 26 45.79 -7.39 40.24
N GLU E 27 45.32 -7.84 39.07
CA GLU E 27 44.54 -6.98 38.21
C GLU E 27 43.23 -6.58 38.87
N GLU E 28 42.60 -7.53 39.58
CA GLU E 28 41.36 -7.22 40.28
C GLU E 28 41.59 -6.19 41.38
N LYS E 29 42.70 -6.31 42.12
CA LYS E 29 43.03 -5.31 43.12
C LYS E 29 43.30 -3.96 42.48
N LEU E 30 44.00 -3.95 41.35
CA LEU E 30 44.29 -2.69 40.66
C LEU E 30 43.01 -2.02 40.20
N MET E 31 42.04 -2.80 39.71
CA MET E 31 40.74 -2.24 39.35
C MET E 31 40.03 -1.66 40.56
N ASP E 32 40.13 -2.35 41.71
CA ASP E 32 39.46 -1.89 42.92
C ASP E 32 40.02 -0.54 43.37
N ASP E 33 41.35 -0.38 43.32
CA ASP E 33 41.98 0.81 43.86
C ASP E 33 41.53 2.08 43.14
N LEU E 34 41.44 2.03 41.82
CA LEU E 34 41.18 3.22 41.03
C LEU E 34 39.70 3.57 40.94
N LEU E 35 38.81 2.77 41.52
CA LEU E 35 37.38 3.02 41.43
C LEU E 35 36.69 3.15 42.79
N ASN E 36 37.25 2.56 43.84
CA ASN E 36 36.66 2.62 45.17
C ASN E 36 37.54 3.35 46.18
N LYS E 37 38.81 2.96 46.28
CA LYS E 37 39.70 3.59 47.26
C LYS E 37 39.93 5.06 46.94
N THR E 38 40.14 5.38 45.66
CA THR E 38 40.35 6.76 45.26
C THR E 38 39.05 7.56 45.15
N ARG E 39 37.90 6.89 45.26
CA ARG E 39 36.58 7.53 45.19
C ARG E 39 36.42 8.30 43.88
N TYR E 40 36.47 7.57 42.77
CA TYR E 40 36.29 8.15 41.45
C TYR E 40 34.82 8.44 41.25
N ASN E 41 34.40 9.65 41.62
CA ASN E 41 33.03 10.07 41.41
C ASN E 41 32.74 10.21 39.92
N ASN E 42 31.57 9.72 39.50
CA ASN E 42 31.19 9.72 38.09
C ASN E 42 30.63 11.05 37.63
N LEU E 43 30.48 12.03 38.52
CA LEU E 43 29.84 13.29 38.21
C LEU E 43 30.73 14.49 38.52
N ILE E 44 32.05 14.31 38.38
CA ILE E 44 33.00 15.38 38.63
C ILE E 44 33.88 15.52 37.39
N ARG E 45 34.05 16.75 36.92
CA ARG E 45 34.89 17.00 35.76
C ARG E 45 36.36 16.79 36.13
N PRO E 46 37.11 16.03 35.34
CA PRO E 46 38.54 15.78 35.66
C PRO E 46 39.42 16.99 35.36
N ALA E 47 39.17 18.08 36.09
CA ALA E 47 39.90 19.31 35.93
C ALA E 47 40.61 19.68 37.22
N THR E 48 41.88 20.06 37.11
CA THR E 48 42.65 20.43 38.29
C THR E 48 42.44 21.89 38.65
N SER E 49 42.53 22.79 37.68
CA SER E 49 42.38 24.22 37.92
C SER E 49 40.93 24.63 37.77
N SER E 50 40.67 25.93 37.96
CA SER E 50 39.32 26.48 37.84
C SER E 50 38.92 26.77 36.41
N SER E 51 39.87 26.78 35.46
CA SER E 51 39.56 27.07 34.07
C SER E 51 40.31 26.14 33.12
N GLN E 52 40.57 24.91 33.54
CA GLN E 52 41.27 23.93 32.72
C GLN E 52 40.23 23.18 31.89
N LEU E 53 40.15 23.49 30.60
CA LEU E 53 39.22 22.81 29.72
C LEU E 53 39.65 21.37 29.49
N ILE E 54 38.67 20.51 29.28
CA ILE E 54 38.92 19.11 28.93
C ILE E 54 38.98 19.04 27.40
N SER E 55 40.16 18.78 26.87
CA SER E 55 40.35 18.74 25.42
C SER E 55 39.89 17.38 24.89
N ILE E 56 38.87 17.41 24.04
CA ILE E 56 38.29 16.20 23.46
C ILE E 56 38.67 16.15 21.99
N LYS E 57 39.24 15.03 21.56
CA LYS E 57 39.60 14.82 20.16
C LYS E 57 38.58 13.88 19.54
N LEU E 58 37.93 14.34 18.48
CA LEU E 58 36.84 13.61 17.84
C LEU E 58 37.25 13.16 16.45
N GLN E 59 36.95 11.91 16.11
CA GLN E 59 37.23 11.35 14.80
C GLN E 59 36.08 10.43 14.41
N LEU E 60 35.42 10.76 13.31
CA LEU E 60 34.26 10.02 12.84
C LEU E 60 34.68 9.01 11.78
N SER E 61 34.26 7.76 11.94
CA SER E 61 34.57 6.69 11.01
C SER E 61 33.28 6.21 10.34
N LEU E 62 33.29 6.15 9.01
CA LEU E 62 32.13 5.74 8.25
C LEU E 62 32.13 4.23 8.03
N ALA E 63 30.93 3.64 8.08
CA ALA E 63 30.76 2.22 7.80
C ALA E 63 29.96 1.96 6.53
N GLN E 64 28.79 2.57 6.40
CA GLN E 64 27.96 2.37 5.21
C GLN E 64 26.92 3.48 5.14
N LEU E 65 26.36 3.65 3.95
CA LEU E 65 25.29 4.61 3.68
C LEU E 65 24.07 3.83 3.22
N ILE E 66 22.93 4.08 3.85
CA ILE E 66 21.75 3.24 3.63
C ILE E 66 20.71 3.94 2.76
N SER E 67 20.14 5.04 3.26
CA SER E 67 19.00 5.66 2.60
C SER E 67 19.15 7.16 2.59
N VAL E 68 18.70 7.79 1.49
CA VAL E 68 18.76 9.24 1.33
C VAL E 68 17.35 9.69 0.95
N ASN E 69 16.33 9.00 1.48
CA ASN E 69 14.94 9.22 1.12
C ASN E 69 14.60 10.71 1.01
N GLU E 70 14.20 11.13 -0.17
CA GLU E 70 13.87 12.53 -0.45
C GLU E 70 12.41 12.86 -0.20
N ARG E 71 11.58 11.85 0.09
CA ARG E 71 10.17 12.11 0.35
C ARG E 71 9.98 12.79 1.71
N GLU E 72 10.77 12.41 2.71
CA GLU E 72 10.72 13.03 4.03
C GLU E 72 11.99 13.78 4.38
N GLN E 73 12.99 13.78 3.49
CA GLN E 73 14.24 14.52 3.68
C GLN E 73 14.99 14.05 4.94
N ILE E 74 15.35 12.76 4.93
CA ILE E 74 16.16 12.16 5.98
C ILE E 74 17.25 11.32 5.34
N MET E 75 18.27 11.02 6.13
CA MET E 75 19.35 10.12 5.70
C MET E 75 19.69 9.19 6.84
N THR E 76 19.90 7.92 6.53
CA THR E 76 20.32 6.92 7.51
C THR E 76 21.76 6.50 7.24
N THR E 77 22.54 6.38 8.31
CA THR E 77 23.94 5.98 8.20
C THR E 77 24.37 5.28 9.49
N ASN E 78 25.45 4.51 9.37
CA ASN E 78 26.03 3.79 10.51
C ASN E 78 27.49 4.19 10.64
N VAL E 79 27.87 4.70 11.82
CA VAL E 79 29.21 5.22 12.05
C VAL E 79 29.73 4.74 13.40
N TRP E 80 31.04 4.86 13.58
CA TRP E 80 31.68 4.74 14.88
C TRP E 80 32.34 6.07 15.21
N LEU E 81 32.03 6.63 16.36
CA LEU E 81 32.59 7.90 16.80
C LEU E 81 33.73 7.63 17.78
N LYS E 82 34.93 8.05 17.41
CA LYS E 82 36.12 7.83 18.23
C LYS E 82 36.43 9.10 19.01
N GLN E 83 36.47 8.98 20.33
CA GLN E 83 36.75 10.10 21.22
C GLN E 83 37.93 9.75 22.11
N GLU E 84 38.68 10.77 22.52
CA GLU E 84 39.88 10.56 23.32
C GLU E 84 40.13 11.79 24.17
N TRP E 85 40.08 11.62 25.48
CA TRP E 85 40.38 12.67 26.45
C TRP E 85 41.44 12.16 27.43
N THR E 86 41.69 12.94 28.48
CA THR E 86 42.72 12.61 29.45
C THR E 86 42.16 12.81 30.86
N ASP E 87 42.53 11.89 31.76
CA ASP E 87 42.17 11.98 33.17
C ASP E 87 43.44 11.88 34.01
N TYR E 88 43.39 12.51 35.19
CA TYR E 88 44.50 12.44 36.12
C TYR E 88 44.27 11.48 37.29
N ARG E 89 43.01 11.11 37.55
CA ARG E 89 42.72 10.13 38.58
C ARG E 89 42.90 8.70 38.10
N LEU E 90 42.82 8.46 36.79
CA LEU E 90 42.93 7.12 36.22
C LEU E 90 44.38 6.80 35.84
N THR E 91 45.28 6.93 36.81
CA THR E 91 46.69 6.59 36.60
C THR E 91 47.15 5.68 37.73
N TRP E 92 47.91 4.66 37.36
CA TRP E 92 48.47 3.72 38.32
C TRP E 92 49.94 3.49 38.02
N ASN E 93 50.70 3.15 39.05
CA ASN E 93 52.14 2.93 38.91
C ASN E 93 52.38 1.55 38.31
N SER E 94 52.79 1.52 37.05
CA SER E 94 53.09 0.25 36.40
C SER E 94 54.31 -0.41 37.02
N SER E 95 54.41 -1.72 36.86
CA SER E 95 55.45 -2.58 37.43
C SER E 95 55.43 -2.60 38.95
N ARG E 96 54.40 -2.02 39.57
CA ARG E 96 54.23 -2.06 41.02
C ARG E 96 53.21 -3.10 41.45
N TYR E 97 52.05 -3.16 40.78
CA TYR E 97 51.04 -4.15 41.14
C TYR E 97 51.37 -5.50 40.51
N GLU E 98 51.29 -5.59 39.18
CA GLU E 98 51.71 -6.79 38.46
C GLU E 98 52.48 -6.48 37.18
N GLY E 99 52.46 -5.25 36.68
CA GLY E 99 52.98 -4.94 35.38
C GLY E 99 51.95 -4.71 34.31
N VAL E 100 50.67 -4.57 34.68
CA VAL E 100 49.59 -4.39 33.71
C VAL E 100 49.62 -2.97 33.17
N ASN E 101 49.18 -2.80 31.93
CA ASN E 101 49.19 -1.50 31.28
C ASN E 101 47.84 -1.05 30.73
N ILE E 102 46.87 -1.94 30.60
CA ILE E 102 45.58 -1.60 29.99
C ILE E 102 44.47 -2.22 30.84
N LEU E 103 43.39 -1.47 31.03
CA LEU E 103 42.19 -1.95 31.71
C LEU E 103 41.00 -1.91 30.76
N ARG E 104 39.91 -2.51 31.19
CA ARG E 104 38.69 -2.61 30.38
C ARG E 104 37.47 -2.28 31.23
N ILE E 105 37.53 -1.16 31.94
CA ILE E 105 36.39 -0.75 32.78
C ILE E 105 35.19 -0.47 31.88
N PRO E 106 33.97 -0.87 32.25
CA PRO E 106 32.80 -0.54 31.44
C PRO E 106 32.58 0.96 31.35
N ALA E 107 31.80 1.36 30.35
CA ALA E 107 31.66 2.78 30.03
C ALA E 107 31.02 3.55 31.18
N LYS E 108 29.97 3.01 31.79
CA LYS E 108 29.24 3.75 32.80
C LYS E 108 29.91 3.66 34.16
N ARG E 109 31.22 3.96 34.21
CA ARG E 109 31.93 4.09 35.47
C ARG E 109 32.94 5.23 35.44
N ILE E 110 33.10 5.92 34.32
CA ILE E 110 34.05 7.01 34.15
C ILE E 110 33.31 8.20 33.57
N TRP E 111 33.73 9.40 33.97
CA TRP E 111 33.13 10.62 33.46
C TRP E 111 33.21 10.66 31.93
N LEU E 112 32.10 11.01 31.30
CA LEU E 112 32.00 11.05 29.85
C LEU E 112 31.57 12.45 29.39
N PRO E 113 32.01 12.87 28.20
CA PRO E 113 31.68 14.22 27.74
C PRO E 113 30.28 14.37 27.15
N ASP E 114 29.58 13.27 26.87
CA ASP E 114 28.22 13.29 26.36
C ASP E 114 28.12 14.06 25.04
N ILE E 115 28.80 13.52 24.03
CA ILE E 115 28.77 14.09 22.69
C ILE E 115 27.66 13.40 21.89
N VAL E 116 26.71 14.18 21.40
CA VAL E 116 25.52 13.64 20.74
C VAL E 116 25.24 14.44 19.47
N LEU E 117 24.27 13.96 18.70
CA LEU E 117 23.88 14.59 17.45
C LEU E 117 22.73 15.57 17.70
N TYR E 118 22.85 16.77 17.14
CA TYR E 118 21.89 17.85 17.37
C TYR E 118 21.00 18.13 16.17
N ASN E 119 20.87 17.19 15.24
CA ASN E 119 19.94 17.39 14.13
C ASN E 119 19.16 16.12 13.78
N ASN E 120 19.14 15.13 14.67
CA ASN E 120 18.40 13.90 14.40
C ASN E 120 16.90 14.16 14.37
N ALA E 121 16.18 13.37 13.57
CA ALA E 121 14.76 13.56 13.34
C ALA E 121 13.88 12.57 14.09
N ASP E 122 14.46 11.71 14.94
CA ASP E 122 13.69 10.72 15.68
C ASP E 122 13.74 10.90 17.19
N GLY E 123 14.43 11.92 17.69
CA GLY E 123 14.65 12.04 19.11
C GLY E 123 15.79 11.21 19.66
N THR E 124 16.52 10.51 18.79
CA THR E 124 17.69 9.73 19.21
C THR E 124 18.82 10.69 19.57
N TYR E 125 19.01 10.93 20.86
CA TYR E 125 19.94 11.93 21.36
C TYR E 125 21.10 11.28 22.12
N GLU E 126 21.61 10.16 21.64
CA GLU E 126 22.69 9.44 22.30
C GLU E 126 23.20 8.35 21.37
N VAL E 127 24.20 7.61 21.84
CA VAL E 127 24.81 6.52 21.08
C VAL E 127 23.95 5.27 21.23
N SER E 128 24.23 4.25 20.42
CA SER E 128 23.39 3.05 20.40
C SER E 128 23.67 2.17 21.61
N VAL E 129 24.90 1.67 21.74
CA VAL E 129 25.27 0.73 22.78
C VAL E 129 26.55 1.21 23.44
N TYR E 130 26.60 1.09 24.78
CA TYR E 130 27.75 1.54 25.55
C TYR E 130 28.76 0.39 25.65
N THR E 131 29.83 0.48 24.89
CA THR E 131 30.87 -0.54 24.88
C THR E 131 31.81 -0.33 26.07
N ASN E 132 32.93 -1.04 26.07
CA ASN E 132 33.91 -0.94 27.15
C ASN E 132 34.94 0.13 26.84
N LEU E 133 35.53 0.68 27.90
CA LEU E 133 36.53 1.73 27.80
C LEU E 133 37.93 1.14 27.87
N ILE E 134 38.86 1.78 27.16
CA ILE E 134 40.28 1.39 27.17
C ILE E 134 41.06 2.54 27.82
N VAL E 135 41.66 2.26 28.96
CA VAL E 135 42.42 3.26 29.71
C VAL E 135 43.83 2.72 29.93
N ARG E 136 44.82 3.56 29.68
CA ARG E 136 46.22 3.21 29.83
C ARG E 136 46.79 3.83 31.11
N SER E 137 48.02 3.44 31.43
CA SER E 137 48.69 3.98 32.61
C SER E 137 49.03 5.45 32.43
N ASN E 138 49.08 5.96 31.20
CA ASN E 138 49.33 7.37 30.96
C ASN E 138 48.16 8.26 31.38
N GLY E 139 46.98 7.68 31.59
CA GLY E 139 45.79 8.44 31.89
C GLY E 139 44.86 8.65 30.71
N SER E 140 45.34 8.41 29.49
CA SER E 140 44.52 8.59 28.31
C SER E 140 43.37 7.58 28.29
N VAL E 141 42.27 7.97 27.64
CA VAL E 141 41.09 7.13 27.53
C VAL E 141 40.63 7.16 26.06
N LEU E 142 40.30 5.99 25.53
CA LEU E 142 39.83 5.86 24.15
C LEU E 142 38.48 5.16 24.17
N TRP E 143 37.49 5.78 23.51
CA TRP E 143 36.14 5.24 23.44
C TRP E 143 35.69 5.22 21.98
N LEU E 144 35.21 4.05 21.53
CA LEU E 144 34.72 3.87 20.17
C LEU E 144 33.40 3.12 20.25
N PRO E 145 32.29 3.83 20.47
CA PRO E 145 30.99 3.18 20.47
C PRO E 145 30.34 3.26 19.09
N PRO E 146 29.68 2.19 18.64
CA PRO E 146 28.94 2.25 17.38
C PRO E 146 27.60 2.95 17.56
N ALA E 147 27.26 3.81 16.59
CA ALA E 147 26.02 4.57 16.65
C ALA E 147 25.35 4.54 15.28
N ILE E 148 24.02 4.60 15.31
CA ILE E 148 23.20 4.67 14.10
C ILE E 148 22.37 5.94 14.17
N TYR E 149 22.47 6.77 13.14
CA TYR E 149 21.86 8.10 13.13
C TYR E 149 20.92 8.23 11.94
N LYS E 150 19.85 8.99 12.15
CA LYS E 150 18.92 9.37 11.09
C LYS E 150 18.89 10.90 11.06
N SER E 151 19.82 11.49 10.33
CA SER E 151 19.98 12.93 10.30
C SER E 151 18.96 13.56 9.36
N ALA E 152 18.81 14.88 9.48
CA ALA E 152 17.94 15.66 8.62
C ALA E 152 18.77 16.35 7.55
N CYS E 153 18.20 16.50 6.35
CA CYS E 153 18.93 17.10 5.24
C CYS E 153 17.95 17.81 4.33
N LYS E 154 18.49 18.70 3.51
CA LYS E 154 17.73 19.42 2.50
C LYS E 154 18.06 18.84 1.13
N ILE E 155 17.03 18.52 0.35
CA ILE E 155 17.19 17.87 -0.94
C ILE E 155 16.85 18.90 -2.02
N GLU E 156 17.79 19.08 -2.95
CA GLU E 156 17.63 20.02 -4.07
C GLU E 156 17.37 19.20 -5.33
N VAL E 157 16.10 18.90 -5.58
CA VAL E 157 15.70 18.09 -6.73
C VAL E 157 15.31 19.05 -7.85
N LYS E 158 16.30 19.43 -8.66
CA LYS E 158 16.08 20.19 -9.87
C LYS E 158 16.70 19.55 -11.10
N TYR E 159 17.67 18.67 -10.93
CA TYR E 159 18.27 17.86 -11.98
C TYR E 159 18.19 16.39 -11.59
N PHE E 160 17.00 15.96 -11.20
CA PHE E 160 16.76 14.72 -10.45
C PHE E 160 17.67 13.54 -10.81
N PRO E 161 17.91 13.19 -12.08
CA PRO E 161 18.88 12.13 -12.34
C PRO E 161 20.30 12.51 -11.96
N PHE E 162 20.76 13.68 -12.42
CA PHE E 162 22.13 14.13 -12.16
C PHE E 162 22.09 15.20 -11.08
N ASP E 163 22.02 14.75 -9.82
CA ASP E 163 21.93 15.64 -8.68
C ASP E 163 23.06 15.38 -7.70
N GLN E 164 23.62 16.46 -7.16
CA GLN E 164 24.67 16.39 -6.15
C GLN E 164 24.15 17.00 -4.87
N GLN E 165 24.28 16.27 -3.77
CA GLN E 165 23.73 16.67 -2.48
C GLN E 165 24.83 17.07 -1.51
N ASN E 166 24.41 17.65 -0.38
CA ASN E 166 25.33 18.07 0.67
C ASN E 166 24.54 18.05 1.99
N CYS E 167 24.79 17.02 2.80
CA CYS E 167 24.13 16.86 4.09
C CYS E 167 25.16 16.92 5.19
N THR E 168 24.78 17.50 6.33
CA THR E 168 25.70 17.76 7.42
C THR E 168 25.26 17.04 8.69
N LEU E 169 26.25 16.70 9.53
CA LEU E 169 26.01 16.12 10.84
C LEU E 169 26.64 17.02 11.89
N LYS E 170 25.85 17.41 12.88
CA LYS E 170 26.29 18.34 13.92
C LYS E 170 26.43 17.58 15.24
N PHE E 171 27.62 17.67 15.83
CA PHE E 171 27.92 17.00 17.09
C PHE E 171 28.15 18.05 18.17
N ARG E 172 27.39 17.96 19.26
CA ARG E 172 27.47 18.91 20.35
C ARG E 172 27.31 18.19 21.68
N SER E 173 27.78 18.83 22.74
CA SER E 173 27.64 18.33 24.10
C SER E 173 26.43 18.99 24.74
N TRP E 174 25.51 18.15 25.25
CA TRP E 174 24.28 18.65 25.88
C TRP E 174 24.44 18.71 27.40
N THR E 175 25.67 18.73 27.89
CA THR E 175 25.90 18.85 29.35
C THR E 175 26.88 20.00 29.64
N TYR E 176 27.98 20.11 28.89
CA TYR E 176 29.01 21.15 29.19
C TYR E 176 29.13 22.13 28.03
N ASP E 177 29.74 23.30 28.27
CA ASP E 177 29.88 24.35 27.23
C ASP E 177 31.34 24.75 27.05
N HIS E 178 31.63 25.66 26.13
CA HIS E 178 33.05 26.01 25.81
C HIS E 178 33.79 26.51 27.05
N THR E 179 33.10 26.73 28.17
CA THR E 179 33.85 27.10 29.36
C THR E 179 34.50 25.89 30.04
N GLU E 180 34.07 24.67 29.68
CA GLU E 180 34.64 23.45 30.31
C GLU E 180 34.86 22.33 29.28
N ILE E 181 34.66 22.61 27.99
CA ILE E 181 34.82 21.59 26.95
C ILE E 181 35.40 22.26 25.70
N ASP E 182 36.39 21.61 25.09
CA ASP E 182 37.20 22.20 24.04
C ASP E 182 37.34 21.25 22.86
N MET E 183 36.21 20.74 22.36
CA MET E 183 36.22 19.82 21.23
C MET E 183 37.10 20.33 20.09
N VAL E 184 37.99 19.46 19.61
CA VAL E 184 38.88 19.76 18.50
C VAL E 184 38.83 18.60 17.52
N LEU E 185 39.24 18.88 16.28
CA LEU E 185 39.24 17.88 15.22
C LEU E 185 40.64 17.33 15.04
N MET E 186 40.73 16.01 14.84
CA MET E 186 42.03 15.37 14.65
C MET E 186 42.57 15.62 13.24
N THR E 187 41.82 15.19 12.23
CA THR E 187 42.17 15.40 10.84
C THR E 187 40.96 15.96 10.09
N PRO E 188 41.19 16.85 9.11
CA PRO E 188 40.08 17.47 8.37
C PRO E 188 39.43 16.55 7.33
N THR E 189 39.12 15.33 7.75
CA THR E 189 38.44 14.37 6.89
C THR E 189 37.85 13.27 7.77
N ALA E 190 36.92 12.52 7.19
CA ALA E 190 36.32 11.39 7.88
C ALA E 190 37.02 10.10 7.50
N SER E 191 37.11 9.18 8.47
CA SER E 191 37.80 7.92 8.25
C SER E 191 36.90 6.97 7.47
N MET E 192 37.39 6.53 6.31
CA MET E 192 36.67 5.57 5.47
C MET E 192 37.64 4.45 5.10
N ASP E 193 37.74 3.45 5.96
CA ASP E 193 38.53 2.26 5.70
C ASP E 193 37.72 0.98 5.71
N ASP E 194 36.67 0.90 6.53
CA ASP E 194 35.72 -0.21 6.53
C ASP E 194 34.46 0.13 5.75
N PHE E 195 34.47 1.20 4.96
CA PHE E 195 33.30 1.66 4.25
C PHE E 195 32.91 0.63 3.19
N THR E 196 31.78 -0.03 3.40
CA THR E 196 31.23 -0.91 2.37
C THR E 196 30.71 -0.06 1.23
N PRO E 197 31.12 -0.31 -0.01
CA PRO E 197 30.71 0.55 -1.13
C PRO E 197 29.20 0.58 -1.28
N SER E 198 28.68 1.76 -1.60
CA SER E 198 27.25 1.96 -1.78
C SER E 198 26.81 1.45 -3.16
N GLY E 199 25.52 1.16 -3.26
CA GLY E 199 24.97 0.64 -4.50
C GLY E 199 24.29 1.68 -5.36
N GLU E 200 23.88 2.79 -4.75
CA GLU E 200 23.16 3.82 -5.50
C GLU E 200 23.57 5.24 -5.13
N TRP E 201 24.75 5.43 -4.54
CA TRP E 201 25.32 6.75 -4.32
C TRP E 201 26.84 6.65 -4.36
N ASP E 202 27.48 7.76 -4.71
CA ASP E 202 28.93 7.83 -4.80
C ASP E 202 29.42 9.01 -3.97
N ILE E 203 30.44 8.78 -3.14
CA ILE E 203 31.00 9.82 -2.29
C ILE E 203 31.97 10.66 -3.11
N VAL E 204 31.98 11.96 -2.84
CA VAL E 204 32.88 12.88 -3.54
C VAL E 204 33.82 13.56 -2.54
N ALA E 205 33.34 13.75 -1.31
CA ALA E 205 34.13 14.42 -0.29
C ALA E 205 33.50 14.15 1.07
N LEU E 206 34.28 14.44 2.12
CA LEU E 206 33.82 14.29 3.50
C LEU E 206 34.58 15.23 4.43
N PRO E 207 34.47 16.54 4.24
CA PRO E 207 35.23 17.46 5.09
C PRO E 207 34.68 17.54 6.50
N GLY E 208 35.52 18.03 7.41
CA GLY E 208 35.11 18.27 8.78
C GLY E 208 35.53 19.66 9.23
N ARG E 209 34.61 20.40 9.84
CA ARG E 209 34.87 21.77 10.23
C ARG E 209 34.46 21.99 11.68
N ARG E 210 35.22 22.86 12.36
CA ARG E 210 34.89 23.25 13.75
C ARG E 210 34.48 24.72 13.71
N THR E 211 33.30 25.06 14.22
CA THR E 211 32.73 26.40 14.15
C THR E 211 32.67 27.02 15.55
N VAL E 212 33.23 28.21 15.68
CA VAL E 212 33.14 28.99 16.90
C VAL E 212 32.65 30.39 16.53
N ASN E 213 31.55 30.82 17.14
CA ASN E 213 30.96 32.11 16.85
C ASN E 213 31.52 33.16 17.81
N PRO E 214 32.15 34.22 17.32
CA PRO E 214 32.70 35.23 18.24
C PRO E 214 31.66 35.89 19.11
N GLN E 215 30.43 36.07 18.61
CA GLN E 215 29.39 36.72 19.40
C GLN E 215 29.00 35.87 20.61
N ASP E 216 28.91 34.56 20.44
CA ASP E 216 28.56 33.65 21.52
C ASP E 216 29.79 32.90 21.99
N PRO E 217 30.34 33.22 23.16
CA PRO E 217 31.58 32.58 23.61
C PRO E 217 31.40 31.21 24.24
N SER E 218 30.24 30.58 24.08
CA SER E 218 29.96 29.27 24.65
C SER E 218 29.34 28.34 23.61
N TYR E 219 29.81 28.44 22.37
CA TYR E 219 29.28 27.64 21.27
C TYR E 219 30.44 26.99 20.53
N VAL E 220 30.58 25.68 20.69
CA VAL E 220 31.61 24.90 20.00
C VAL E 220 30.98 23.61 19.50
N ASP E 221 31.29 23.25 18.25
CA ASP E 221 30.79 22.01 17.66
C ASP E 221 31.64 21.67 16.44
N VAL E 222 31.47 20.44 15.96
CA VAL E 222 32.12 19.98 14.74
C VAL E 222 31.03 19.52 13.77
N THR E 223 31.33 19.61 12.48
CA THR E 223 30.37 19.27 11.45
C THR E 223 31.07 18.52 10.32
N TYR E 224 30.43 17.44 9.87
CA TYR E 224 30.97 16.59 8.80
C TYR E 224 30.03 16.69 7.60
N ASP E 225 30.41 17.49 6.62
CA ASP E 225 29.56 17.75 5.46
C ASP E 225 29.66 16.59 4.48
N PHE E 226 28.70 15.67 4.55
CA PHE E 226 28.62 14.60 3.56
C PHE E 226 28.33 15.18 2.19
N ILE E 227 29.03 14.67 1.18
CA ILE E 227 28.81 15.05 -0.22
C ILE E 227 28.67 13.78 -1.03
N ILE E 228 27.52 13.62 -1.69
CA ILE E 228 27.18 12.41 -2.41
C ILE E 228 26.69 12.79 -3.80
N LYS E 229 27.17 12.06 -4.81
CA LYS E 229 26.73 12.23 -6.19
C LYS E 229 26.01 10.97 -6.64
N ARG E 230 24.84 11.16 -7.25
CA ARG E 230 24.02 10.03 -7.68
C ARG E 230 24.61 9.36 -8.91
N LYS E 231 24.29 8.08 -9.08
CA LYS E 231 24.70 7.32 -10.25
C LYS E 231 23.48 7.08 -11.13
N PRO E 232 23.32 7.79 -12.24
CA PRO E 232 22.10 7.66 -13.07
C PRO E 232 22.10 6.42 -13.97
N LEU E 233 21.75 5.29 -13.38
CA LEU E 233 21.58 4.03 -14.11
C LEU E 233 20.15 3.52 -14.06
N PHE E 234 19.58 3.38 -12.86
CA PHE E 234 18.19 2.96 -12.74
C PHE E 234 17.25 3.99 -13.33
N TYR E 235 17.48 5.27 -13.05
CA TYR E 235 16.58 6.34 -13.43
C TYR E 235 16.99 7.04 -14.73
N THR E 236 17.66 6.31 -15.63
CA THR E 236 17.99 6.84 -16.93
C THR E 236 17.58 5.93 -18.08
N ILE E 237 17.20 4.68 -17.81
CA ILE E 237 16.77 3.76 -18.85
C ILE E 237 15.31 3.38 -18.59
N ASN E 238 14.91 3.37 -17.33
CA ASN E 238 13.55 3.00 -16.94
C ASN E 238 12.65 4.19 -16.69
N LEU E 239 13.15 5.40 -16.83
CA LEU E 239 12.32 6.57 -16.53
C LEU E 239 12.31 7.61 -17.63
N ILE E 240 13.44 7.84 -18.32
CA ILE E 240 13.54 8.94 -19.26
C ILE E 240 13.24 8.48 -20.68
N ILE E 241 13.79 7.33 -21.09
CA ILE E 241 13.55 6.82 -22.43
C ILE E 241 12.07 6.55 -22.69
N PRO E 242 11.31 5.90 -21.79
CA PRO E 242 9.87 5.80 -22.03
C PRO E 242 9.18 7.15 -22.15
N CYS E 243 9.63 8.14 -21.37
CA CYS E 243 9.01 9.46 -21.44
C CYS E 243 9.22 10.10 -22.81
N VAL E 244 10.46 10.08 -23.31
CA VAL E 244 10.69 10.67 -24.62
C VAL E 244 10.03 9.85 -25.72
N LEU E 245 9.92 8.54 -25.53
CA LEU E 245 9.21 7.70 -26.49
C LEU E 245 7.74 8.11 -26.57
N THR E 246 7.09 8.33 -25.42
CA THR E 246 5.70 8.76 -25.43
C THR E 246 5.55 10.15 -26.03
N THR E 247 6.48 11.06 -25.73
CA THR E 247 6.40 12.40 -26.29
C THR E 247 6.55 12.37 -27.81
N LEU E 248 7.39 11.48 -28.33
CA LEU E 248 7.52 11.34 -29.77
C LEU E 248 6.33 10.62 -30.37
N LEU E 249 5.66 9.76 -29.60
CA LEU E 249 4.43 9.12 -30.06
C LEU E 249 3.26 10.09 -30.09
N ALA E 250 3.31 11.17 -29.31
CA ALA E 250 2.20 12.10 -29.22
C ALA E 250 1.93 12.86 -30.52
N ILE E 251 2.84 12.81 -31.50
CA ILE E 251 2.67 13.58 -32.73
C ILE E 251 1.97 12.77 -33.82
N LEU E 252 1.86 11.46 -33.66
CA LEU E 252 1.37 10.59 -34.73
C LEU E 252 -0.07 10.86 -35.11
N VAL E 253 -0.87 11.46 -34.22
CA VAL E 253 -2.30 11.63 -34.48
C VAL E 253 -2.52 12.50 -35.72
N PHE E 254 -1.66 13.49 -35.93
CA PHE E 254 -1.79 14.39 -37.06
C PHE E 254 -1.54 13.72 -38.41
N TYR E 255 -1.25 12.42 -38.43
CA TYR E 255 -0.99 11.71 -39.68
C TYR E 255 -2.04 10.66 -40.02
N LEU E 256 -2.96 10.37 -39.10
CA LEU E 256 -4.00 9.39 -39.38
C LEU E 256 -5.05 9.98 -40.31
N PRO E 257 -5.66 9.14 -41.16
CA PRO E 257 -6.78 9.62 -41.97
C PRO E 257 -8.03 9.79 -41.11
N SER E 258 -8.94 10.64 -41.59
CA SER E 258 -10.17 10.92 -40.86
C SER E 258 -11.25 9.88 -41.11
N ASP E 259 -11.05 8.96 -42.05
CA ASP E 259 -12.03 7.92 -42.34
C ASP E 259 -11.74 6.61 -41.61
N CYS E 260 -10.55 6.47 -41.01
CA CYS E 260 -10.21 5.22 -40.34
C CYS E 260 -11.11 4.98 -39.13
N GLY E 261 -11.41 6.02 -38.37
CA GLY E 261 -12.24 5.89 -37.19
C GLY E 261 -11.50 5.56 -35.91
N GLU E 262 -10.18 5.73 -35.89
CA GLU E 262 -9.37 5.46 -34.71
C GLU E 262 -8.52 6.68 -34.36
N LYS E 263 -9.12 7.87 -34.47
CA LYS E 263 -8.41 9.11 -34.20
C LYS E 263 -8.55 9.58 -32.76
N MET E 264 -9.63 9.20 -32.08
CA MET E 264 -9.89 9.62 -30.72
C MET E 264 -9.43 8.63 -29.67
N THR E 265 -8.78 7.54 -30.08
CA THR E 265 -8.22 6.59 -29.13
C THR E 265 -6.77 6.89 -28.80
N LEU E 266 -5.97 7.19 -29.83
CA LEU E 266 -4.54 7.40 -29.65
C LEU E 266 -4.27 8.60 -28.74
N CYS E 267 -4.97 9.71 -28.99
CA CYS E 267 -4.74 10.93 -28.22
C CYS E 267 -5.08 10.72 -26.74
N ILE E 268 -6.22 10.08 -26.47
CA ILE E 268 -6.65 9.86 -25.10
C ILE E 268 -5.69 8.91 -24.39
N SER E 269 -5.26 7.85 -25.08
CA SER E 269 -4.31 6.92 -24.49
C SER E 269 -2.99 7.61 -24.16
N VAL E 270 -2.51 8.47 -25.06
CA VAL E 270 -1.27 9.20 -24.83
C VAL E 270 -1.41 10.11 -23.62
N LEU E 271 -2.54 10.82 -23.53
CA LEU E 271 -2.77 11.71 -22.40
C LEU E 271 -2.78 10.96 -21.08
N LEU E 272 -3.41 9.79 -21.08
CA LEU E 272 -3.54 9.01 -19.81
C LEU E 272 -2.19 8.41 -19.44
N ALA E 273 -1.38 8.05 -20.42
CA ALA E 273 -0.02 7.57 -20.14
C ALA E 273 0.84 8.69 -19.54
N LEU E 274 0.75 9.89 -20.10
CA LEU E 274 1.52 11.01 -19.58
C LEU E 274 1.08 11.37 -18.16
N THR E 275 -0.23 11.33 -17.90
CA THR E 275 -0.73 11.60 -16.56
C THR E 275 -0.21 10.58 -15.55
N PHE E 276 -0.21 9.30 -15.95
CA PHE E 276 0.33 8.26 -15.08
C PHE E 276 1.82 8.49 -14.80
N PHE E 277 2.57 8.87 -15.82
CA PHE E 277 3.99 9.16 -15.64
C PHE E 277 4.20 10.31 -14.65
N LEU E 278 3.40 11.37 -14.79
CA LEU E 278 3.51 12.51 -13.88
C LEU E 278 3.19 12.10 -12.45
N LEU E 279 2.14 11.28 -12.27
CA LEU E 279 1.79 10.83 -10.92
C LEU E 279 2.90 9.99 -10.31
N LEU E 280 3.49 9.08 -11.10
CA LEU E 280 4.58 8.26 -10.58
C LEU E 280 5.78 9.12 -10.21
N ILE E 281 6.10 10.11 -11.03
CA ILE E 281 7.23 10.99 -10.73
C ILE E 281 6.96 11.76 -9.44
N SER E 282 5.76 12.33 -9.30
CA SER E 282 5.42 13.04 -8.07
C SER E 282 5.39 12.12 -6.86
N LYS E 283 5.16 10.83 -7.04
CA LYS E 283 5.30 9.87 -5.94
C LYS E 283 6.75 9.62 -5.59
N ILE E 284 7.63 9.52 -6.59
CA ILE E 284 9.05 9.27 -6.32
C ILE E 284 9.68 10.48 -5.64
N VAL E 285 9.47 11.67 -6.21
CA VAL E 285 10.06 12.91 -5.71
C VAL E 285 8.93 13.86 -5.34
N PRO E 286 8.93 14.43 -4.15
CA PRO E 286 7.86 15.36 -3.72
C PRO E 286 8.14 16.79 -4.14
N PRO E 287 7.70 17.22 -5.33
CA PRO E 287 7.98 18.60 -5.74
C PRO E 287 7.30 19.61 -4.84
N THR E 288 8.08 20.39 -4.08
CA THR E 288 7.55 21.38 -3.15
C THR E 288 7.63 22.77 -3.78
N SER E 289 7.23 23.77 -2.99
CA SER E 289 7.27 25.17 -3.44
C SER E 289 8.63 25.80 -3.17
N LEU E 290 9.69 25.12 -3.59
CA LEU E 290 11.04 25.69 -3.54
C LEU E 290 11.77 25.40 -4.85
N ASP E 291 11.41 24.29 -5.49
CA ASP E 291 12.06 23.85 -6.71
C ASP E 291 11.23 22.74 -7.34
N VAL E 292 11.06 22.80 -8.64
CA VAL E 292 10.35 21.78 -9.41
C VAL E 292 11.38 21.05 -10.27
N PRO E 293 11.38 19.71 -10.27
CA PRO E 293 12.35 18.99 -11.10
C PRO E 293 12.16 19.30 -12.58
N LEU E 294 13.27 19.34 -13.32
CA LEU E 294 13.20 19.64 -14.75
C LEU E 294 12.45 18.56 -15.52
N ILE E 295 12.31 17.36 -14.95
CA ILE E 295 11.47 16.34 -15.56
C ILE E 295 10.00 16.53 -15.18
N GLY E 296 9.72 17.26 -14.11
CA GLY E 296 8.35 17.52 -13.72
C GLY E 296 7.75 18.71 -14.44
N LYS E 297 8.60 19.50 -15.11
CA LYS E 297 8.13 20.63 -15.89
C LYS E 297 7.89 20.27 -17.34
N TYR E 298 8.58 19.24 -17.85
CA TYR E 298 8.41 18.84 -19.24
C TYR E 298 7.08 18.11 -19.45
N LEU E 299 6.65 17.33 -18.46
CA LEU E 299 5.40 16.60 -18.60
C LEU E 299 4.20 17.53 -18.63
N MET E 300 4.25 18.66 -17.91
CA MET E 300 3.18 19.65 -18.01
C MET E 300 3.05 20.17 -19.43
N PHE E 301 4.19 20.50 -20.05
CA PHE E 301 4.21 20.96 -21.43
C PHE E 301 3.63 19.92 -22.37
N THR E 302 4.06 18.66 -22.20
CA THR E 302 3.57 17.60 -23.07
C THR E 302 2.06 17.40 -22.92
N MET E 303 1.55 17.45 -21.68
CA MET E 303 0.12 17.25 -21.45
C MET E 303 -0.69 18.40 -22.04
N VAL E 304 -0.20 19.64 -21.89
CA VAL E 304 -0.90 20.79 -22.49
C VAL E 304 -0.95 20.64 -24.01
N LEU E 305 0.18 20.27 -24.62
CA LEU E 305 0.19 20.11 -26.07
C LEU E 305 -0.72 18.97 -26.52
N VAL E 306 -0.80 17.90 -25.73
CA VAL E 306 -1.69 16.80 -26.08
C VAL E 306 -3.14 17.21 -25.98
N THR E 307 -3.49 18.02 -24.97
CA THR E 307 -4.86 18.52 -24.87
C THR E 307 -5.22 19.40 -26.07
N PHE E 308 -4.30 20.27 -26.47
CA PHE E 308 -4.54 21.09 -27.66
C PHE E 308 -4.67 20.21 -28.90
N SER E 309 -3.90 19.13 -28.96
CA SER E 309 -4.02 18.17 -30.07
C SER E 309 -5.41 17.54 -30.09
N ILE E 310 -5.93 17.19 -28.91
CA ILE E 310 -7.28 16.63 -28.85
C ILE E 310 -8.31 17.62 -29.37
N VAL E 311 -8.18 18.88 -28.96
CA VAL E 311 -9.14 19.90 -29.40
C VAL E 311 -9.09 20.08 -30.91
N THR E 312 -7.89 20.18 -31.47
CA THR E 312 -7.78 20.39 -32.92
C THR E 312 -8.18 19.14 -33.69
N SER E 313 -8.01 17.95 -33.10
CA SER E 313 -8.48 16.74 -33.75
C SER E 313 -10.01 16.70 -33.80
N VAL E 314 -10.66 17.14 -32.72
CA VAL E 314 -12.12 17.26 -32.75
C VAL E 314 -12.54 18.25 -33.84
N CYS E 315 -11.84 19.37 -33.94
CA CYS E 315 -12.18 20.37 -34.96
C CYS E 315 -12.03 19.80 -36.37
N VAL E 316 -10.92 19.10 -36.64
CA VAL E 316 -10.71 18.53 -37.98
C VAL E 316 -11.71 17.42 -38.28
N LEU E 317 -12.09 16.61 -37.28
CA LEU E 317 -13.12 15.60 -37.51
C LEU E 317 -14.46 16.25 -37.83
N ASN E 318 -14.80 17.35 -37.16
CA ASN E 318 -16.04 18.05 -37.49
C ASN E 318 -15.99 18.64 -38.89
N VAL E 319 -14.82 19.16 -39.29
CA VAL E 319 -14.70 19.76 -40.62
C VAL E 319 -14.82 18.69 -41.70
N HIS E 320 -14.27 17.50 -41.45
CA HIS E 320 -14.27 16.46 -42.48
C HIS E 320 -15.68 16.04 -42.88
N HIS E 321 -16.57 15.86 -41.91
CA HIS E 321 -17.93 15.40 -42.17
C HIS E 321 -18.82 16.63 -42.36
N ARG E 322 -18.91 17.11 -43.61
CA ARG E 322 -19.70 18.30 -43.90
C ARG E 322 -20.27 18.14 -45.31
N SER E 323 -21.52 17.68 -45.40
CA SER E 323 -22.23 17.54 -46.65
C SER E 323 -22.73 18.90 -47.15
N PRO E 324 -22.88 19.07 -48.46
CA PRO E 324 -23.42 20.34 -48.98
C PRO E 324 -24.89 20.57 -48.64
N SER E 325 -25.59 19.58 -48.09
CA SER E 325 -26.99 19.72 -47.73
C SER E 325 -27.19 20.22 -46.31
N THR E 326 -26.11 20.46 -45.56
CA THR E 326 -26.23 20.94 -44.20
C THR E 326 -25.40 22.20 -43.99
N HIS E 327 -24.30 22.33 -44.74
CA HIS E 327 -23.40 23.46 -44.60
C HIS E 327 -23.16 24.11 -45.96
N THR E 328 -22.75 25.37 -45.93
CA THR E 328 -22.47 26.15 -47.13
C THR E 328 -21.02 26.64 -47.06
N MET E 329 -20.29 26.48 -48.16
CA MET E 329 -18.89 26.85 -48.23
C MET E 329 -18.76 28.31 -48.69
N ALA E 330 -18.25 29.16 -47.81
CA ALA E 330 -18.05 30.56 -48.15
C ALA E 330 -16.86 30.72 -49.10
N PRO E 331 -16.91 31.71 -49.99
CA PRO E 331 -15.80 31.90 -50.94
C PRO E 331 -14.45 32.13 -50.28
N TRP E 332 -14.42 32.79 -49.11
CA TRP E 332 -13.15 33.03 -48.44
C TRP E 332 -12.51 31.71 -47.99
N VAL E 333 -13.33 30.75 -47.58
CA VAL E 333 -12.80 29.43 -47.24
C VAL E 333 -12.10 28.80 -48.43
N LYS E 334 -12.74 28.88 -49.61
CA LYS E 334 -12.10 28.38 -50.82
C LYS E 334 -10.80 29.10 -51.09
N ARG E 335 -10.84 30.43 -51.14
CA ARG E 335 -9.67 31.21 -51.52
C ARG E 335 -8.53 31.11 -50.51
N CYS E 336 -8.81 30.67 -49.29
CA CYS E 336 -7.77 30.54 -48.29
C CYS E 336 -7.29 29.11 -48.07
N PHE E 337 -8.09 28.10 -48.40
CA PHE E 337 -7.71 26.72 -48.14
C PHE E 337 -7.66 25.85 -49.39
N LEU E 338 -7.77 26.43 -50.58
CA LEU E 338 -7.61 25.66 -51.81
C LEU E 338 -6.76 26.36 -52.85
N HIS E 339 -6.26 27.57 -52.58
CA HIS E 339 -5.48 28.31 -53.57
C HIS E 339 -4.20 28.87 -52.97
N LYS E 340 -4.19 29.10 -51.66
CA LYS E 340 -3.09 29.81 -51.01
C LYS E 340 -2.29 28.92 -50.07
N LEU E 341 -2.95 28.29 -49.09
CA LEU E 341 -2.22 27.53 -48.08
C LEU E 341 -1.46 26.33 -48.64
N PRO E 342 -2.00 25.50 -49.55
CA PRO E 342 -1.24 24.29 -49.96
C PRO E 342 0.09 24.58 -50.61
N THR E 343 0.33 25.80 -51.10
CA THR E 343 1.61 26.11 -51.72
C THR E 343 2.75 26.06 -50.71
N PHE E 344 2.59 26.74 -49.58
CA PHE E 344 3.65 26.79 -48.58
C PHE E 344 3.86 25.44 -47.91
N LEU E 345 2.80 24.70 -47.67
CA LEU E 345 2.88 23.40 -47.03
C LEU E 345 3.43 22.32 -47.95
N PHE E 346 3.86 22.68 -49.17
CA PHE E 346 4.46 21.75 -50.13
C PHE E 346 3.50 20.64 -50.52
N MET E 347 2.20 20.93 -50.53
CA MET E 347 1.18 20.00 -50.97
C MET E 347 0.85 20.22 -52.43
N LYS E 348 0.11 19.27 -53.01
CA LYS E 348 -0.32 19.34 -54.39
C LYS E 348 -1.80 19.06 -54.49
N ARG E 349 -2.44 19.73 -55.45
CA ARG E 349 -3.90 19.48 -55.70
C ARG E 349 -4.01 18.71 -57.02
N PRO E 350 -4.34 17.40 -56.99
CA PRO E 350 -4.42 16.55 -58.18
C PRO E 350 -5.48 17.01 -59.17
N PRO E 519 -45.12 10.46 -80.71
CA PRO E 519 -45.30 9.12 -80.12
C PRO E 519 -44.58 8.99 -78.78
N ASP E 520 -44.17 7.76 -78.44
CA ASP E 520 -43.50 7.50 -77.17
C ASP E 520 -42.07 8.04 -77.15
N LEU E 521 -41.54 8.50 -78.27
CA LEU E 521 -40.16 8.96 -78.32
C LEU E 521 -39.95 10.16 -77.42
N ALA E 522 -40.93 11.08 -77.39
CA ALA E 522 -40.81 12.24 -76.51
C ALA E 522 -40.77 11.83 -75.04
N GLU E 523 -41.61 10.87 -74.66
CA GLU E 523 -41.61 10.40 -73.27
C GLU E 523 -40.29 9.71 -72.92
N ILE E 524 -39.76 8.90 -73.83
CA ILE E 524 -38.47 8.26 -73.59
C ILE E 524 -37.39 9.32 -73.41
N LEU E 525 -37.40 10.34 -74.28
CA LEU E 525 -36.43 11.43 -74.15
C LEU E 525 -36.57 12.13 -72.79
N GLU E 526 -37.81 12.35 -72.35
CA GLU E 526 -38.04 13.01 -71.07
C GLU E 526 -37.46 12.20 -69.92
N GLU E 527 -37.71 10.88 -69.93
CA GLU E 527 -37.22 10.05 -68.84
C GLU E 527 -35.69 10.00 -68.82
N VAL E 528 -35.07 9.84 -69.99
CA VAL E 528 -33.62 9.79 -70.03
C VAL E 528 -33.01 11.13 -69.63
N SER E 529 -33.66 12.23 -70.01
CA SER E 529 -33.18 13.55 -69.59
C SER E 529 -33.26 13.71 -68.08
N TYR E 530 -34.35 13.23 -67.47
CA TYR E 530 -34.45 13.29 -66.01
C TYR E 530 -33.34 12.49 -65.35
N ILE E 531 -33.05 11.30 -65.89
CA ILE E 531 -31.97 10.48 -65.32
C ILE E 531 -30.63 11.20 -65.43
N ALA E 532 -30.36 11.79 -66.60
CA ALA E 532 -29.10 12.50 -66.80
C ALA E 532 -28.96 13.69 -65.85
N ASN E 533 -30.05 14.45 -65.65
CA ASN E 533 -29.99 15.59 -64.75
C ASN E 533 -29.76 15.14 -63.30
N ARG E 534 -30.40 14.05 -62.90
CA ARG E 534 -30.17 13.51 -61.57
C ARG E 534 -28.70 13.12 -61.39
N PHE E 535 -28.12 12.47 -62.40
CA PHE E 535 -26.71 12.09 -62.32
C PHE E 535 -25.81 13.31 -62.22
N ARG E 536 -26.12 14.35 -62.98
CA ARG E 536 -25.32 15.57 -62.93
C ARG E 536 -25.38 16.21 -61.54
N ASN E 537 -26.57 16.26 -60.94
CA ASN E 537 -26.69 16.82 -59.60
C ASN E 537 -25.88 16.00 -58.59
N GLN E 538 -25.95 14.67 -58.71
CA GLN E 538 -25.16 13.82 -57.82
C GLN E 538 -23.67 14.09 -57.97
N ASP E 539 -23.22 14.26 -59.21
CA ASP E 539 -21.80 14.55 -59.44
C ASP E 539 -21.39 15.87 -58.80
N GLU E 540 -22.23 16.91 -58.91
CA GLU E 540 -21.90 18.18 -58.28
C GLU E 540 -21.82 18.05 -56.77
N ASP E 541 -22.77 17.34 -56.16
CA ASP E 541 -22.73 17.15 -54.71
C ASP E 541 -21.47 16.39 -54.28
N GLN E 542 -21.10 15.36 -55.03
CA GLN E 542 -19.90 14.61 -54.71
C GLN E 542 -18.66 15.48 -54.82
N SER E 543 -18.61 16.35 -55.82
CA SER E 543 -17.48 17.27 -55.96
C SER E 543 -17.37 18.19 -54.75
N VAL E 544 -18.50 18.72 -54.27
CA VAL E 544 -18.47 19.59 -53.10
C VAL E 544 -17.99 18.80 -51.88
N VAL E 545 -18.42 17.54 -51.75
CA VAL E 545 -17.98 16.72 -50.63
C VAL E 545 -16.47 16.51 -50.68
N GLU E 546 -15.92 16.25 -51.87
CA GLU E 546 -14.48 16.07 -52.01
C GLU E 546 -13.74 17.35 -51.65
N ASP E 547 -14.30 18.51 -52.02
CA ASP E 547 -13.69 19.78 -51.64
C ASP E 547 -13.62 19.93 -50.13
N TRP E 548 -14.71 19.60 -49.44
CA TRP E 548 -14.70 19.69 -47.97
C TRP E 548 -13.66 18.75 -47.37
N LYS E 549 -13.57 17.53 -47.90
CA LYS E 549 -12.58 16.58 -47.39
C LYS E 549 -11.17 17.09 -47.59
N TYR E 550 -10.87 17.68 -48.75
CA TYR E 550 -9.53 18.20 -48.99
C TYR E 550 -9.23 19.39 -48.09
N VAL E 551 -10.24 20.22 -47.81
CA VAL E 551 -10.04 21.33 -46.87
C VAL E 551 -9.67 20.80 -45.49
N ALA E 552 -10.39 19.77 -45.04
CA ALA E 552 -10.06 19.17 -43.74
C ALA E 552 -8.65 18.59 -43.74
N MET E 553 -8.23 17.96 -44.84
CA MET E 553 -6.86 17.38 -44.94
C MET E 553 -5.84 18.50 -44.85
N VAL E 554 -6.09 19.60 -45.55
CA VAL E 554 -5.15 20.71 -45.53
C VAL E 554 -5.03 21.29 -44.13
N VAL E 555 -6.17 21.45 -43.44
CA VAL E 555 -6.13 21.94 -42.07
C VAL E 555 -5.34 21.00 -41.18
N ASP E 556 -5.47 19.68 -41.41
CA ASP E 556 -4.74 18.70 -40.61
C ASP E 556 -3.23 18.86 -40.76
N ARG E 557 -2.76 19.10 -41.99
CA ARG E 557 -1.32 19.17 -42.24
C ARG E 557 -0.69 20.40 -41.59
N LEU E 558 -1.42 21.52 -41.54
CA LEU E 558 -0.83 22.76 -41.03
C LEU E 558 -0.40 22.63 -39.57
N PHE E 559 -1.23 21.99 -38.75
CA PHE E 559 -0.91 21.86 -37.33
C PHE E 559 0.19 20.86 -37.05
N LEU E 560 0.60 20.07 -38.05
CA LEU E 560 1.76 19.20 -37.87
C LEU E 560 3.03 20.01 -37.69
N TRP E 561 3.18 21.10 -38.43
CA TRP E 561 4.37 21.95 -38.31
C TRP E 561 4.31 22.82 -37.07
N VAL E 562 3.13 23.33 -36.73
CA VAL E 562 3.00 24.22 -35.57
C VAL E 562 3.37 23.48 -34.30
N PHE E 563 2.90 22.24 -34.15
CA PHE E 563 3.22 21.46 -32.96
C PHE E 563 4.68 21.01 -32.96
N MET E 564 5.28 20.87 -34.14
CA MET E 564 6.69 20.46 -34.21
C MET E 564 7.63 21.62 -33.88
N PHE E 565 7.27 22.84 -34.28
CA PHE E 565 8.10 23.99 -33.96
C PHE E 565 7.95 24.43 -32.51
N VAL E 566 6.72 24.37 -31.99
CA VAL E 566 6.52 24.77 -30.59
C VAL E 566 7.17 23.75 -29.66
N CYS E 567 7.28 22.49 -30.07
CA CYS E 567 8.00 21.51 -29.27
C CYS E 567 9.49 21.86 -29.18
N VAL E 568 10.07 22.31 -30.29
CA VAL E 568 11.48 22.70 -30.28
C VAL E 568 11.69 23.97 -29.46
N LEU E 569 10.81 24.97 -29.65
CA LEU E 569 10.94 26.21 -28.91
C LEU E 569 10.77 26.00 -27.42
N GLY E 570 9.82 25.16 -27.02
CA GLY E 570 9.59 24.91 -25.61
C GLY E 570 10.73 24.16 -24.94
N THR E 571 11.33 23.20 -25.66
CA THR E 571 12.37 22.37 -25.06
C THR E 571 13.75 23.03 -25.15
N VAL E 572 13.81 24.29 -24.72
CA VAL E 572 15.09 24.96 -24.49
C VAL E 572 15.16 25.63 -23.13
N GLY E 573 14.04 25.89 -22.46
CA GLY E 573 14.04 26.42 -21.11
C GLY E 573 13.51 25.41 -20.12
N LEU E 574 12.59 24.55 -20.57
CA LEU E 574 12.06 23.50 -19.73
C LEU E 574 12.95 22.27 -19.69
N PHE E 575 14.04 22.28 -20.46
CA PHE E 575 15.00 21.15 -20.45
C PHE E 575 16.43 21.66 -20.63
N LEU E 576 16.63 22.96 -20.80
CA LEU E 576 17.98 23.53 -20.88
C LEU E 576 18.00 24.93 -20.28
#